data_7NWL
#
_entry.id   7NWL
#
_cell.length_a   1.00
_cell.length_b   1.00
_cell.length_c   1.00
_cell.angle_alpha   90.00
_cell.angle_beta   90.00
_cell.angle_gamma   90.00
#
_symmetry.space_group_name_H-M   'P 1'
#
loop_
_entity.id
_entity.type
_entity.pdbx_description
1 polymer 'Integrin alpha-5'
2 polymer 'Integrin beta-1'
3 polymer 'Isoform 1 of Fibronectin'
4 polymer 'TS2/16 VH(S112C)-SARAH Chimera'
5 polymer 'TS2/16 VL-SARAH(S37C) Chimera'
6 branched beta-D-mannopyranose-(1-4)-2-acetamido-2-deoxy-beta-D-glucopyranose-(1-4)-2-acetamido-2-deoxy-beta-D-glucopyranose
7 branched 2-acetamido-2-deoxy-beta-D-glucopyranose-(1-4)-2-acetamido-2-deoxy-beta-D-glucopyranose
8 branched alpha-D-mannopyranose-(1-3)-[alpha-D-mannopyranose-(1-6)]beta-D-mannopyranose-(1-4)-2-acetamido-2-deoxy-beta-D-glucopyranose-(1-4)-2-acetamido-2-deoxy-beta-D-glucopyranose
9 branched 2-acetamido-2-deoxy-beta-D-glucopyranose-(1-2)-alpha-D-mannopyranose-(1-6)-[alpha-D-mannopyranose-(1-3)]beta-D-mannopyranose-(1-4)-2-acetamido-2-deoxy-beta-D-glucopyranose-(1-4)-2-acetamido-2-deoxy-beta-D-glucopyranose
10 branched alpha-D-mannopyranose-(1-6)-beta-D-mannopyranose-(1-4)-2-acetamido-2-deoxy-beta-D-glucopyranose-(1-4)-2-acetamido-2-deoxy-beta-D-glucopyranose
11 non-polymer 'MANGANESE (II) ION'
#
loop_
_entity_poly.entity_id
_entity_poly.type
_entity_poly.pdbx_seq_one_letter_code
_entity_poly.pdbx_strand_id
1 'polypeptide(L)'
;FNLDAEAPAVLSGPPGSFFGFSVEFYRPGTDGVSVLVGAPKANTSQPGVLQGGAVYLCPWGASPTQCTPIEFDSKGSRLL
ESSLSSSEGEEPVEYKSLQWFGATVRAHGSSILACAPLYSWRTEKEPLSDPVGTCYLSTDNFTRILEYAPCRSDFSWAAG
QGYCQGGFSAEFTKTGRVVLGGPGSYFWQGQILSATQEQIAESYYPEYLINLVQGQLQTRQASSIYDDSYLGYSVAVGEF
SGDDTEDFVAGVPKGNLTYGYVTILNGSDIRSLYNFSGEQMASYFGYAVAATDVNGDGLDDLLVGAPLLMDRTPDGRPQE
VGRVYVYLQHPAGIEPTPTLTLTGHDEFGRFGSSLTPLGDLDQDGYNDVAIGAPFGGETQQGVVFVFPGGPGGLGSKPSQ
VLQPLWAASHTPDFFGSALRGGRDLDGNGYPDLIVGSFGVDKAVVYRGRPIVSASASLTIFPAMFNPEERSCSLEGNPVA
CINLSFCLNASGKHVADSIGFTVELQLDWQKQKGGVRRALFLASRQATLTQTLLIQNGAREDCREMKIYLRNESEFRDKL
SPIHIALNFSLDPQAPVDSHGLRPALHYQSKSRIEDKAQILLDCGEDNICVPDLQLEVFGEQNHVYLGDKNALNLTFHAQ
NVGEGGAYEAELRVTAPPEAEYSGLVRHPGNFSSLSCDYFAVNQSRLLVCDLGNPMKAGASLWGGLRFTVPHLRDTKKTI
QFDFQILSKNLNNSQSDVVSFRLSVEAQAQVTLNGVSKPEAVLFPVSDWHPRDQPQKEEDLGPAVHHVYELINQGPSSIS
QGVLELSCPQALEGQQLLYVTRVTGLNCTTNHPINPKGLELDPEGSLHHQQKREAPSRSSASSGPQILKCPEAECFRLRC
ELGPLHQQESQSLQLHFRVWAKTFLQREHQPFSLQCEAVYKALKMPYRILPRQLPQKERQVATAVQWTKAEGSYGVPLWI
IILAILFGLLLLGLLIYILYKLGFFKRSLPYGTAMEKAQLKPPATSDA
;
A
2 'polypeptide(L)'
;QTDENRCLKANAKSCGECIQAGPNCGWCTNSTFLQEGMPTSARCDDLEALKKKGCPPDDIENPRGSKDIKKNKNVTNRSK
GTAEKLKPEDIHQIQPQQLVLRLRSGEPQTFTLKFKRAEDYPIDLYYLMDLSYSMKDDLENVKSLGTDLMNEMRRITSDF
RIGFGSFVEKTVMPYISTTPAKLRNPCTSEQNCTTPFSYKNVLSLTNKGEVFNELVGKQRISGNLDSPEGGFDAIMQVAV
CGSLIGWRNVTRLLVFSTDAGFHFAGDGKLGGIVLPNDGQCHLENNMYTMSHYYDYPSIAHLVQKLSENNIQTIFAVTEE
FQPVYKELKNLIPKSAVGTLSANSSNVIQLIIDAYNSLSSEVILENGKLSEGVTISYKSYCKNGVNGTGENGRKCSNISI
GDEVQFEISITSNKCPKKDSDSFKIRPLGFTEEVEVILQYICECECQSEGIPESPKCHEGNGTFECGACRCNEGRVGRHC
ECSTDEVNSEDMDAYCRKENSSEICSNNGECVCGQCVCRKRDNTNEIYSGKFCECDNFNCDRSNGLICGGNGVCKCRVCE
CNPNYTGSACDCSLDTSTCEASNGQICNGRGICECGVCKCTDPKFQGQTCEMCQTCLGVCAEHKECVQCRAFNKGEKKDT
CTQECSYFNITKVESRDKLPQPVQPDPVSHCKEKDVDDCWFYFTYSVNGNNEVMVHVVENPECPTGPDIIPIVAGVVAGI
VLIGLALLLIWKLLMIIHDRREFAKFEKEKMNAKWDTGENPIYKSAVTTVVNPKYEGK
;
B
3 'polypeptide(L)'
;PLSPPTNLHLEANPDTGVLTVSWERSTTPDITGYRITTTPTNGQQGNSLEEVVHADQSSCTFDNLSPGLEYNVSVYTVKD
DKESVPISDTIIPAVPPPTDLRFTNIGPDTMRVTWAPPPSIDLTNFLVRYSPVKNEEDVAELSISPSDNAVVLTNLLPGT
EYVVSVSSVYEQHESTPLRGRQKTGLDSPTGIDFSDITANSFTVHWIAPRATITGYRIRHHPEHFSGRPREDRVPHSRNS
ITLTNLTPGTEYVVSIVALNGREESPLLIGQQSTVSDVPRDLEVVAATPTSLLISWDAPAVTVRYYRITYGETGGNSPVQ
EFTVPGSKSTATISGLKPGVDYTITVYAVTGRGDSPASSKPISINYRT
;
C
4 'polypeptide(L)'
;MDVKLVESGGGLVKPGGSLKLSCAASGFTFSSYTMSWVRQTPEKRLEWVATISSGGSYTYYPDSVKGRFTISRDKAKNTL
YLQMGSLKSEDTAMYYCTRIGYDEDYAMDHWGQGTSVTVCSGSDYEFLKSWTVEDLQKRLLALDPMMEQEIEEIRQKYQS
KRQPILDAIEAK
;
D
5 'polypeptide(L)'
;GSHMQIVVTQRPTTMAASPGDKIIITCSVSSIISSNYLHWYSQKPGFSPKLLIYRTSNLASGVPPRFSGSGSGTSYSLTI
GTMEAEDVATYYCQQGSDIPLTFGDGTKLDLKRGSDYEFLKSWTVEDLQKRLLALDPMMEQEIEEIRQKYQCKRQPILDA
IEAK
;
E
#
loop_
_chem_comp.id
_chem_comp.type
_chem_comp.name
_chem_comp.formula
BMA D-saccharide, beta linking beta-D-mannopyranose 'C6 H12 O6'
MAN D-saccharide, alpha linking alpha-D-mannopyranose 'C6 H12 O6'
MN non-polymer 'MANGANESE (II) ION' 'Mn 2'
NAG D-saccharide, beta linking 2-acetamido-2-deoxy-beta-D-glucopyranose 'C8 H15 N O6'
#
# COMPACT_ATOMS: atom_id res chain seq x y z
N PHE A 1 24.31 -15.32 -27.38
CA PHE A 1 23.97 -16.65 -27.96
C PHE A 1 24.91 -17.71 -27.37
N ASN A 2 25.97 -17.27 -26.72
CA ASN A 2 26.96 -18.20 -26.10
C ASN A 2 26.29 -18.99 -24.98
N LEU A 3 25.42 -18.33 -24.20
CA LEU A 3 24.70 -18.96 -23.05
C LEU A 3 24.09 -20.30 -23.49
N ASP A 4 24.34 -21.35 -22.70
CA ASP A 4 23.83 -22.73 -22.97
C ASP A 4 22.40 -22.87 -22.44
N ALA A 5 21.44 -22.26 -23.14
CA ALA A 5 20.00 -22.28 -22.77
C ALA A 5 19.47 -23.72 -22.81
N GLU A 6 19.96 -24.53 -23.74
CA GLU A 6 19.49 -25.93 -23.93
C GLU A 6 19.77 -26.76 -22.68
N ALA A 7 20.93 -26.58 -22.04
CA ALA A 7 21.26 -27.38 -20.84
C ALA A 7 21.69 -26.48 -19.67
N PRO A 8 20.77 -25.67 -19.10
CA PRO A 8 21.08 -24.78 -17.97
C PRO A 8 21.13 -25.55 -16.63
N ALA A 9 21.79 -24.96 -15.64
CA ALA A 9 21.90 -25.58 -14.29
C ALA A 9 20.81 -25.00 -13.39
N VAL A 10 20.01 -25.85 -12.75
CA VAL A 10 18.89 -25.41 -11.88
C VAL A 10 19.11 -25.91 -10.44
N LEU A 11 18.89 -25.02 -9.47
CA LEU A 11 19.04 -25.34 -8.02
C LEU A 11 17.68 -25.16 -7.34
N SER A 12 17.45 -25.82 -6.20
CA SER A 12 16.13 -25.73 -5.52
C SER A 12 16.30 -25.33 -4.04
N GLY A 13 15.24 -24.74 -3.48
CA GLY A 13 15.19 -24.27 -2.08
C GLY A 13 13.86 -24.61 -1.43
N PRO A 14 13.72 -24.57 -0.10
CA PRO A 14 12.46 -24.90 0.57
C PRO A 14 11.35 -23.95 0.10
N PRO A 15 10.11 -24.43 -0.14
CA PRO A 15 9.02 -23.59 -0.64
C PRO A 15 8.61 -22.50 0.36
N GLY A 16 8.37 -21.28 -0.14
CA GLY A 16 7.97 -20.12 0.68
C GLY A 16 9.16 -19.42 1.34
N SER A 17 10.38 -19.85 1.02
CA SER A 17 11.60 -19.27 1.62
C SER A 17 12.17 -18.14 0.75
N PHE A 18 11.54 -17.86 -0.39
CA PHE A 18 11.99 -16.79 -1.32
C PHE A 18 13.45 -17.00 -1.72
N PHE A 19 13.83 -18.27 -1.92
CA PHE A 19 15.20 -18.66 -2.35
C PHE A 19 15.51 -18.00 -3.71
N GLY A 20 16.70 -17.48 -3.94
CA GLY A 20 17.00 -16.83 -5.22
C GLY A 20 16.73 -15.34 -5.20
N PHE A 21 16.43 -14.77 -4.04
CA PHE A 21 16.20 -13.30 -3.97
C PHE A 21 17.50 -12.59 -4.36
N SER A 22 18.64 -13.09 -3.86
CA SER A 22 19.97 -12.50 -4.16
C SER A 22 20.96 -13.60 -4.61
N VAL A 23 21.71 -13.35 -5.68
CA VAL A 23 22.70 -14.35 -6.21
C VAL A 23 24.09 -13.70 -6.20
N GLU A 24 25.10 -14.38 -5.63
CA GLU A 24 26.48 -13.84 -5.56
C GLU A 24 27.50 -14.95 -5.84
N PHE A 25 28.66 -14.58 -6.43
CA PHE A 25 29.76 -15.53 -6.73
C PHE A 25 30.80 -15.46 -5.60
N TYR A 26 31.16 -16.62 -5.04
CA TYR A 26 32.16 -16.67 -3.94
C TYR A 26 33.37 -17.51 -4.38
N ARG A 27 34.55 -16.88 -4.42
CA ARG A 27 35.79 -17.58 -4.84
C ARG A 27 36.90 -17.35 -3.80
N PRO A 28 36.77 -17.87 -2.56
CA PRO A 28 37.80 -17.70 -1.55
C PRO A 28 39.12 -18.29 -2.08
N GLY A 29 39.03 -19.50 -2.63
CA GLY A 29 40.17 -20.20 -3.24
C GLY A 29 39.88 -20.54 -4.70
N THR A 30 40.79 -21.25 -5.36
CA THR A 30 40.57 -21.62 -6.79
C THR A 30 39.55 -22.76 -6.87
N ASP A 31 39.70 -23.77 -6.01
CA ASP A 31 38.78 -24.94 -5.99
C ASP A 31 37.58 -24.67 -5.07
N GLY A 32 37.58 -23.52 -4.38
CA GLY A 32 36.49 -23.18 -3.45
C GLY A 32 35.40 -22.35 -4.11
N VAL A 33 35.53 -22.08 -5.41
CA VAL A 33 34.52 -21.29 -6.18
C VAL A 33 33.13 -21.94 -6.02
N SER A 34 32.13 -21.13 -5.68
CA SER A 34 30.73 -21.62 -5.51
C SER A 34 29.75 -20.48 -5.77
N VAL A 35 28.45 -20.76 -5.70
CA VAL A 35 27.40 -19.72 -5.94
C VAL A 35 26.66 -19.47 -4.62
N LEU A 36 26.66 -18.21 -4.15
CA LEU A 36 25.98 -17.86 -2.88
C LEU A 36 24.55 -17.37 -3.20
N VAL A 37 23.54 -18.06 -2.67
CA VAL A 37 22.12 -17.68 -2.88
C VAL A 37 21.45 -17.46 -1.52
N GLY A 38 20.80 -16.32 -1.32
CA GLY A 38 20.16 -16.04 -0.03
C GLY A 38 18.65 -16.21 -0.11
N ALA A 39 18.06 -16.77 0.95
CA ALA A 39 16.59 -16.96 1.10
C ALA A 39 16.13 -16.24 2.37
N PRO A 40 15.30 -15.18 2.27
CA PRO A 40 14.87 -14.39 3.45
C PRO A 40 13.75 -14.93 4.35
N LYS A 41 12.81 -15.71 3.81
CA LYS A 41 11.69 -16.24 4.65
C LYS A 41 12.03 -17.64 5.18
N ALA A 42 13.19 -18.17 4.80
CA ALA A 42 13.64 -19.53 5.21
C ALA A 42 13.72 -19.64 6.73
N ASN A 43 13.26 -20.78 7.27
CA ASN A 43 13.27 -21.07 8.73
C ASN A 43 14.71 -21.35 9.20
N THR A 44 14.99 -21.15 10.49
CA THR A 44 16.37 -21.37 11.01
C THR A 44 16.33 -22.17 12.32
N SER A 45 17.43 -22.85 12.64
CA SER A 45 17.57 -23.68 13.87
C SER A 45 17.50 -22.78 15.11
N GLN A 46 18.16 -21.62 15.06
CA GLN A 46 18.21 -20.65 16.20
C GLN A 46 16.81 -20.43 16.78
N PRO A 47 16.60 -20.64 18.09
CA PRO A 47 15.28 -20.49 18.71
C PRO A 47 14.85 -19.01 18.81
N GLY A 48 13.53 -18.78 18.86
CA GLY A 48 12.96 -17.41 18.96
C GLY A 48 13.03 -16.65 17.65
N VAL A 49 13.52 -17.28 16.58
CA VAL A 49 13.58 -16.57 15.26
C VAL A 49 12.72 -17.36 14.26
N LEU A 50 11.65 -16.71 13.78
CA LEU A 50 10.71 -17.32 12.80
C LEU A 50 10.91 -16.62 11.44
N GLN A 51 11.15 -17.40 10.39
CA GLN A 51 11.37 -16.86 9.02
C GLN A 51 12.49 -15.83 9.04
N GLY A 52 13.58 -16.12 9.78
CA GLY A 52 14.75 -15.23 9.83
C GLY A 52 15.46 -15.15 8.49
N GLY A 53 15.58 -16.30 7.82
CA GLY A 53 16.26 -16.40 6.52
C GLY A 53 17.71 -16.81 6.70
N ALA A 54 18.34 -17.31 5.64
CA ALA A 54 19.76 -17.74 5.70
C ALA A 54 20.38 -17.72 4.30
N VAL A 55 21.72 -17.77 4.24
CA VAL A 55 22.43 -17.77 2.93
C VAL A 55 22.96 -19.19 2.69
N TYR A 56 22.59 -19.79 1.55
CA TYR A 56 23.01 -21.17 1.22
C TYR A 56 24.23 -21.13 0.30
N LEU A 57 25.27 -21.87 0.69
CA LEU A 57 26.55 -21.97 -0.07
C LEU A 57 26.57 -23.32 -0.81
N CYS A 58 26.46 -23.29 -2.13
CA CYS A 58 26.46 -24.55 -2.94
C CYS A 58 27.69 -24.56 -3.83
N PRO A 59 28.67 -25.47 -3.61
CA PRO A 59 29.90 -25.52 -4.41
C PRO A 59 29.68 -25.98 -5.86
N TRP A 60 30.37 -25.35 -6.80
CA TRP A 60 30.27 -25.69 -8.25
C TRP A 60 30.85 -27.09 -8.48
N GLY A 61 30.19 -27.89 -9.33
CA GLY A 61 30.64 -29.27 -9.59
C GLY A 61 30.01 -30.24 -8.61
N ALA A 62 30.44 -31.51 -8.63
CA ALA A 62 29.89 -32.53 -7.72
C ALA A 62 28.36 -32.52 -7.83
N SER A 63 27.65 -32.45 -6.70
CA SER A 63 26.17 -32.42 -6.75
C SER A 63 25.68 -30.97 -6.62
N PRO A 64 25.14 -30.36 -7.71
CA PRO A 64 24.65 -28.98 -7.67
C PRO A 64 23.44 -28.82 -6.74
N THR A 65 22.55 -29.81 -6.72
CA THR A 65 21.30 -29.79 -5.92
C THR A 65 21.61 -29.65 -4.42
N GLN A 66 22.62 -30.35 -3.93
CA GLN A 66 22.96 -30.29 -2.48
C GLN A 66 23.37 -28.86 -2.11
N CYS A 67 22.82 -28.33 -1.01
CA CYS A 67 23.17 -26.98 -0.51
C CYS A 67 23.20 -27.00 1.02
N THR A 68 24.05 -26.14 1.62
CA THR A 68 24.17 -26.08 3.10
C THR A 68 24.01 -24.65 3.58
N PRO A 69 23.13 -24.36 4.57
CA PRO A 69 22.96 -23.00 5.09
C PRO A 69 24.18 -22.59 5.93
N ILE A 70 24.61 -21.33 5.79
CA ILE A 70 25.78 -20.81 6.56
C ILE A 70 25.24 -20.16 7.84
N GLU A 71 25.71 -20.60 9.00
CA GLU A 71 25.21 -20.05 10.30
C GLU A 71 25.98 -18.78 10.69
N PHE A 72 25.66 -17.65 10.04
CA PHE A 72 26.32 -16.36 10.37
C PHE A 72 26.02 -16.02 11.83
N ASP A 73 24.76 -16.20 12.24
CA ASP A 73 24.33 -15.94 13.63
C ASP A 73 23.70 -17.22 14.19
N SER A 74 24.28 -17.75 15.28
CA SER A 74 23.78 -19.00 15.90
C SER A 74 23.02 -18.71 17.20
N LYS A 75 22.72 -17.44 17.48
CA LYS A 75 22.05 -17.11 18.78
C LYS A 75 20.76 -16.32 18.58
N GLY A 76 19.86 -16.42 19.58
CA GLY A 76 18.55 -15.72 19.62
C GLY A 76 18.69 -14.28 20.08
N SER A 77 17.61 -13.50 20.00
CA SER A 77 17.61 -12.07 20.40
C SER A 77 17.98 -11.92 21.88
N ARG A 78 18.86 -10.97 22.18
CA ARG A 78 19.34 -10.68 23.56
C ARG A 78 18.23 -10.02 24.40
N LEU A 79 18.17 -10.36 25.69
CA LEU A 79 17.20 -9.77 26.66
C LEU A 79 17.72 -8.43 27.18
N LEU A 80 16.84 -7.64 27.82
CA LEU A 80 17.21 -6.31 28.38
C LEU A 80 17.60 -6.49 29.85
N GLU A 81 18.72 -5.89 30.28
CA GLU A 81 19.19 -6.02 31.68
C GLU A 81 18.22 -5.32 32.63
N SER A 82 17.72 -4.14 32.24
CA SER A 82 16.81 -3.35 33.10
C SER A 82 15.53 -4.16 33.36
N SER A 83 15.00 -4.83 32.33
CA SER A 83 13.74 -5.61 32.44
C SER A 83 13.88 -6.85 33.34
N LEU A 84 15.09 -7.34 33.58
CA LEU A 84 15.27 -8.55 34.43
C LEU A 84 14.57 -8.35 35.78
N SER A 85 14.68 -7.15 36.37
CA SER A 85 13.99 -6.89 37.67
C SER A 85 12.92 -5.80 37.55
N SER A 86 12.92 -5.02 36.47
CA SER A 86 11.93 -3.90 36.32
C SER A 86 10.50 -4.43 36.28
N SER A 87 10.28 -5.52 35.52
CA SER A 87 8.92 -6.10 35.38
C SER A 87 8.99 -7.62 35.46
N GLU A 88 7.86 -8.26 35.75
CA GLU A 88 7.82 -9.74 35.83
C GLU A 88 8.21 -10.30 34.46
N GLY A 89 9.08 -11.31 34.44
CA GLY A 89 9.54 -11.90 33.17
C GLY A 89 10.66 -11.05 32.57
N GLU A 90 11.00 -11.31 31.31
CA GLU A 90 12.07 -10.54 30.61
C GLU A 90 11.52 -10.00 29.29
N GLU A 91 12.03 -8.85 28.84
CA GLU A 91 11.57 -8.23 27.57
C GLU A 91 12.76 -8.14 26.60
N PRO A 92 12.65 -8.68 25.37
CA PRO A 92 13.75 -8.60 24.40
C PRO A 92 13.99 -7.15 23.98
N VAL A 93 15.26 -6.77 23.79
CA VAL A 93 15.62 -5.38 23.37
C VAL A 93 15.73 -5.36 21.84
N GLU A 94 15.32 -6.45 21.19
CA GLU A 94 15.37 -6.55 19.71
C GLU A 94 14.55 -7.75 19.25
N TYR A 95 14.04 -7.71 18.00
CA TYR A 95 13.25 -8.86 17.47
C TYR A 95 13.89 -9.32 16.17
N LYS A 96 14.30 -10.60 16.12
CA LYS A 96 14.95 -11.17 14.90
C LYS A 96 13.90 -11.84 14.01
N SER A 97 12.67 -11.98 14.51
CA SER A 97 11.58 -12.63 13.73
C SER A 97 11.25 -11.77 12.51
N LEU A 98 11.09 -12.41 11.34
CA LEU A 98 10.74 -11.69 10.08
C LEU A 98 11.74 -10.56 9.82
N GLN A 99 13.04 -10.85 10.01
CA GLN A 99 14.09 -9.82 9.78
C GLN A 99 14.52 -9.79 8.31
N TRP A 100 14.01 -10.73 7.50
CA TRP A 100 14.34 -10.79 6.05
C TRP A 100 15.86 -10.84 5.84
N PHE A 101 16.55 -11.67 6.65
CA PHE A 101 18.03 -11.82 6.55
C PHE A 101 18.39 -12.52 5.24
N GLY A 102 19.42 -12.04 4.55
CA GLY A 102 19.82 -12.63 3.27
C GLY A 102 19.17 -11.90 2.12
N ALA A 103 18.48 -10.80 2.41
CA ALA A 103 17.82 -10.03 1.34
C ALA A 103 18.88 -9.51 0.38
N THR A 104 20.03 -9.07 0.90
CA THR A 104 21.13 -8.56 0.04
C THR A 104 22.41 -9.33 0.36
N VAL A 105 23.04 -9.96 -0.64
CA VAL A 105 24.28 -10.73 -0.37
C VAL A 105 25.36 -10.26 -1.36
N ARG A 106 26.55 -9.90 -0.88
CA ARG A 106 27.64 -9.48 -1.78
C ARG A 106 28.96 -10.08 -1.29
N ALA A 107 29.90 -10.39 -2.19
CA ALA A 107 31.17 -11.01 -1.75
C ALA A 107 32.35 -10.48 -2.57
N HIS A 108 33.47 -10.18 -1.88
CA HIS A 108 34.70 -9.69 -2.56
C HIS A 108 35.89 -10.44 -1.94
N GLY A 109 36.79 -10.97 -2.76
CA GLY A 109 37.93 -11.74 -2.21
C GLY A 109 37.40 -12.86 -1.35
N SER A 110 37.88 -12.96 -0.10
CA SER A 110 37.43 -14.01 0.84
C SER A 110 36.41 -13.39 1.82
N SER A 111 35.93 -12.19 1.50
CA SER A 111 34.96 -11.42 2.34
C SER A 111 33.53 -11.57 1.82
N ILE A 112 32.58 -11.89 2.71
CA ILE A 112 31.14 -12.01 2.34
C ILE A 112 30.33 -11.05 3.23
N LEU A 113 29.42 -10.28 2.63
CA LEU A 113 28.59 -9.31 3.40
C LEU A 113 27.09 -9.63 3.23
N ALA A 114 26.41 -9.97 4.33
CA ALA A 114 24.96 -10.28 4.31
C ALA A 114 24.22 -9.21 5.14
N CYS A 115 23.11 -8.68 4.62
CA CYS A 115 22.35 -7.61 5.33
C CYS A 115 20.86 -7.94 5.41
N ALA A 116 20.27 -7.78 6.61
CA ALA A 116 18.83 -8.01 6.81
C ALA A 116 18.16 -6.65 7.05
N PRO A 117 17.37 -6.12 6.08
CA PRO A 117 16.73 -4.79 6.21
C PRO A 117 15.62 -4.57 7.26
N LEU A 118 14.72 -5.54 7.44
CA LEU A 118 13.55 -5.39 8.35
C LEU A 118 13.91 -5.44 9.84
N TYR A 119 15.12 -5.87 10.20
CA TYR A 119 15.48 -6.00 11.64
C TYR A 119 15.17 -4.69 12.38
N SER A 120 14.56 -4.79 13.57
CA SER A 120 14.21 -3.62 14.41
C SER A 120 14.46 -3.87 15.90
N TRP A 121 14.77 -2.83 16.68
CA TRP A 121 15.10 -3.07 18.11
C TRP A 121 14.45 -2.02 19.01
N ARG A 122 13.74 -2.47 20.05
CA ARG A 122 13.14 -1.54 21.03
C ARG A 122 14.31 -0.84 21.72
N THR A 123 14.22 0.48 21.93
CA THR A 123 15.34 1.21 22.58
C THR A 123 15.28 1.04 24.10
N GLU A 124 16.35 1.40 24.82
CA GLU A 124 16.31 1.24 26.29
C GLU A 124 15.67 2.48 26.93
N LYS A 125 15.97 3.67 26.42
CA LYS A 125 15.41 4.92 27.00
C LYS A 125 13.88 4.92 26.88
N GLU A 126 13.35 4.52 25.73
CA GLU A 126 11.88 4.50 25.50
C GLU A 126 11.50 3.20 24.79
N PRO A 127 10.30 2.63 25.03
CA PRO A 127 9.88 1.39 24.38
C PRO A 127 9.31 1.67 22.99
N LEU A 128 10.18 2.02 22.03
CA LEU A 128 9.77 2.31 20.64
C LEU A 128 10.56 1.41 19.69
N SER A 129 9.90 0.82 18.69
CA SER A 129 10.57 -0.11 17.73
C SER A 129 10.95 0.65 16.46
N ASP A 130 12.23 0.58 16.07
CA ASP A 130 12.75 1.26 14.85
C ASP A 130 13.43 0.23 13.95
N PRO A 131 13.08 0.14 12.65
CA PRO A 131 13.71 -0.82 11.75
C PRO A 131 15.01 -0.22 11.19
N VAL A 132 16.03 -0.09 12.05
CA VAL A 132 17.36 0.45 11.68
C VAL A 132 18.02 -0.49 10.67
N GLY A 133 17.83 -1.80 10.86
CA GLY A 133 18.43 -2.84 10.00
C GLY A 133 19.75 -3.32 10.57
N THR A 134 20.39 -4.30 9.93
CA THR A 134 21.67 -4.86 10.46
C THR A 134 22.39 -5.67 9.37
N CYS A 135 23.72 -5.71 9.43
CA CYS A 135 24.53 -6.47 8.44
C CYS A 135 25.57 -7.33 9.16
N TYR A 136 26.03 -8.41 8.51
CA TYR A 136 27.06 -9.32 9.06
C TYR A 136 28.21 -9.40 8.06
N LEU A 137 29.44 -9.11 8.49
CA LEU A 137 30.60 -9.13 7.57
C LEU A 137 31.46 -10.37 7.85
N SER A 138 31.65 -11.25 6.87
CA SER A 138 32.46 -12.47 7.13
C SER A 138 33.71 -12.43 6.26
N THR A 139 34.91 -12.46 6.86
CA THR A 139 36.16 -12.39 6.04
C THR A 139 37.06 -13.60 6.32
N ASP A 140 38.11 -13.75 5.51
CA ASP A 140 39.11 -14.85 5.65
C ASP A 140 38.43 -16.22 5.67
N ASN A 141 37.53 -16.49 4.73
CA ASN A 141 36.83 -17.80 4.64
C ASN A 141 36.12 -18.13 5.96
N PHE A 142 35.29 -17.21 6.45
CA PHE A 142 34.45 -17.37 7.67
C PHE A 142 35.28 -17.64 8.93
N THR A 143 36.43 -16.98 9.10
CA THR A 143 37.21 -17.18 10.35
C THR A 143 36.45 -16.52 11.49
N ARG A 144 36.22 -15.20 11.39
CA ARG A 144 35.47 -14.44 12.42
C ARG A 144 34.26 -13.76 11.78
N ILE A 145 33.23 -13.45 12.57
CA ILE A 145 32.01 -12.77 12.04
C ILE A 145 31.86 -11.41 12.74
N LEU A 146 31.67 -10.34 11.95
CA LEU A 146 31.52 -8.97 12.52
C LEU A 146 30.15 -8.44 12.12
N GLU A 147 29.37 -7.96 13.10
CA GLU A 147 28.02 -7.40 12.84
C GLU A 147 28.15 -5.89 12.61
N TYR A 148 27.70 -5.40 11.45
CA TYR A 148 27.80 -3.95 11.12
C TYR A 148 26.41 -3.34 11.01
N ALA A 149 26.09 -2.40 11.92
CA ALA A 149 24.79 -1.71 11.94
C ALA A 149 25.06 -0.21 12.09
N PRO A 150 25.71 0.45 11.09
CA PRO A 150 26.07 1.86 11.18
C PRO A 150 24.88 2.81 11.45
N CYS A 151 23.72 2.50 10.87
CA CYS A 151 22.50 3.35 11.02
C CYS A 151 22.05 3.40 12.49
N ARG A 152 22.26 2.32 13.24
CA ARG A 152 21.86 2.32 14.68
C ARG A 152 22.74 3.36 15.40
N SER A 153 22.10 4.30 16.10
CA SER A 153 22.83 5.38 16.80
C SER A 153 21.95 6.03 17.86
N ASP A 154 22.49 7.04 18.55
CA ASP A 154 21.78 7.81 19.62
C ASP A 154 20.56 8.52 19.02
N PHE A 155 20.68 9.00 17.77
CA PHE A 155 19.57 9.76 17.11
C PHE A 155 18.53 8.76 16.59
N SER A 156 17.75 8.19 17.51
CA SER A 156 16.66 7.22 17.24
C SER A 156 15.43 7.93 16.68
N TRP A 157 14.47 7.14 16.18
CA TRP A 157 13.14 7.51 15.60
C TRP A 157 13.27 7.97 14.15
N ALA A 158 12.14 8.33 13.52
CA ALA A 158 12.10 8.77 12.10
C ALA A 158 12.95 10.03 11.92
N ALA A 159 12.86 10.97 12.87
CA ALA A 159 13.68 12.20 12.79
C ALA A 159 15.16 11.82 12.61
N GLY A 160 15.58 10.74 13.27
CA GLY A 160 16.99 10.29 13.20
C GLY A 160 17.19 9.18 12.18
N GLN A 161 17.91 8.13 12.59
CA GLN A 161 18.19 6.96 11.71
C GLN A 161 17.51 5.72 12.31
N GLY A 162 16.43 5.93 13.05
CA GLY A 162 15.67 4.82 13.66
C GLY A 162 15.09 3.89 12.61
N TYR A 163 14.60 4.48 11.51
CA TYR A 163 13.96 3.74 10.39
C TYR A 163 14.92 3.64 9.21
N CYS A 164 16.23 3.76 9.46
CA CYS A 164 17.27 3.79 8.38
C CYS A 164 17.21 2.55 7.50
N GLN A 165 16.99 1.36 8.08
CA GLN A 165 16.93 0.09 7.30
C GLN A 165 18.21 -0.09 6.48
N GLY A 166 19.38 0.17 7.09
CA GLY A 166 20.68 0.05 6.42
C GLY A 166 20.89 -1.32 5.81
N GLY A 167 21.45 -1.38 4.61
CA GLY A 167 21.71 -2.66 3.91
C GLY A 167 20.62 -2.98 2.90
N PHE A 168 19.62 -2.10 2.76
CA PHE A 168 18.54 -2.31 1.76
C PHE A 168 19.21 -2.49 0.40
N SER A 169 20.24 -1.67 0.14
CA SER A 169 21.05 -1.71 -1.11
C SER A 169 22.53 -1.73 -0.70
N ALA A 170 23.32 -2.69 -1.20
CA ALA A 170 24.76 -2.76 -0.82
C ALA A 170 25.65 -3.01 -2.04
N GLU A 171 26.94 -2.67 -1.92
CA GLU A 171 27.92 -2.84 -3.03
C GLU A 171 29.32 -2.97 -2.41
N PHE A 172 30.27 -3.52 -3.17
CA PHE A 172 31.67 -3.71 -2.73
C PHE A 172 32.62 -3.06 -3.76
N THR A 173 33.56 -2.23 -3.29
CA THR A 173 34.54 -1.57 -4.19
C THR A 173 35.70 -2.54 -4.48
N LYS A 174 36.55 -2.21 -5.47
CA LYS A 174 37.71 -3.06 -5.83
C LYS A 174 38.67 -3.18 -4.65
N THR A 175 38.86 -2.08 -3.90
CA THR A 175 39.72 -2.02 -2.69
C THR A 175 39.14 -2.85 -1.54
N GLY A 176 37.82 -3.09 -1.54
CA GLY A 176 37.15 -3.87 -0.48
C GLY A 176 36.38 -2.99 0.49
N ARG A 177 36.32 -1.68 0.23
CA ARG A 177 35.55 -0.75 1.11
C ARG A 177 34.07 -1.14 1.01
N VAL A 178 33.37 -1.12 2.15
CA VAL A 178 31.92 -1.52 2.19
C VAL A 178 31.05 -0.27 1.99
N VAL A 179 30.09 -0.34 1.06
CA VAL A 179 29.15 0.81 0.81
C VAL A 179 27.74 0.38 1.19
N LEU A 180 27.06 1.15 2.06
CA LEU A 180 25.67 0.83 2.50
C LEU A 180 24.79 2.08 2.41
N GLY A 181 23.54 1.92 1.95
CA GLY A 181 22.58 3.04 1.82
C GLY A 181 21.26 2.76 2.51
N GLY A 182 20.74 3.73 3.28
CA GLY A 182 19.45 3.60 3.97
C GLY A 182 18.50 4.70 3.56
N PRO A 183 17.41 4.41 2.80
CA PRO A 183 16.48 5.45 2.36
C PRO A 183 15.56 5.95 3.48
N GLY A 184 15.38 5.13 4.52
CA GLY A 184 14.52 5.45 5.67
C GLY A 184 14.98 6.66 6.46
N SER A 185 16.29 6.84 6.64
CA SER A 185 16.89 7.95 7.44
C SER A 185 16.43 9.34 6.99
N TYR A 186 16.41 10.29 7.93
CA TYR A 186 15.99 11.69 7.67
C TYR A 186 14.57 11.76 7.10
N PHE A 187 13.62 11.05 7.73
CA PHE A 187 12.19 11.04 7.29
C PHE A 187 12.07 10.61 5.83
N TRP A 188 12.78 9.52 5.47
CA TRP A 188 12.77 8.86 4.14
C TRP A 188 13.53 9.66 3.07
N GLN A 189 14.31 10.65 3.50
CA GLN A 189 15.15 11.46 2.58
C GLN A 189 16.18 10.53 1.94
N GLY A 190 16.72 9.60 2.75
CA GLY A 190 17.73 8.62 2.30
C GLY A 190 19.12 9.03 2.72
N GLN A 191 20.05 8.06 2.78
CA GLN A 191 21.45 8.34 3.20
C GLN A 191 22.38 7.26 2.62
N ILE A 192 23.69 7.55 2.60
CA ILE A 192 24.71 6.58 2.08
C ILE A 192 25.80 6.44 3.15
N LEU A 193 26.10 5.21 3.57
CA LEU A 193 27.17 4.98 4.60
C LEU A 193 28.26 4.12 3.96
N SER A 194 29.52 4.57 4.05
CA SER A 194 30.66 3.81 3.46
C SER A 194 31.82 3.74 4.45
N ALA A 195 32.33 2.52 4.72
CA ALA A 195 33.46 2.32 5.65
C ALA A 195 34.35 1.18 5.14
N THR A 196 35.65 1.23 5.45
CA THR A 196 36.60 0.15 5.03
C THR A 196 36.45 -1.05 5.96
N GLN A 197 36.84 -2.24 5.50
CA GLN A 197 36.72 -3.49 6.30
C GLN A 197 37.62 -3.39 7.54
N GLU A 198 38.82 -2.86 7.38
CA GLU A 198 39.80 -2.75 8.51
C GLU A 198 39.23 -1.87 9.62
N GLN A 199 38.64 -0.72 9.26
CA GLN A 199 38.08 0.22 10.25
C GLN A 199 36.94 -0.43 11.04
N ILE A 200 36.09 -1.20 10.35
CA ILE A 200 34.92 -1.85 11.04
C ILE A 200 35.44 -2.83 12.11
N ALA A 201 36.45 -3.64 11.77
CA ALA A 201 37.02 -4.63 12.71
C ALA A 201 37.66 -3.94 13.91
N GLU A 202 38.41 -2.87 13.65
CA GLU A 202 39.15 -2.12 14.71
C GLU A 202 38.19 -1.49 15.74
N SER A 203 37.08 -0.90 15.28
CA SER A 203 36.13 -0.22 16.18
C SER A 203 35.01 -1.16 16.66
N TYR A 204 35.01 -2.41 16.20
CA TYR A 204 33.92 -3.36 16.60
C TYR A 204 33.96 -3.60 18.11
N TYR A 205 32.80 -3.48 18.78
CA TYR A 205 32.68 -3.75 20.23
C TYR A 205 31.45 -4.62 20.47
N PRO A 206 31.61 -5.88 20.93
CA PRO A 206 30.48 -6.78 21.20
C PRO A 206 29.55 -6.40 22.36
N GLU A 207 30.16 -5.90 23.46
CA GLU A 207 29.42 -5.57 24.71
C GLU A 207 28.37 -4.48 24.50
N TYR A 208 28.65 -3.43 23.73
CA TYR A 208 27.66 -2.33 23.62
C TYR A 208 26.98 -2.32 22.25
N LEU A 209 25.64 -2.37 22.26
CA LEU A 209 24.81 -2.35 21.02
C LEU A 209 25.20 -1.14 20.15
N ILE A 210 25.23 0.06 20.73
CA ILE A 210 25.57 1.28 19.95
C ILE A 210 27.09 1.32 19.72
N ASN A 211 27.52 1.32 18.46
CA ASN A 211 28.96 1.35 18.09
C ASN A 211 29.23 2.50 17.12
N LEU A 212 30.29 3.27 17.38
CA LEU A 212 30.68 4.40 16.49
C LEU A 212 32.00 4.03 15.78
N VAL A 213 32.04 4.14 14.46
CA VAL A 213 33.26 3.78 13.69
C VAL A 213 33.95 5.06 13.19
N GLN A 214 35.24 5.19 13.49
CA GLN A 214 36.04 6.38 13.08
C GLN A 214 36.38 6.27 11.58
N GLY A 215 36.36 7.39 10.87
CA GLY A 215 36.68 7.44 9.43
C GLY A 215 35.49 7.06 8.56
N GLN A 216 34.33 6.83 9.18
CA GLN A 216 33.09 6.48 8.43
C GLN A 216 32.63 7.71 7.64
N LEU A 217 32.32 7.52 6.35
CA LEU A 217 31.86 8.63 5.48
C LEU A 217 30.36 8.49 5.23
N GLN A 218 29.58 9.55 5.48
CA GLN A 218 28.12 9.51 5.28
C GLN A 218 27.62 10.84 4.69
N THR A 219 26.37 10.86 4.22
CA THR A 219 25.77 12.10 3.65
C THR A 219 25.10 12.92 4.77
N ARG A 220 25.29 14.24 4.75
CA ARG A 220 24.72 15.15 5.79
C ARG A 220 23.20 15.29 5.60
N GLN A 221 22.50 15.70 6.67
CA GLN A 221 21.02 15.85 6.63
C GLN A 221 20.62 16.94 5.63
N ALA A 222 19.57 16.70 4.85
CA ALA A 222 19.08 17.67 3.85
C ALA A 222 17.96 18.54 4.44
N SER A 223 17.40 19.44 3.63
CA SER A 223 16.31 20.36 4.04
C SER A 223 14.97 19.62 4.11
N SER A 224 14.02 20.15 4.89
CA SER A 224 12.69 19.49 5.08
C SER A 224 11.98 19.21 3.74
N ILE A 225 12.21 20.06 2.73
CA ILE A 225 11.60 19.93 1.37
C ILE A 225 12.08 18.67 0.63
N TYR A 226 13.24 18.12 1.01
CA TYR A 226 13.83 16.93 0.34
C TYR A 226 13.32 15.63 0.99
N ASP A 227 12.34 15.74 1.88
CA ASP A 227 11.76 14.55 2.58
C ASP A 227 11.09 13.62 1.57
N ASP A 228 11.16 12.30 1.85
CA ASP A 228 10.56 11.20 1.04
C ASP A 228 11.25 11.06 -0.31
N SER A 229 12.54 11.42 -0.40
CA SER A 229 13.28 11.30 -1.68
C SER A 229 13.68 9.84 -1.91
N TYR A 230 13.62 9.01 -0.87
CA TYR A 230 13.97 7.57 -0.96
C TYR A 230 15.37 7.41 -1.57
N LEU A 231 16.35 8.20 -1.10
CA LEU A 231 17.75 8.08 -1.58
C LEU A 231 18.39 6.82 -1.00
N GLY A 232 19.36 6.23 -1.71
CA GLY A 232 20.03 5.00 -1.26
C GLY A 232 19.26 3.75 -1.64
N TYR A 233 18.19 3.92 -2.41
CA TYR A 233 17.34 2.79 -2.87
C TYR A 233 18.20 1.83 -3.71
N SER A 234 19.02 2.39 -4.61
CA SER A 234 19.94 1.61 -5.48
C SER A 234 21.36 2.16 -5.34
N VAL A 235 22.35 1.27 -5.12
CA VAL A 235 23.77 1.71 -4.94
C VAL A 235 24.67 0.97 -5.95
N ALA A 236 25.54 1.72 -6.64
CA ALA A 236 26.50 1.14 -7.62
C ALA A 236 27.86 1.83 -7.46
N VAL A 237 28.95 1.19 -7.91
CA VAL A 237 30.30 1.79 -7.77
C VAL A 237 31.00 1.79 -9.15
N GLY A 238 31.46 2.97 -9.58
CA GLY A 238 32.19 3.17 -10.84
C GLY A 238 33.13 4.36 -10.70
N GLU A 239 34.12 4.47 -11.60
CA GLU A 239 35.10 5.58 -11.54
C GLU A 239 34.76 6.64 -12.59
N PHE A 240 34.19 7.78 -12.16
CA PHE A 240 33.85 8.86 -13.11
C PHE A 240 34.69 10.10 -12.84
N SER A 241 35.34 10.17 -11.67
CA SER A 241 36.14 11.37 -11.31
C SER A 241 37.43 11.47 -12.14
N GLY A 242 38.02 10.32 -12.52
CA GLY A 242 39.25 10.35 -13.34
C GLY A 242 40.49 10.48 -12.48
N ASP A 243 40.33 10.38 -11.16
CA ASP A 243 41.46 10.48 -10.19
C ASP A 243 41.90 9.08 -9.77
N ASP A 244 41.42 8.06 -10.49
CA ASP A 244 41.75 6.63 -10.23
C ASP A 244 41.28 6.23 -8.83
N THR A 245 40.10 6.71 -8.41
CA THR A 245 39.52 6.39 -7.08
C THR A 245 38.06 5.99 -7.31
N GLU A 246 37.58 4.95 -6.61
CA GLU A 246 36.19 4.45 -6.79
C GLU A 246 35.19 5.55 -6.45
N ASP A 247 34.13 5.67 -7.26
CA ASP A 247 33.06 6.69 -7.05
C ASP A 247 31.74 5.97 -6.79
N PHE A 248 30.79 6.63 -6.11
CA PHE A 248 29.51 5.96 -5.75
C PHE A 248 28.37 6.56 -6.58
N VAL A 249 27.57 5.69 -7.21
CA VAL A 249 26.40 6.11 -8.03
C VAL A 249 25.13 5.64 -7.31
N ALA A 250 24.28 6.58 -6.86
CA ALA A 250 23.06 6.20 -6.12
C ALA A 250 21.84 6.68 -6.91
N GLY A 251 20.69 6.04 -6.72
CA GLY A 251 19.50 6.48 -7.47
C GLY A 251 18.38 6.94 -6.56
N VAL A 252 17.87 8.16 -6.79
CA VAL A 252 16.72 8.69 -6.00
C VAL A 252 15.48 8.54 -6.87
N PRO A 253 14.60 7.54 -6.60
CA PRO A 253 13.43 7.28 -7.43
C PRO A 253 12.28 8.30 -7.25
N LYS A 254 12.13 8.86 -6.04
CA LYS A 254 11.01 9.80 -5.75
C LYS A 254 11.53 11.23 -5.62
N GLY A 255 12.74 11.51 -6.11
CA GLY A 255 13.31 12.87 -6.03
C GLY A 255 12.73 13.81 -7.08
N ASN A 256 12.99 15.10 -6.93
CA ASN A 256 12.48 16.12 -7.90
C ASN A 256 10.96 16.01 -8.07
N LEU A 257 10.22 15.97 -6.95
CA LEU A 257 8.73 15.89 -6.94
C LEU A 257 8.23 14.66 -7.71
N THR A 258 8.82 13.48 -7.47
CA THR A 258 8.37 12.22 -8.10
C THR A 258 8.93 12.04 -9.52
N TYR A 259 9.78 12.95 -9.99
CA TYR A 259 10.37 12.80 -11.35
C TYR A 259 11.53 11.80 -11.24
N GLY A 260 12.35 11.99 -10.20
CA GLY A 260 13.51 11.11 -9.90
C GLY A 260 14.78 11.62 -10.54
N TYR A 261 15.93 11.23 -9.98
CA TYR A 261 17.26 11.62 -10.53
C TYR A 261 18.33 10.64 -10.04
N VAL A 262 19.47 10.61 -10.74
CA VAL A 262 20.61 9.72 -10.38
C VAL A 262 21.82 10.63 -10.10
N THR A 263 22.48 10.45 -8.95
CA THR A 263 23.63 11.32 -8.59
C THR A 263 24.91 10.48 -8.46
N ILE A 264 26.06 11.13 -8.64
CA ILE A 264 27.40 10.48 -8.50
C ILE A 264 28.13 11.13 -7.32
N LEU A 265 28.59 10.32 -6.37
CA LEU A 265 29.29 10.84 -5.16
C LEU A 265 30.75 10.40 -5.18
N ASN A 266 31.63 11.32 -4.79
CA ASN A 266 33.09 11.05 -4.73
C ASN A 266 33.35 9.93 -3.72
N GLY A 267 34.29 9.06 -4.04
CA GLY A 267 34.63 8.03 -3.06
C GLY A 267 35.19 8.61 -1.77
N SER A 268 36.09 9.59 -1.89
CA SER A 268 36.71 10.26 -0.73
C SER A 268 36.04 11.61 -0.43
N ASP A 269 35.98 12.51 -1.41
CA ASP A 269 35.39 13.87 -1.20
C ASP A 269 33.87 13.79 -0.96
N ILE A 270 33.25 12.65 -1.31
CA ILE A 270 31.79 12.35 -1.12
C ILE A 270 30.93 13.59 -1.41
N ARG A 271 31.33 14.37 -2.42
CA ARG A 271 30.57 15.56 -2.86
C ARG A 271 30.02 15.25 -4.26
N SER A 272 28.72 15.47 -4.49
CA SER A 272 28.12 15.17 -5.82
C SER A 272 28.89 15.89 -6.93
N LEU A 273 29.28 15.15 -7.97
CA LEU A 273 30.03 15.74 -9.12
C LEU A 273 29.11 15.87 -10.33
N TYR A 274 28.06 15.05 -10.42
CA TYR A 274 27.11 15.10 -11.57
C TYR A 274 25.69 14.79 -11.09
N ASN A 275 24.69 15.22 -11.88
CA ASN A 275 23.25 15.00 -11.56
C ASN A 275 22.51 14.55 -12.82
N PHE A 276 21.58 13.61 -12.67
CA PHE A 276 20.77 13.09 -13.81
C PHE A 276 19.29 13.27 -13.49
N SER A 277 18.51 13.81 -14.44
CA SER A 277 17.06 14.07 -14.22
C SER A 277 16.19 13.13 -15.06
N GLY A 278 15.19 12.50 -14.43
CA GLY A 278 14.26 11.57 -15.09
C GLY A 278 13.41 12.26 -16.14
N GLU A 279 13.09 11.56 -17.23
CA GLU A 279 12.27 12.12 -18.34
C GLU A 279 10.78 12.26 -18.00
N GLN A 280 10.18 11.27 -17.32
CA GLN A 280 8.71 11.32 -17.04
C GLN A 280 8.41 11.18 -15.55
N MET A 281 7.54 12.03 -15.01
CA MET A 281 7.11 11.99 -13.59
C MET A 281 6.50 10.62 -13.28
N ALA A 282 6.83 10.07 -12.11
CA ALA A 282 6.35 8.76 -11.61
C ALA A 282 6.75 7.62 -12.56
N SER A 283 8.00 7.63 -13.03
CA SER A 283 8.55 6.55 -13.90
C SER A 283 9.49 5.69 -13.07
N TYR A 284 9.67 6.03 -11.79
CA TYR A 284 10.53 5.28 -10.85
C TYR A 284 11.95 5.18 -11.39
N PHE A 285 12.45 6.29 -11.96
CA PHE A 285 13.82 6.37 -12.52
C PHE A 285 14.82 6.14 -11.38
N GLY A 286 15.79 5.25 -11.59
CA GLY A 286 16.79 4.97 -10.53
C GLY A 286 16.47 3.72 -9.74
N TYR A 287 15.44 2.96 -10.13
CA TYR A 287 15.10 1.70 -9.42
C TYR A 287 16.34 0.81 -9.42
N ALA A 288 16.98 0.67 -10.59
CA ALA A 288 18.22 -0.13 -10.68
C ALA A 288 19.26 0.70 -11.43
N VAL A 289 20.52 0.69 -10.96
CA VAL A 289 21.61 1.45 -11.64
C VAL A 289 22.84 0.55 -11.77
N ALA A 290 23.62 0.72 -12.83
CA ALA A 290 24.86 -0.09 -13.04
C ALA A 290 25.90 0.77 -13.78
N ALA A 291 27.19 0.55 -13.49
CA ALA A 291 28.27 1.32 -14.17
C ALA A 291 29.22 0.35 -14.87
N THR A 292 29.42 0.53 -16.18
CA THR A 292 30.33 -0.36 -16.97
C THR A 292 30.74 0.35 -18.26
N ASP A 293 31.78 -0.15 -18.93
CA ASP A 293 32.26 0.42 -20.22
C ASP A 293 31.71 -0.43 -21.36
N VAL A 294 30.86 0.15 -22.24
CA VAL A 294 30.26 -0.64 -23.36
C VAL A 294 30.95 -0.33 -24.68
N ASN A 295 31.62 0.82 -24.80
CA ASN A 295 32.29 1.16 -26.09
C ASN A 295 33.78 0.81 -26.02
N GLY A 296 34.21 0.23 -24.88
CA GLY A 296 35.63 -0.14 -24.69
C GLY A 296 36.56 1.04 -24.86
N ASP A 297 36.18 2.21 -24.33
CA ASP A 297 37.05 3.41 -24.46
C ASP A 297 37.94 3.50 -23.22
N GLY A 298 37.72 2.61 -22.26
CA GLY A 298 38.50 2.61 -21.00
C GLY A 298 37.86 3.51 -19.97
N LEU A 299 36.68 4.05 -20.28
CA LEU A 299 35.93 4.95 -19.37
C LEU A 299 34.56 4.31 -19.07
N ASP A 300 34.17 4.28 -17.80
CA ASP A 300 32.89 3.65 -17.37
C ASP A 300 31.69 4.49 -17.85
N ASP A 301 30.54 3.84 -18.05
CA ASP A 301 29.29 4.51 -18.49
C ASP A 301 28.20 4.22 -17.46
N LEU A 302 27.10 4.99 -17.49
CA LEU A 302 26.00 4.80 -16.51
C LEU A 302 24.71 4.32 -17.20
N LEU A 303 24.11 3.27 -16.64
CA LEU A 303 22.83 2.70 -17.15
C LEU A 303 21.77 2.89 -16.07
N VAL A 304 20.62 3.48 -16.42
CA VAL A 304 19.52 3.72 -15.43
C VAL A 304 18.26 2.98 -15.88
N GLY A 305 17.58 2.30 -14.95
CA GLY A 305 16.36 1.54 -15.26
C GLY A 305 15.10 2.23 -14.74
N ALA A 306 14.10 2.38 -15.62
CA ALA A 306 12.81 3.02 -15.28
C ALA A 306 11.68 2.08 -15.71
N PRO A 307 11.39 1.01 -14.93
CA PRO A 307 10.36 0.02 -15.31
C PRO A 307 8.92 0.54 -15.43
N LEU A 308 8.50 1.43 -14.54
CA LEU A 308 7.10 1.93 -14.55
C LEU A 308 6.86 2.94 -15.69
N LEU A 309 7.90 3.27 -16.47
CA LEU A 309 7.73 4.25 -17.59
C LEU A 309 6.74 3.70 -18.61
N MET A 310 5.77 4.53 -19.03
CA MET A 310 4.72 4.13 -20.02
C MET A 310 4.75 5.10 -21.20
N ASP A 311 4.76 4.58 -22.43
CA ASP A 311 4.76 5.44 -23.64
C ASP A 311 3.59 5.06 -24.56
N ARG A 312 3.12 6.02 -25.35
CA ARG A 312 1.98 5.80 -26.29
C ARG A 312 2.41 4.94 -27.47
N THR A 313 1.54 4.01 -27.88
CA THR A 313 1.77 3.09 -29.03
C THR A 313 1.37 3.78 -30.34
N PRO A 314 1.58 3.14 -31.51
CA PRO A 314 1.19 3.71 -32.81
C PRO A 314 -0.32 3.95 -32.87
N ASP A 315 -1.09 3.03 -32.29
CA ASP A 315 -2.58 3.11 -32.19
C ASP A 315 -2.97 4.35 -31.38
N GLY A 316 -2.20 4.66 -30.32
CA GLY A 316 -2.45 5.82 -29.45
C GLY A 316 -2.98 5.41 -28.09
N ARG A 317 -3.15 4.12 -27.85
CA ARG A 317 -3.61 3.63 -26.52
C ARG A 317 -2.39 3.62 -25.58
N PRO A 318 -2.47 4.22 -24.38
CA PRO A 318 -1.32 4.25 -23.46
C PRO A 318 -1.01 2.88 -22.83
N GLN A 319 0.28 2.52 -22.80
CA GLN A 319 0.75 1.25 -22.17
C GLN A 319 2.10 1.51 -21.50
N GLU A 320 2.45 0.71 -20.48
CA GLU A 320 3.75 0.89 -19.78
C GLU A 320 4.65 -0.31 -20.06
N VAL A 321 5.81 -0.09 -20.68
CA VAL A 321 6.75 -1.21 -21.00
C VAL A 321 8.08 -0.99 -20.26
N GLY A 322 8.33 0.23 -19.76
CA GLY A 322 9.58 0.58 -19.07
C GLY A 322 10.64 1.05 -20.04
N ARG A 323 11.77 1.57 -19.53
CA ARG A 323 12.85 2.05 -20.43
C ARG A 323 14.20 2.02 -19.69
N VAL A 324 15.31 1.97 -20.44
CA VAL A 324 16.69 1.98 -19.88
C VAL A 324 17.46 3.10 -20.59
N TYR A 325 18.15 3.97 -19.83
CA TYR A 325 18.90 5.10 -20.42
C TYR A 325 20.41 4.83 -20.30
N VAL A 326 21.14 5.00 -21.40
CA VAL A 326 22.62 4.76 -21.41
C VAL A 326 23.33 6.09 -21.69
N TYR A 327 24.27 6.48 -20.82
CA TYR A 327 25.05 7.74 -21.00
C TYR A 327 26.52 7.38 -21.24
N LEU A 328 27.11 7.88 -22.33
CA LEU A 328 28.53 7.59 -22.62
C LEU A 328 29.37 8.74 -22.07
N GLN A 329 30.43 8.42 -21.31
CA GLN A 329 31.27 9.47 -20.70
C GLN A 329 32.49 9.76 -21.58
N HIS A 330 32.56 10.99 -22.11
CA HIS A 330 33.71 11.44 -22.95
C HIS A 330 34.84 11.93 -22.04
N PRO A 331 36.05 12.24 -22.56
CA PRO A 331 37.16 12.67 -21.71
C PRO A 331 36.81 13.95 -20.95
N ALA A 332 36.11 14.89 -21.60
CA ALA A 332 35.71 16.16 -20.96
C ALA A 332 34.78 15.89 -19.77
N GLY A 333 33.76 15.03 -19.94
CA GLY A 333 32.83 14.75 -18.85
C GLY A 333 31.62 13.95 -19.32
N ILE A 334 30.70 13.65 -18.40
CA ILE A 334 29.48 12.86 -18.72
C ILE A 334 28.40 13.84 -19.16
N GLU A 335 27.72 13.57 -20.28
CA GLU A 335 26.70 14.51 -20.84
C GLU A 335 25.34 14.23 -20.19
N PRO A 336 24.55 15.27 -19.82
CA PRO A 336 23.25 15.07 -19.18
C PRO A 336 22.22 14.32 -20.04
N THR A 337 22.15 14.64 -21.34
CA THR A 337 21.18 13.97 -22.25
C THR A 337 21.60 12.52 -22.48
N PRO A 338 20.69 11.53 -22.38
CA PRO A 338 21.05 10.11 -22.60
C PRO A 338 21.35 9.84 -24.07
N THR A 339 22.45 9.12 -24.36
CA THR A 339 22.85 8.78 -25.74
C THR A 339 21.84 7.84 -26.40
N LEU A 340 21.39 6.79 -25.68
CA LEU A 340 20.43 5.82 -26.27
C LEU A 340 19.42 5.37 -25.21
N THR A 341 18.31 4.77 -25.65
CA THR A 341 17.24 4.27 -24.74
C THR A 341 16.78 2.88 -25.20
N LEU A 342 16.22 2.09 -24.27
CA LEU A 342 15.74 0.72 -24.61
C LEU A 342 14.30 0.57 -24.09
N THR A 343 13.33 0.54 -25.01
CA THR A 343 11.90 0.43 -24.66
C THR A 343 11.49 -1.06 -24.61
N GLY A 344 10.60 -1.42 -23.69
CA GLY A 344 10.11 -2.81 -23.57
C GLY A 344 9.02 -3.10 -24.58
N HIS A 345 8.62 -4.37 -24.71
CA HIS A 345 7.57 -4.74 -25.70
C HIS A 345 6.39 -5.41 -25.01
N ASP A 346 6.45 -5.63 -23.69
CA ASP A 346 5.33 -6.29 -22.97
C ASP A 346 4.72 -5.33 -21.95
N GLU A 347 3.40 -5.15 -22.01
CA GLU A 347 2.67 -4.29 -21.05
C GLU A 347 2.86 -4.89 -19.65
N PHE A 348 3.08 -4.03 -18.65
CA PHE A 348 3.36 -4.46 -17.25
C PHE A 348 4.56 -5.40 -17.26
N GLY A 349 5.44 -5.22 -18.25
CA GLY A 349 6.66 -6.04 -18.40
C GLY A 349 7.62 -5.81 -17.25
N ARG A 350 7.68 -4.55 -16.79
CA ARG A 350 8.64 -4.04 -15.75
C ARG A 350 10.06 -4.20 -16.28
N PHE A 351 10.23 -3.96 -17.58
CA PHE A 351 11.54 -4.07 -18.28
C PHE A 351 12.51 -3.01 -17.77
N GLY A 352 13.72 -3.44 -17.40
CA GLY A 352 14.75 -2.52 -16.88
C GLY A 352 14.80 -2.46 -15.36
N SER A 353 14.02 -3.32 -14.70
CA SER A 353 13.97 -3.34 -13.21
C SER A 353 15.35 -3.74 -12.65
N SER A 354 16.00 -4.72 -13.25
CA SER A 354 17.34 -5.18 -12.77
C SER A 354 18.37 -5.12 -13.90
N LEU A 355 19.53 -4.50 -13.65
CA LEU A 355 20.62 -4.40 -14.66
C LEU A 355 21.89 -5.02 -14.08
N THR A 356 22.52 -5.93 -14.83
CA THR A 356 23.78 -6.58 -14.36
C THR A 356 24.80 -6.67 -15.51
N PRO A 357 26.03 -6.14 -15.37
CA PRO A 357 27.03 -6.21 -16.43
C PRO A 357 27.51 -7.66 -16.63
N LEU A 358 27.53 -8.13 -17.88
CA LEU A 358 27.94 -9.52 -18.21
C LEU A 358 29.39 -9.54 -18.69
N GLY A 359 30.12 -8.43 -18.58
CA GLY A 359 31.50 -8.36 -19.08
C GLY A 359 31.54 -8.59 -20.58
N ASP A 360 32.42 -9.49 -21.04
CA ASP A 360 32.54 -9.79 -22.49
C ASP A 360 32.12 -11.24 -22.75
N LEU A 361 30.88 -11.45 -23.20
CA LEU A 361 30.36 -12.80 -23.51
C LEU A 361 30.96 -13.39 -24.80
N ASP A 362 31.07 -12.58 -25.86
CA ASP A 362 31.55 -13.09 -27.16
C ASP A 362 33.04 -12.84 -27.39
N GLN A 363 33.76 -12.26 -26.41
CA GLN A 363 35.23 -12.02 -26.52
C GLN A 363 35.50 -11.20 -27.80
N ASP A 364 34.65 -10.22 -28.09
CA ASP A 364 34.82 -9.35 -29.28
C ASP A 364 35.64 -8.12 -28.92
N GLY A 365 36.02 -8.00 -27.64
CA GLY A 365 36.78 -6.83 -27.15
C GLY A 365 35.83 -5.70 -26.75
N TYR A 366 34.52 -5.98 -26.77
CA TYR A 366 33.48 -4.99 -26.38
C TYR A 366 32.58 -5.62 -25.31
N ASN A 367 32.33 -4.88 -24.23
CA ASN A 367 31.52 -5.39 -23.08
C ASN A 367 30.03 -5.54 -23.47
N ASP A 368 29.32 -6.42 -22.75
CA ASP A 368 27.88 -6.72 -23.00
C ASP A 368 27.09 -6.55 -21.69
N VAL A 369 25.86 -6.01 -21.77
CA VAL A 369 24.99 -5.77 -20.58
C VAL A 369 23.67 -6.54 -20.71
N ALA A 370 23.25 -7.22 -19.63
CA ALA A 370 21.99 -8.01 -19.60
C ALA A 370 20.90 -7.26 -18.82
N ILE A 371 19.70 -7.17 -19.39
CA ILE A 371 18.52 -6.49 -18.75
C ILE A 371 17.38 -7.50 -18.61
N GLY A 372 16.75 -7.57 -17.44
CA GLY A 372 15.66 -8.55 -17.19
C GLY A 372 14.34 -7.93 -16.78
N ALA A 373 13.25 -8.40 -17.41
CA ALA A 373 11.87 -7.96 -17.05
C ALA A 373 11.21 -9.13 -16.32
N PRO A 374 10.90 -8.98 -15.02
CA PRO A 374 10.29 -10.06 -14.21
C PRO A 374 8.87 -10.50 -14.63
N PHE A 375 8.05 -9.57 -15.11
CA PHE A 375 6.66 -9.87 -15.52
C PHE A 375 6.56 -10.04 -17.04
N GLY A 376 7.71 -10.02 -17.73
CA GLY A 376 7.75 -10.15 -19.20
C GLY A 376 7.43 -11.56 -19.69
N GLY A 377 7.05 -11.69 -20.95
CA GLY A 377 6.70 -12.99 -21.57
C GLY A 377 5.21 -13.17 -21.77
N GLU A 378 4.84 -14.10 -22.67
CA GLU A 378 3.43 -14.40 -23.01
C GLU A 378 2.70 -14.97 -21.78
N THR A 379 3.39 -15.83 -21.01
CA THR A 379 2.81 -16.49 -19.81
C THR A 379 3.09 -15.63 -18.56
N GLN A 380 3.73 -14.47 -18.74
CA GLN A 380 4.08 -13.54 -17.64
C GLN A 380 4.98 -14.26 -16.63
N GLN A 381 5.72 -15.26 -17.13
CA GLN A 381 6.73 -16.01 -16.33
C GLN A 381 7.93 -15.09 -16.07
N GLY A 382 8.30 -14.31 -17.08
CA GLY A 382 9.46 -13.38 -17.05
C GLY A 382 10.44 -13.72 -18.15
N VAL A 383 11.41 -12.84 -18.42
CA VAL A 383 12.42 -13.07 -19.50
C VAL A 383 13.70 -12.28 -19.20
N VAL A 384 14.81 -12.65 -19.86
CA VAL A 384 16.11 -11.94 -19.65
C VAL A 384 16.64 -11.52 -21.02
N PHE A 385 17.04 -10.25 -21.17
CA PHE A 385 17.53 -9.72 -22.47
C PHE A 385 19.04 -9.41 -22.38
N VAL A 386 19.80 -9.90 -23.36
CA VAL A 386 21.28 -9.67 -23.42
C VAL A 386 21.58 -8.78 -24.64
N PHE A 387 22.31 -7.69 -24.43
CA PHE A 387 22.64 -6.75 -25.55
C PHE A 387 24.15 -6.80 -25.84
N PRO A 388 24.55 -7.02 -27.12
CA PRO A 388 25.97 -7.09 -27.48
C PRO A 388 26.68 -5.73 -27.42
N GLY A 389 27.97 -5.75 -27.06
CA GLY A 389 28.79 -4.52 -26.98
C GLY A 389 29.13 -3.97 -28.34
N GLY A 390 28.98 -2.65 -28.51
CA GLY A 390 29.30 -1.96 -29.78
C GLY A 390 30.29 -0.84 -29.53
N PRO A 391 31.39 -0.72 -30.32
CA PRO A 391 32.37 0.35 -30.06
C PRO A 391 31.74 1.74 -30.22
N GLY A 392 30.97 1.96 -31.29
CA GLY A 392 30.32 3.27 -31.48
C GLY A 392 29.27 3.54 -30.42
N GLY A 393 28.42 2.54 -30.15
CA GLY A 393 27.35 2.66 -29.13
C GLY A 393 26.77 1.30 -28.77
N LEU A 394 26.02 1.22 -27.67
CA LEU A 394 25.38 -0.06 -27.26
C LEU A 394 24.35 -0.45 -28.34
N GLY A 395 24.26 -1.74 -28.67
CA GLY A 395 23.31 -2.20 -29.71
C GLY A 395 21.89 -2.26 -29.19
N SER A 396 20.96 -1.65 -29.93
CA SER A 396 19.52 -1.61 -29.56
C SER A 396 18.90 -3.00 -29.60
N LYS A 397 19.24 -3.80 -30.61
CA LYS A 397 18.63 -5.15 -30.80
C LYS A 397 19.21 -6.15 -29.79
N PRO A 398 18.37 -7.00 -29.15
CA PRO A 398 18.85 -7.99 -28.17
C PRO A 398 19.47 -9.21 -28.84
N SER A 399 20.71 -9.55 -28.46
CA SER A 399 21.44 -10.72 -29.03
C SER A 399 20.76 -12.04 -28.67
N GLN A 400 20.31 -12.19 -27.41
CA GLN A 400 19.67 -13.48 -27.01
C GLN A 400 18.52 -13.21 -26.02
N VAL A 401 17.61 -14.18 -25.90
CA VAL A 401 16.44 -14.07 -24.96
C VAL A 401 16.43 -15.33 -24.07
N LEU A 402 16.34 -15.14 -22.75
CA LEU A 402 16.33 -16.30 -21.82
C LEU A 402 14.96 -16.38 -21.15
N GLN A 403 14.30 -17.54 -21.25
CA GLN A 403 12.96 -17.74 -20.64
C GLN A 403 12.97 -19.06 -19.85
N PRO A 404 12.12 -19.23 -18.82
CA PRO A 404 12.12 -20.46 -18.04
C PRO A 404 11.71 -21.64 -18.93
N LEU A 405 12.42 -22.77 -18.80
CA LEU A 405 12.12 -24.01 -19.57
C LEU A 405 10.89 -24.69 -18.94
N TRP A 406 10.81 -24.67 -17.61
CA TRP A 406 9.71 -25.35 -16.86
C TRP A 406 8.36 -24.66 -17.13
N ALA A 407 7.26 -25.41 -16.94
CA ALA A 407 5.89 -24.93 -17.19
C ALA A 407 5.47 -23.88 -16.15
N ALA A 408 4.52 -23.01 -16.53
CA ALA A 408 4.03 -21.92 -15.67
C ALA A 408 3.19 -22.46 -14.50
N SER A 409 3.09 -21.67 -13.42
CA SER A 409 2.33 -22.02 -12.20
C SER A 409 1.42 -20.85 -11.83
N HIS A 410 0.42 -21.07 -10.96
CA HIS A 410 -0.53 -19.99 -10.60
C HIS A 410 0.23 -18.82 -9.96
N THR A 411 1.20 -19.10 -9.08
CA THR A 411 2.01 -18.04 -8.44
C THR A 411 3.00 -17.46 -9.45
N PRO A 412 3.36 -16.15 -9.40
CA PRO A 412 4.31 -15.57 -10.35
C PRO A 412 5.71 -16.17 -10.23
N ASP A 413 6.34 -16.47 -11.37
CA ASP A 413 7.70 -17.06 -11.42
C ASP A 413 8.76 -16.08 -10.88
N PHE A 414 8.58 -14.78 -11.17
CA PHE A 414 9.53 -13.70 -10.78
C PHE A 414 10.92 -13.94 -11.39
N PHE A 415 10.96 -14.47 -12.62
CA PHE A 415 12.24 -14.76 -13.34
C PHE A 415 12.92 -13.44 -13.70
N GLY A 416 14.25 -13.37 -13.53
CA GLY A 416 15.00 -12.15 -13.87
C GLY A 416 14.97 -11.11 -12.78
N SER A 417 14.38 -11.44 -11.61
CA SER A 417 14.31 -10.48 -10.48
C SER A 417 15.73 -10.14 -10.03
N ALA A 418 16.60 -11.14 -9.95
CA ALA A 418 18.01 -10.92 -9.54
C ALA A 418 18.96 -11.50 -10.60
N LEU A 419 19.89 -10.68 -11.09
CA LEU A 419 20.87 -11.15 -12.12
C LEU A 419 22.29 -10.85 -11.67
N ARG A 420 23.18 -11.86 -11.73
CA ARG A 420 24.61 -11.69 -11.37
C ARG A 420 25.47 -12.20 -12.53
N GLY A 421 26.46 -11.41 -12.96
CA GLY A 421 27.31 -11.77 -14.11
C GLY A 421 28.68 -11.10 -14.09
N GLY A 422 29.55 -11.48 -15.03
CA GLY A 422 30.91 -10.89 -15.14
C GLY A 422 32.00 -11.71 -14.47
N ARG A 423 31.67 -12.90 -13.97
CA ARG A 423 32.66 -13.77 -13.29
C ARG A 423 32.67 -15.16 -13.94
N ASP A 424 33.86 -15.67 -14.27
CA ASP A 424 33.99 -17.00 -14.93
C ASP A 424 33.91 -18.10 -13.87
N LEU A 425 32.73 -18.73 -13.74
CA LEU A 425 32.50 -19.83 -12.76
C LEU A 425 33.15 -21.17 -13.17
N ASP A 426 33.07 -21.56 -14.44
CA ASP A 426 33.58 -22.91 -14.86
C ASP A 426 35.05 -22.88 -15.30
N GLY A 427 35.66 -21.69 -15.32
CA GLY A 427 37.07 -21.55 -15.74
C GLY A 427 37.28 -22.08 -17.14
N ASN A 428 36.29 -21.88 -18.01
CA ASN A 428 36.34 -22.33 -19.43
C ASN A 428 36.87 -21.19 -20.30
N GLY A 429 37.20 -20.04 -19.68
CA GLY A 429 37.68 -18.86 -20.40
C GLY A 429 36.52 -18.00 -20.88
N TYR A 430 35.29 -18.38 -20.52
CA TYR A 430 34.09 -17.60 -20.91
C TYR A 430 33.23 -17.32 -19.66
N PRO A 431 32.83 -16.05 -19.41
CA PRO A 431 32.02 -15.69 -18.25
C PRO A 431 30.58 -16.22 -18.33
N ASP A 432 29.97 -16.47 -17.16
CA ASP A 432 28.61 -17.05 -17.03
C ASP A 432 27.66 -16.03 -16.39
N LEU A 433 26.35 -16.25 -16.53
CA LEU A 433 25.33 -15.37 -15.89
C LEU A 433 24.39 -16.23 -15.03
N ILE A 434 24.06 -15.74 -13.83
CA ILE A 434 23.14 -16.45 -12.89
C ILE A 434 21.83 -15.67 -12.80
N VAL A 435 20.69 -16.35 -12.95
CA VAL A 435 19.34 -15.71 -12.91
C VAL A 435 18.57 -16.28 -11.72
N GLY A 436 17.92 -15.42 -10.92
CA GLY A 436 17.17 -15.91 -9.76
C GLY A 436 15.68 -15.85 -10.01
N SER A 437 14.95 -16.86 -9.51
CA SER A 437 13.46 -16.97 -9.63
C SER A 437 12.90 -17.32 -8.25
N PHE A 438 12.79 -16.33 -7.35
CA PHE A 438 12.33 -16.53 -5.96
C PHE A 438 10.88 -17.03 -5.85
N GLY A 439 10.03 -16.71 -6.83
CA GLY A 439 8.60 -17.11 -6.75
C GLY A 439 8.43 -18.62 -6.67
N VAL A 440 9.20 -19.38 -7.45
CA VAL A 440 9.11 -20.87 -7.46
C VAL A 440 10.21 -21.47 -6.56
N ASP A 441 11.03 -20.63 -5.92
CA ASP A 441 12.16 -21.09 -5.06
C ASP A 441 13.21 -21.85 -5.87
N LYS A 442 13.59 -21.33 -7.05
CA LYS A 442 14.62 -22.01 -7.89
C LYS A 442 15.65 -21.00 -8.42
N ALA A 443 16.86 -21.48 -8.75
CA ALA A 443 17.96 -20.64 -9.30
C ALA A 443 18.53 -21.32 -10.56
N VAL A 444 18.88 -20.55 -11.58
CA VAL A 444 19.40 -21.11 -12.87
C VAL A 444 20.79 -20.52 -13.18
N VAL A 445 21.72 -21.37 -13.63
CA VAL A 445 23.11 -20.95 -14.00
C VAL A 445 23.35 -21.24 -15.48
N TYR A 446 23.84 -20.25 -16.25
CA TYR A 446 24.06 -20.45 -17.70
C TYR A 446 25.54 -20.24 -18.05
N ARG A 447 26.18 -21.22 -18.70
CA ARG A 447 27.62 -21.16 -19.05
C ARG A 447 27.81 -20.88 -20.55
N GLY A 448 28.71 -19.96 -20.89
CA GLY A 448 28.99 -19.57 -22.28
C GLY A 448 29.92 -20.53 -23.01
N ARG A 449 29.49 -21.03 -24.17
CA ARG A 449 30.25 -21.96 -25.04
C ARG A 449 31.33 -21.21 -25.84
N PRO A 450 32.47 -21.86 -26.19
CA PRO A 450 33.55 -21.22 -26.95
C PRO A 450 33.06 -20.87 -28.37
N ILE A 451 33.57 -19.79 -28.96
CA ILE A 451 33.10 -19.34 -30.30
C ILE A 451 34.21 -19.52 -31.35
N VAL A 452 33.85 -20.10 -32.51
CA VAL A 452 34.80 -20.32 -33.64
C VAL A 452 34.23 -19.65 -34.90
N SER A 453 35.02 -18.80 -35.59
CA SER A 453 34.52 -18.09 -36.81
C SER A 453 35.12 -18.72 -38.06
N ALA A 454 34.35 -18.83 -39.15
CA ALA A 454 34.86 -19.48 -40.38
C ALA A 454 34.75 -18.58 -41.62
N SER A 455 35.49 -18.87 -42.70
CA SER A 455 35.42 -18.09 -43.96
C SER A 455 35.49 -19.06 -45.14
N ALA A 456 34.43 -19.11 -45.95
CA ALA A 456 34.37 -20.06 -47.10
C ALA A 456 34.53 -19.30 -48.43
N SER A 457 35.43 -19.79 -49.30
CA SER A 457 35.67 -19.15 -50.62
C SER A 457 35.72 -20.21 -51.74
N LEU A 458 34.65 -20.31 -52.52
CA LEU A 458 34.57 -21.25 -53.68
C LEU A 458 34.53 -20.45 -54.99
N THR A 459 35.47 -20.74 -55.90
CA THR A 459 35.53 -20.02 -57.21
C THR A 459 35.77 -21.02 -58.35
N ILE A 460 35.34 -20.67 -59.56
CA ILE A 460 35.44 -21.57 -60.75
C ILE A 460 36.15 -20.83 -61.89
N PHE A 461 37.23 -21.41 -62.41
CA PHE A 461 37.94 -20.80 -63.57
C PHE A 461 37.13 -20.93 -64.86
N PRO A 462 36.54 -22.11 -65.18
CA PRO A 462 35.78 -22.28 -66.42
C PRO A 462 34.29 -21.88 -66.35
N ALA A 463 34.02 -20.57 -66.25
CA ALA A 463 32.65 -20.04 -66.19
C ALA A 463 31.88 -20.30 -67.50
N MET A 464 32.53 -20.13 -68.64
CA MET A 464 31.89 -20.27 -69.97
C MET A 464 31.94 -21.73 -70.44
N PHE A 465 30.78 -22.36 -70.62
CA PHE A 465 30.70 -23.77 -71.09
C PHE A 465 30.78 -23.77 -72.62
N ASN A 466 31.70 -24.56 -73.18
CA ASN A 466 31.87 -24.60 -74.65
C ASN A 466 31.11 -25.79 -75.24
N PRO A 467 30.14 -25.56 -76.15
CA PRO A 467 29.38 -26.65 -76.77
C PRO A 467 30.23 -27.54 -77.70
N GLU A 468 31.11 -26.90 -78.47
CA GLU A 468 31.97 -27.57 -79.48
C GLU A 468 32.93 -28.59 -78.85
N GLU A 469 33.60 -28.22 -77.75
CA GLU A 469 34.62 -29.13 -77.13
C GLU A 469 34.19 -29.56 -75.72
N ARG A 470 34.33 -30.86 -75.44
CA ARG A 470 34.00 -31.44 -74.11
C ARG A 470 35.32 -31.79 -73.41
N SER A 471 35.53 -31.27 -72.20
CA SER A 471 36.78 -31.50 -71.42
C SER A 471 36.95 -32.96 -71.03
N CYS A 472 35.89 -33.61 -70.53
CA CYS A 472 36.00 -35.03 -70.11
C CYS A 472 34.92 -35.86 -70.82
N SER A 473 35.16 -37.16 -71.00
CA SER A 473 34.15 -38.03 -71.65
C SER A 473 34.00 -39.33 -70.86
N LEU A 474 33.41 -39.26 -69.67
CA LEU A 474 33.17 -40.49 -68.86
C LEU A 474 32.21 -41.38 -69.64
N GLU A 475 31.16 -40.78 -70.21
CA GLU A 475 30.17 -41.49 -71.06
C GLU A 475 30.78 -41.64 -72.46
N GLY A 476 30.28 -42.60 -73.25
CA GLY A 476 30.78 -42.82 -74.61
C GLY A 476 30.95 -41.49 -75.33
N ASN A 477 30.00 -40.58 -75.15
CA ASN A 477 30.09 -39.22 -75.74
C ASN A 477 30.66 -38.28 -74.67
N PRO A 478 31.76 -37.55 -74.96
CA PRO A 478 32.37 -36.65 -73.98
C PRO A 478 31.46 -35.46 -73.61
N VAL A 479 31.48 -35.06 -72.33
CA VAL A 479 30.65 -33.92 -71.83
C VAL A 479 31.57 -32.90 -71.13
N ALA A 480 31.50 -31.63 -71.52
CA ALA A 480 32.33 -30.57 -70.89
C ALA A 480 32.02 -30.47 -69.39
N CYS A 481 33.06 -30.33 -68.56
CA CYS A 481 32.90 -30.23 -67.08
C CYS A 481 33.70 -29.04 -66.55
N ILE A 482 33.35 -28.53 -65.35
CA ILE A 482 34.08 -27.37 -64.77
C ILE A 482 34.57 -27.72 -63.36
N ASN A 483 35.79 -27.27 -63.01
CA ASN A 483 36.40 -27.57 -61.69
C ASN A 483 36.20 -26.40 -60.73
N LEU A 484 35.66 -26.67 -59.54
CA LEU A 484 35.41 -25.62 -58.51
C LEU A 484 36.29 -25.90 -57.28
N SER A 485 37.01 -24.88 -56.81
CA SER A 485 37.89 -25.03 -55.61
C SER A 485 37.32 -24.18 -54.46
N PHE A 486 36.97 -24.83 -53.35
CA PHE A 486 36.38 -24.10 -52.18
C PHE A 486 37.35 -24.15 -50.99
N CYS A 487 37.65 -22.98 -50.41
CA CYS A 487 38.57 -22.91 -49.24
C CYS A 487 37.78 -22.44 -48.01
N LEU A 488 37.88 -23.19 -46.91
CA LEU A 488 37.16 -22.86 -45.64
C LEU A 488 38.17 -22.57 -44.53
N ASN A 489 38.05 -21.43 -43.85
CA ASN A 489 38.99 -21.08 -42.74
C ASN A 489 38.20 -20.97 -41.42
N ALA A 490 38.66 -21.66 -40.38
CA ALA A 490 37.99 -21.62 -39.06
C ALA A 490 38.96 -21.06 -38.00
N SER A 491 38.50 -20.08 -37.22
CA SER A 491 39.32 -19.45 -36.16
C SER A 491 38.58 -19.47 -34.81
N GLY A 492 39.21 -20.03 -33.77
CA GLY A 492 38.57 -20.17 -32.44
C GLY A 492 39.52 -19.79 -31.31
N LYS A 493 38.96 -19.44 -30.15
CA LYS A 493 39.78 -19.07 -28.96
C LYS A 493 39.54 -20.13 -27.88
N HIS A 494 40.63 -20.74 -27.39
CA HIS A 494 40.56 -21.82 -26.35
C HIS A 494 39.66 -22.97 -26.85
N VAL A 495 39.81 -23.35 -28.13
CA VAL A 495 39.00 -24.43 -28.77
C VAL A 495 39.97 -25.38 -29.49
N ALA A 496 39.69 -26.68 -29.43
CA ALA A 496 40.53 -27.73 -30.06
C ALA A 496 40.90 -27.33 -31.50
N ASP A 497 42.21 -27.28 -31.78
CA ASP A 497 42.74 -26.91 -33.12
C ASP A 497 41.97 -27.67 -34.20
N SER A 498 41.72 -28.96 -33.98
CA SER A 498 40.99 -29.81 -34.95
C SER A 498 39.48 -29.59 -34.80
N ILE A 499 38.83 -29.03 -35.83
CA ILE A 499 37.36 -28.77 -35.81
C ILE A 499 36.72 -29.43 -37.05
N GLY A 500 35.52 -29.99 -36.91
CA GLY A 500 34.83 -30.65 -38.02
C GLY A 500 33.74 -29.78 -38.62
N PHE A 501 33.79 -29.55 -39.94
CA PHE A 501 32.76 -28.72 -40.63
C PHE A 501 32.17 -29.49 -41.82
N THR A 502 30.83 -29.52 -41.90
CA THR A 502 30.12 -30.21 -43.01
C THR A 502 29.80 -29.19 -44.10
N VAL A 503 30.21 -29.47 -45.34
CA VAL A 503 29.96 -28.53 -46.49
C VAL A 503 29.09 -29.23 -47.53
N GLU A 504 28.02 -28.56 -47.97
CA GLU A 504 27.09 -29.11 -48.99
C GLU A 504 27.07 -28.19 -50.21
N LEU A 505 27.33 -28.74 -51.40
CA LEU A 505 27.33 -27.93 -52.66
C LEU A 505 26.08 -28.27 -53.47
N GLN A 506 25.33 -27.24 -53.90
CA GLN A 506 24.08 -27.45 -54.69
C GLN A 506 24.25 -26.85 -56.09
N LEU A 507 23.94 -27.64 -57.13
CA LEU A 507 24.04 -27.19 -58.54
C LEU A 507 22.64 -26.91 -59.07
N ASP A 508 22.41 -25.75 -59.70
CA ASP A 508 21.05 -25.41 -60.24
C ASP A 508 20.02 -25.58 -59.11
N TRP A 509 20.29 -24.97 -57.96
CA TRP A 509 19.37 -25.04 -56.78
C TRP A 509 18.05 -24.33 -57.09
N GLN A 510 18.10 -23.20 -57.78
CA GLN A 510 16.87 -22.42 -58.12
C GLN A 510 15.93 -23.28 -58.98
N LYS A 511 16.49 -24.05 -59.92
CA LYS A 511 15.69 -24.89 -60.85
C LYS A 511 15.48 -26.30 -60.27
N GLN A 512 15.98 -26.58 -59.07
CA GLN A 512 15.83 -27.93 -58.47
C GLN A 512 14.34 -28.25 -58.28
N LYS A 513 13.56 -27.27 -57.82
CA LYS A 513 12.10 -27.48 -57.58
C LYS A 513 11.35 -27.39 -58.92
N GLY A 514 10.74 -28.51 -59.34
CA GLY A 514 9.96 -28.55 -60.60
C GLY A 514 10.82 -28.27 -61.82
N GLY A 515 12.01 -28.86 -61.90
CA GLY A 515 12.90 -28.65 -63.06
C GLY A 515 13.97 -29.72 -63.15
N VAL A 516 14.77 -29.69 -64.22
CA VAL A 516 15.87 -30.68 -64.42
C VAL A 516 17.21 -29.94 -64.27
N ARG A 517 18.02 -30.36 -63.28
CA ARG A 517 19.34 -29.71 -63.04
C ARG A 517 20.24 -29.93 -64.26
N ARG A 518 20.89 -28.86 -64.72
CA ARG A 518 21.80 -28.93 -65.90
C ARG A 518 23.24 -29.03 -65.43
N ALA A 519 23.46 -29.02 -64.11
CA ALA A 519 24.83 -29.11 -63.54
C ALA A 519 24.92 -30.31 -62.59
N LEU A 520 25.92 -31.17 -62.78
CA LEU A 520 26.08 -32.37 -61.92
C LEU A 520 27.58 -32.63 -61.69
N PHE A 521 27.93 -33.35 -60.62
CA PHE A 521 29.36 -33.65 -60.33
C PHE A 521 29.92 -34.63 -61.37
N LEU A 522 31.23 -34.56 -61.62
CA LEU A 522 31.88 -35.43 -62.63
C LEU A 522 31.73 -36.91 -62.23
N ALA A 523 31.94 -37.24 -60.95
CA ALA A 523 31.84 -38.65 -60.51
C ALA A 523 30.51 -38.90 -59.78
N SER A 524 30.24 -38.11 -58.73
CA SER A 524 28.99 -38.27 -57.93
C SER A 524 27.76 -38.02 -58.80
N ARG A 525 27.82 -36.98 -59.65
CA ARG A 525 26.70 -36.60 -60.56
C ARG A 525 25.41 -36.39 -59.77
N GLN A 526 25.50 -35.71 -58.61
CA GLN A 526 24.31 -35.46 -57.75
C GLN A 526 24.13 -33.94 -57.58
N ALA A 527 22.92 -33.43 -57.81
CA ALA A 527 22.64 -31.98 -57.66
C ALA A 527 23.23 -31.45 -56.35
N THR A 528 23.06 -32.20 -55.25
CA THR A 528 23.56 -31.76 -53.92
C THR A 528 24.56 -32.78 -53.38
N LEU A 529 25.77 -32.34 -53.00
CA LEU A 529 26.81 -33.25 -52.46
C LEU A 529 27.25 -32.75 -51.08
N THR A 530 27.26 -33.64 -50.07
CA THR A 530 27.66 -33.25 -48.70
C THR A 530 29.04 -33.86 -48.39
N GLN A 531 30.02 -33.01 -48.05
CA GLN A 531 31.39 -33.48 -47.74
C GLN A 531 31.85 -32.86 -46.42
N THR A 532 32.40 -33.68 -45.51
CA THR A 532 32.88 -33.19 -44.19
C THR A 532 34.41 -33.19 -44.19
N LEU A 533 35.02 -32.03 -43.92
CA LEU A 533 36.50 -31.90 -43.90
C LEU A 533 36.94 -31.32 -42.56
N LEU A 534 37.93 -31.96 -41.91
CA LEU A 534 38.46 -31.47 -40.61
C LEU A 534 39.28 -30.21 -40.85
N ILE A 535 38.95 -29.11 -40.15
CA ILE A 535 39.67 -27.82 -40.35
C ILE A 535 40.51 -27.53 -39.10
N GLN A 536 41.81 -27.23 -39.29
CA GLN A 536 42.72 -26.91 -38.16
C GLN A 536 42.93 -25.40 -38.11
N ASN A 537 42.79 -24.81 -36.91
CA ASN A 537 42.97 -23.34 -36.75
C ASN A 537 44.40 -22.97 -37.16
N GLY A 538 45.37 -23.83 -36.81
CA GLY A 538 46.78 -23.58 -37.15
C GLY A 538 47.02 -23.52 -38.65
N ALA A 539 46.37 -24.40 -39.42
CA ALA A 539 46.54 -24.41 -40.90
C ALA A 539 46.04 -23.08 -41.46
N ARG A 540 46.82 -22.47 -42.38
CA ARG A 540 46.43 -21.16 -42.97
C ARG A 540 45.14 -21.28 -43.77
N GLU A 541 45.02 -22.33 -44.61
CA GLU A 541 43.80 -22.53 -45.44
C GLU A 541 43.67 -24.00 -45.86
N ASP A 542 42.46 -24.42 -46.22
CA ASP A 542 42.16 -25.78 -46.70
C ASP A 542 41.36 -25.68 -48.01
N CYS A 543 41.76 -26.41 -49.05
CA CYS A 543 41.01 -26.34 -50.34
C CYS A 543 41.02 -27.69 -51.06
N ARG A 544 39.83 -28.19 -51.42
CA ARG A 544 39.69 -29.48 -52.16
C ARG A 544 39.16 -29.18 -53.57
N GLU A 545 39.83 -29.72 -54.60
CA GLU A 545 39.44 -29.45 -56.01
C GLU A 545 38.59 -30.60 -56.55
N MET A 546 37.35 -30.29 -56.93
CA MET A 546 36.41 -31.31 -57.50
C MET A 546 36.00 -30.86 -58.91
N LYS A 547 35.27 -31.72 -59.62
CA LYS A 547 34.84 -31.36 -61.00
C LYS A 547 33.31 -31.54 -61.16
N ILE A 548 32.64 -30.56 -61.76
CA ILE A 548 31.17 -30.65 -62.01
C ILE A 548 30.94 -30.49 -63.51
N TYR A 549 30.35 -31.50 -64.16
CA TYR A 549 30.13 -31.46 -65.63
C TYR A 549 28.77 -30.85 -65.98
N LEU A 550 28.62 -30.55 -67.27
CA LEU A 550 27.40 -29.98 -67.90
C LEU A 550 26.88 -31.03 -68.89
N ARG A 551 25.62 -31.42 -68.78
CA ARG A 551 25.02 -32.47 -69.65
C ARG A 551 25.25 -32.15 -71.13
N ASN A 552 25.85 -33.10 -71.87
CA ASN A 552 26.08 -32.99 -73.33
C ASN A 552 24.72 -32.99 -74.05
N GLU A 553 23.73 -33.69 -73.47
CA GLU A 553 22.38 -33.83 -74.06
C GLU A 553 21.74 -32.45 -74.29
N SER A 554 21.16 -32.31 -75.48
CA SER A 554 20.44 -31.13 -76.03
C SER A 554 18.98 -31.14 -75.56
N GLU A 555 18.65 -32.00 -74.59
CA GLU A 555 17.27 -32.14 -74.07
C GLU A 555 16.80 -30.80 -73.49
N PHE A 556 17.65 -30.09 -72.74
CA PHE A 556 17.22 -28.80 -72.17
C PHE A 556 16.90 -27.82 -73.31
N ARG A 557 15.77 -27.10 -73.18
CA ARG A 557 15.29 -26.15 -74.22
C ARG A 557 16.29 -25.01 -74.42
N ASP A 558 16.78 -24.41 -73.31
CA ASP A 558 17.69 -23.24 -73.45
C ASP A 558 19.08 -23.53 -72.86
N LYS A 559 20.06 -23.78 -73.74
CA LYS A 559 21.47 -24.03 -73.34
C LYS A 559 22.04 -22.76 -72.70
N LEU A 560 21.68 -21.60 -73.27
CA LEU A 560 22.19 -20.27 -72.82
C LEU A 560 21.80 -19.99 -71.37
N SER A 561 20.58 -20.37 -70.97
CA SER A 561 20.05 -20.15 -69.59
C SER A 561 21.12 -20.50 -68.53
N PRO A 562 21.51 -19.53 -67.67
CA PRO A 562 22.55 -19.77 -66.66
C PRO A 562 22.14 -20.77 -65.56
N ILE A 563 23.14 -21.35 -64.88
CA ILE A 563 22.91 -22.35 -63.80
C ILE A 563 23.47 -21.76 -62.49
N HIS A 564 22.68 -21.76 -61.41
CA HIS A 564 23.18 -21.18 -60.14
C HIS A 564 23.84 -22.25 -59.28
N ILE A 565 24.96 -21.91 -58.63
CA ILE A 565 25.69 -22.87 -57.75
C ILE A 565 25.56 -22.37 -56.30
N ALA A 566 25.70 -23.25 -55.30
CA ALA A 566 25.53 -22.79 -53.91
C ALA A 566 26.26 -23.74 -52.93
N LEU A 567 27.17 -23.18 -52.14
CA LEU A 567 27.94 -23.99 -51.16
C LEU A 567 27.72 -23.43 -49.76
N ASN A 568 27.30 -24.28 -48.81
CA ASN A 568 27.03 -23.86 -47.39
C ASN A 568 27.84 -24.72 -46.41
N PHE A 569 28.44 -24.12 -45.38
CA PHE A 569 29.23 -24.89 -44.39
C PHE A 569 28.67 -24.66 -42.98
N SER A 570 28.35 -25.74 -42.28
CA SER A 570 27.83 -25.65 -40.89
C SER A 570 28.72 -26.46 -39.94
N LEU A 571 28.56 -26.26 -38.63
CA LEU A 571 29.34 -26.98 -37.60
C LEU A 571 28.85 -28.42 -37.49
N ASP A 572 29.80 -29.38 -37.50
CA ASP A 572 29.46 -30.82 -37.41
C ASP A 572 28.66 -31.09 -36.12
N PRO A 573 27.45 -31.67 -36.19
CA PRO A 573 26.64 -31.95 -35.00
C PRO A 573 26.91 -33.33 -34.39
N GLN A 574 28.00 -33.98 -34.81
CA GLN A 574 28.36 -35.33 -34.29
C GLN A 574 29.66 -35.23 -33.48
N ALA A 575 29.63 -35.70 -32.23
CA ALA A 575 30.80 -35.66 -31.33
C ALA A 575 31.40 -34.25 -31.30
N PRO A 576 30.61 -33.21 -30.99
CA PRO A 576 31.13 -31.86 -30.78
C PRO A 576 31.53 -31.71 -29.30
N VAL A 577 31.30 -32.76 -28.50
CA VAL A 577 31.58 -32.78 -27.03
C VAL A 577 33.07 -32.57 -26.78
N ASP A 578 33.39 -31.82 -25.72
CA ASP A 578 34.78 -31.48 -25.30
C ASP A 578 34.94 -31.77 -23.81
N SER A 579 36.17 -31.67 -23.29
CA SER A 579 36.47 -31.94 -21.86
C SER A 579 35.67 -30.98 -20.97
N HIS A 580 35.55 -29.70 -21.38
CA HIS A 580 34.77 -28.68 -20.65
C HIS A 580 33.29 -29.08 -20.58
N GLY A 581 32.77 -29.70 -21.66
CA GLY A 581 31.36 -30.12 -21.72
C GLY A 581 30.48 -29.12 -22.45
N LEU A 582 31.09 -28.07 -23.02
CA LEU A 582 30.31 -27.06 -23.78
C LEU A 582 30.62 -27.24 -25.27
N ARG A 583 29.58 -27.42 -26.10
CA ARG A 583 29.76 -27.64 -27.55
C ARG A 583 30.26 -26.35 -28.22
N PRO A 584 31.08 -26.44 -29.30
CA PRO A 584 31.59 -25.26 -29.99
C PRO A 584 30.47 -24.53 -30.71
N ALA A 585 30.55 -23.20 -30.77
CA ALA A 585 29.54 -22.35 -31.45
C ALA A 585 30.20 -21.62 -32.63
N LEU A 586 29.38 -21.05 -33.52
CA LEU A 586 29.89 -20.31 -34.72
C LEU A 586 29.35 -18.88 -34.70
N HIS A 587 30.23 -17.89 -34.91
CA HIS A 587 29.80 -16.46 -34.91
C HIS A 587 28.73 -16.25 -35.97
N TYR A 588 27.65 -15.53 -35.62
CA TYR A 588 26.52 -15.30 -36.55
C TYR A 588 26.97 -14.46 -37.76
N GLN A 589 27.79 -13.42 -37.54
CA GLN A 589 28.22 -12.55 -38.66
C GLN A 589 28.95 -13.37 -39.73
N SER A 590 29.83 -14.28 -39.31
CA SER A 590 30.57 -15.13 -40.29
C SER A 590 29.57 -15.83 -41.21
N LYS A 591 29.62 -15.48 -42.51
CA LYS A 591 28.70 -16.03 -43.55
C LYS A 591 29.00 -17.52 -43.77
N SER A 592 28.04 -18.38 -43.47
CA SER A 592 28.21 -19.85 -43.66
C SER A 592 27.65 -20.28 -45.02
N ARG A 593 27.12 -19.33 -45.80
CA ARG A 593 26.51 -19.65 -47.12
C ARG A 593 27.20 -18.86 -48.24
N ILE A 594 27.51 -19.53 -49.35
CA ILE A 594 28.14 -18.88 -50.55
C ILE A 594 27.39 -19.35 -51.81
N GLU A 595 27.08 -18.42 -52.72
CA GLU A 595 26.34 -18.75 -53.96
C GLU A 595 27.17 -18.41 -55.20
N ASP A 596 27.16 -19.30 -56.20
CA ASP A 596 27.90 -19.11 -57.48
C ASP A 596 26.90 -19.04 -58.64
N LYS A 597 27.37 -18.84 -59.88
CA LYS A 597 26.48 -18.74 -61.06
C LYS A 597 27.26 -18.96 -62.36
N ALA A 598 26.74 -19.80 -63.27
CA ALA A 598 27.41 -20.10 -64.55
C ALA A 598 26.44 -19.95 -65.73
N GLN A 599 26.96 -19.70 -66.93
CA GLN A 599 26.12 -19.52 -68.15
C GLN A 599 26.80 -20.20 -69.35
N ILE A 600 26.04 -20.45 -70.41
CA ILE A 600 26.58 -21.11 -71.65
C ILE A 600 26.27 -20.21 -72.86
N LEU A 601 27.04 -20.36 -73.93
CA LEU A 601 26.87 -19.52 -75.15
C LEU A 601 26.35 -20.40 -76.30
N LEU A 602 25.13 -20.14 -76.77
CA LEU A 602 24.52 -20.91 -77.88
C LEU A 602 24.23 -19.98 -79.06
N ASP A 603 24.65 -20.38 -80.27
CA ASP A 603 24.44 -19.56 -81.49
C ASP A 603 23.09 -19.94 -82.12
N ASN B 5 -50.51 0.92 -72.00
CA ASN B 5 -49.84 1.31 -70.74
C ASN B 5 -50.04 0.21 -69.69
N ARG B 6 -49.48 0.40 -68.49
CA ARG B 6 -49.60 -0.60 -67.40
C ARG B 6 -51.05 -0.75 -66.96
N CYS B 7 -51.79 0.37 -66.92
CA CYS B 7 -53.22 0.35 -66.52
C CYS B 7 -53.98 -0.58 -67.46
N LEU B 8 -53.77 -0.41 -68.77
CA LEU B 8 -54.44 -1.27 -69.79
C LEU B 8 -54.01 -2.72 -69.54
N LYS B 9 -52.73 -2.91 -69.22
CA LYS B 9 -52.11 -4.25 -68.99
C LYS B 9 -52.48 -4.76 -67.60
N ALA B 10 -53.18 -3.94 -66.81
CA ALA B 10 -53.61 -4.31 -65.44
C ALA B 10 -54.58 -5.49 -65.50
N ASN B 11 -55.50 -5.48 -66.47
CA ASN B 11 -56.53 -6.54 -66.64
C ASN B 11 -57.33 -6.69 -65.35
N ALA B 12 -57.78 -5.55 -64.83
CA ALA B 12 -58.57 -5.38 -63.59
C ALA B 12 -59.99 -5.92 -63.81
N LYS B 13 -60.46 -6.78 -62.91
CA LYS B 13 -61.84 -7.33 -62.99
C LYS B 13 -62.82 -6.22 -62.59
N SER B 14 -62.47 -5.46 -61.56
CA SER B 14 -63.31 -4.34 -61.05
C SER B 14 -62.50 -3.05 -60.96
N CYS B 15 -63.14 -1.95 -60.53
CA CYS B 15 -62.45 -0.63 -60.43
C CYS B 15 -61.36 -0.69 -59.37
N GLY B 16 -61.61 -1.38 -58.25
CA GLY B 16 -60.63 -1.45 -57.15
C GLY B 16 -59.27 -1.96 -57.58
N GLU B 17 -59.25 -2.97 -58.47
CA GLU B 17 -57.97 -3.58 -58.94
C GLU B 17 -57.12 -2.52 -59.64
N CYS B 18 -57.75 -1.65 -60.45
CA CYS B 18 -57.05 -0.56 -61.18
C CYS B 18 -56.15 0.20 -60.18
N ILE B 19 -56.77 0.83 -59.18
CA ILE B 19 -56.08 1.55 -58.07
C ILE B 19 -54.98 0.66 -57.49
N GLN B 20 -55.27 -0.62 -57.26
CA GLN B 20 -54.26 -1.57 -56.72
C GLN B 20 -53.11 -1.72 -57.73
N ALA B 21 -53.46 -1.80 -59.02
CA ALA B 21 -52.47 -1.99 -60.12
C ALA B 21 -51.54 -0.77 -60.27
N GLY B 22 -52.08 0.45 -60.26
CA GLY B 22 -51.23 1.66 -60.41
C GLY B 22 -51.78 2.86 -59.67
N PRO B 23 -51.01 3.96 -59.56
CA PRO B 23 -51.45 5.19 -58.87
C PRO B 23 -52.29 6.07 -59.80
N ASN B 24 -51.72 6.44 -60.96
CA ASN B 24 -52.40 7.30 -61.97
C ASN B 24 -53.63 6.57 -62.51
N CYS B 25 -53.51 5.25 -62.68
CA CYS B 25 -54.60 4.37 -63.21
C CYS B 25 -55.96 4.78 -62.63
N GLY B 26 -56.88 5.14 -63.53
CA GLY B 26 -58.25 5.60 -63.20
C GLY B 26 -59.28 4.64 -63.76
N TRP B 27 -60.50 4.64 -63.22
CA TRP B 27 -61.53 3.67 -63.68
C TRP B 27 -62.85 4.37 -64.05
N CYS B 28 -63.44 4.00 -65.20
CA CYS B 28 -64.73 4.60 -65.63
C CYS B 28 -65.82 3.52 -65.56
N THR B 29 -66.87 3.77 -64.78
CA THR B 29 -67.99 2.79 -64.62
C THR B 29 -69.13 3.11 -65.59
N ASN B 30 -69.03 4.21 -66.34
CA ASN B 30 -70.09 4.61 -67.30
C ASN B 30 -70.22 3.54 -68.38
N SER B 31 -69.08 3.03 -68.86
CA SER B 31 -69.02 1.99 -69.92
C SER B 31 -69.44 2.53 -71.30
N THR B 32 -69.47 3.85 -71.47
CA THR B 32 -69.83 4.47 -72.77
C THR B 32 -68.55 4.48 -73.63
N PHE B 33 -67.44 4.82 -73.00
CA PHE B 33 -66.10 4.84 -73.67
C PHE B 33 -65.59 3.42 -73.90
N LEU B 34 -65.70 2.58 -72.86
CA LEU B 34 -65.20 1.17 -72.94
C LEU B 34 -66.01 0.41 -74.00
N GLN B 35 -65.32 -0.33 -74.86
CA GLN B 35 -65.98 -1.16 -75.91
C GLN B 35 -66.64 -2.36 -75.21
N GLU B 36 -67.83 -2.77 -75.68
CA GLU B 36 -68.55 -3.91 -75.05
C GLU B 36 -67.70 -5.18 -75.19
N GLY B 37 -67.09 -5.38 -76.36
CA GLY B 37 -66.22 -6.55 -76.60
C GLY B 37 -65.00 -6.54 -75.70
N MET B 38 -64.39 -5.35 -75.53
CA MET B 38 -63.18 -5.18 -74.68
C MET B 38 -63.51 -5.50 -73.22
N PRO B 39 -62.59 -6.14 -72.46
CA PRO B 39 -62.84 -6.47 -71.04
C PRO B 39 -62.77 -5.23 -70.13
N THR B 40 -63.28 -5.36 -68.91
CA THR B 40 -63.30 -4.23 -67.94
C THR B 40 -61.86 -3.70 -67.78
N SER B 41 -60.89 -4.43 -68.35
CA SER B 41 -59.44 -4.07 -68.31
C SER B 41 -59.21 -2.73 -69.02
N ALA B 42 -59.92 -2.52 -70.15
CA ALA B 42 -59.80 -1.30 -70.96
C ALA B 42 -60.26 -0.05 -70.18
N ARG B 43 -61.23 -0.20 -69.27
CA ARG B 43 -61.73 0.94 -68.46
C ARG B 43 -60.55 1.52 -67.66
N CYS B 44 -59.72 0.67 -67.07
CA CYS B 44 -58.53 1.12 -66.29
C CYS B 44 -57.57 1.81 -67.27
N ASP B 45 -57.11 3.02 -66.93
CA ASP B 45 -56.20 3.81 -67.81
C ASP B 45 -55.70 5.06 -67.08
N ASP B 46 -54.74 5.76 -67.68
CA ASP B 46 -54.15 7.03 -67.15
C ASP B 46 -55.24 8.10 -67.09
N LEU B 47 -55.21 8.96 -66.07
CA LEU B 47 -56.23 10.03 -65.89
C LEU B 47 -56.30 10.82 -67.20
N GLU B 48 -55.14 11.18 -67.77
CA GLU B 48 -55.06 11.85 -69.09
C GLU B 48 -55.59 10.88 -70.16
N ALA B 49 -55.22 9.60 -70.12
CA ALA B 49 -55.63 8.62 -71.15
C ALA B 49 -57.14 8.35 -71.09
N LEU B 50 -57.79 8.74 -69.98
CA LEU B 50 -59.26 8.53 -69.84
C LEU B 50 -59.98 9.77 -70.38
N LYS B 51 -59.54 10.95 -69.94
CA LYS B 51 -60.11 12.26 -70.38
C LYS B 51 -60.03 12.34 -71.90
N LYS B 52 -58.91 11.85 -72.48
CA LYS B 52 -58.69 11.84 -73.95
C LYS B 52 -59.77 10.99 -74.62
N LYS B 53 -60.11 9.85 -74.01
CA LYS B 53 -61.14 8.93 -74.58
C LYS B 53 -62.53 9.56 -74.45
N GLY B 54 -62.62 10.72 -73.78
CA GLY B 54 -63.90 11.44 -73.62
C GLY B 54 -64.69 10.95 -72.43
N CYS B 55 -64.12 10.08 -71.60
CA CYS B 55 -64.82 9.57 -70.40
C CYS B 55 -65.13 10.75 -69.47
N PRO B 56 -66.33 10.83 -68.86
CA PRO B 56 -66.69 11.94 -67.98
C PRO B 56 -65.77 12.02 -66.74
N PRO B 57 -65.36 13.22 -66.30
CA PRO B 57 -64.48 13.35 -65.12
C PRO B 57 -65.17 12.86 -63.84
N ASP B 58 -66.46 13.17 -63.68
CA ASP B 58 -67.23 12.74 -62.49
C ASP B 58 -67.31 11.21 -62.45
N ASP B 59 -67.53 10.58 -63.62
CA ASP B 59 -67.62 9.11 -63.72
C ASP B 59 -66.29 8.49 -63.31
N ILE B 60 -65.17 9.08 -63.76
CA ILE B 60 -63.81 8.56 -63.43
C ILE B 60 -63.60 8.69 -61.92
N GLU B 61 -63.01 7.66 -61.30
CA GLU B 61 -62.74 7.68 -59.83
C GLU B 61 -61.23 7.63 -59.61
N ASN B 62 -60.69 8.58 -58.83
CA ASN B 62 -59.24 8.62 -58.54
C ASN B 62 -59.05 8.95 -57.05
N PRO B 63 -59.39 8.05 -56.11
CA PRO B 63 -59.24 8.34 -54.68
C PRO B 63 -57.78 8.55 -54.30
N ARG B 64 -57.54 9.57 -53.46
CA ARG B 64 -56.20 9.93 -52.94
C ARG B 64 -56.35 10.33 -51.46
N GLY B 65 -55.24 10.41 -50.73
CA GLY B 65 -55.30 10.77 -49.30
C GLY B 65 -54.49 12.02 -48.98
N SER B 66 -54.90 12.76 -47.95
CA SER B 66 -54.22 14.00 -47.53
C SER B 66 -53.62 13.80 -46.13
N LYS B 67 -52.34 14.12 -45.97
CA LYS B 67 -51.63 13.95 -44.67
C LYS B 67 -52.27 14.88 -43.63
N ASP B 68 -52.67 14.33 -42.48
CA ASP B 68 -53.30 15.15 -41.40
C ASP B 68 -53.05 14.51 -40.04
N ILE B 69 -52.30 15.21 -39.18
CA ILE B 69 -51.99 14.72 -37.80
C ILE B 69 -53.20 15.00 -36.90
N LYS B 70 -53.76 13.94 -36.32
CA LYS B 70 -54.96 14.04 -35.44
C LYS B 70 -54.63 14.85 -34.18
N LYS B 71 -53.46 14.61 -33.57
CA LYS B 71 -53.09 15.32 -32.32
C LYS B 71 -51.73 16.02 -32.48
N ASN B 72 -51.64 17.29 -32.06
CA ASN B 72 -50.37 18.07 -32.17
C ASN B 72 -50.07 18.70 -30.80
N LYS B 73 -48.92 18.38 -30.22
CA LYS B 73 -48.53 18.94 -28.89
C LYS B 73 -47.26 19.78 -29.03
N ASN B 74 -47.35 21.08 -28.66
CA ASN B 74 -46.20 22.02 -28.75
C ASN B 74 -45.11 21.61 -27.74
N VAL B 75 -43.85 21.64 -28.17
CA VAL B 75 -42.68 21.28 -27.31
C VAL B 75 -42.48 22.38 -26.26
N THR B 76 -42.08 22.00 -25.04
CA THR B 76 -41.84 22.96 -23.93
C THR B 76 -40.60 23.81 -24.26
N ASN B 77 -40.75 25.14 -24.20
CA ASN B 77 -39.64 26.08 -24.50
C ASN B 77 -38.59 26.01 -23.39
N ARG B 78 -39.02 25.95 -22.14
CA ARG B 78 -38.11 25.88 -20.96
C ARG B 78 -37.15 24.69 -21.11
N SER B 79 -37.69 23.52 -21.49
CA SER B 79 -36.88 22.29 -21.66
C SER B 79 -36.10 21.98 -20.39
N LYS B 80 -36.75 22.06 -19.22
CA LYS B 80 -36.13 21.80 -17.90
C LYS B 80 -34.91 22.71 -17.69
N GLY B 81 -35.06 23.99 -18.06
CA GLY B 81 -33.97 24.98 -17.91
C GLY B 81 -33.52 25.10 -16.46
N THR B 82 -32.19 25.13 -16.24
CA THR B 82 -31.55 25.29 -14.90
C THR B 82 -31.93 24.14 -13.96
N ALA B 83 -32.01 22.91 -14.50
CA ALA B 83 -32.32 21.70 -13.70
C ALA B 83 -33.65 21.86 -12.95
N GLU B 84 -34.68 22.42 -13.60
CA GLU B 84 -36.01 22.62 -12.95
C GLU B 84 -37.09 21.91 -13.78
N LYS B 85 -37.78 20.94 -13.19
CA LYS B 85 -38.84 20.16 -13.90
C LYS B 85 -40.23 20.52 -13.34
N LEU B 86 -41.15 20.91 -14.23
CA LEU B 86 -42.54 21.24 -13.80
C LEU B 86 -43.27 19.93 -13.44
N LYS B 87 -43.34 19.00 -14.40
CA LYS B 87 -44.01 17.69 -14.18
C LYS B 87 -43.53 16.71 -15.26
N PRO B 88 -43.70 15.38 -15.09
CA PRO B 88 -43.26 14.41 -16.09
C PRO B 88 -44.13 14.44 -17.35
N GLU B 89 -45.46 14.46 -17.17
CA GLU B 89 -46.41 14.50 -18.32
C GLU B 89 -46.37 15.87 -19.00
N ASP B 90 -46.11 16.92 -18.24
CA ASP B 90 -46.09 18.31 -18.80
C ASP B 90 -45.00 18.47 -19.86
N ILE B 91 -43.82 17.89 -19.64
CA ILE B 91 -42.70 18.01 -20.63
C ILE B 91 -43.01 17.12 -21.85
N HIS B 92 -42.77 17.64 -23.06
CA HIS B 92 -43.03 16.86 -24.30
C HIS B 92 -41.74 16.74 -25.13
N GLN B 93 -41.36 15.52 -25.48
CA GLN B 93 -40.13 15.26 -26.29
C GLN B 93 -40.50 14.99 -27.75
N ILE B 94 -41.80 15.02 -28.08
CA ILE B 94 -42.27 14.75 -29.47
C ILE B 94 -43.43 15.69 -29.80
N GLN B 95 -43.40 16.33 -30.98
CA GLN B 95 -44.49 17.26 -31.37
C GLN B 95 -45.68 16.45 -31.90
N PRO B 96 -45.57 15.77 -33.07
CA PRO B 96 -46.67 14.97 -33.61
C PRO B 96 -46.80 13.64 -32.87
N GLN B 97 -47.42 13.67 -31.68
CA GLN B 97 -47.60 12.45 -30.85
C GLN B 97 -48.43 11.40 -31.60
N GLN B 98 -49.74 11.65 -31.75
CA GLN B 98 -50.65 10.71 -32.46
C GLN B 98 -51.10 11.34 -33.78
N LEU B 99 -50.99 10.59 -34.88
CA LEU B 99 -51.40 11.11 -36.22
C LEU B 99 -52.27 10.06 -36.93
N VAL B 100 -53.05 10.50 -37.92
CA VAL B 100 -53.96 9.62 -38.70
C VAL B 100 -53.71 9.89 -40.19
N LEU B 101 -53.49 8.83 -40.98
CA LEU B 101 -53.20 9.01 -42.43
C LEU B 101 -53.88 7.91 -43.26
N ARG B 102 -54.11 8.17 -44.55
CA ARG B 102 -54.73 7.18 -45.47
C ARG B 102 -53.71 6.87 -46.57
N LEU B 103 -53.36 5.60 -46.81
CA LEU B 103 -52.32 5.29 -47.81
C LEU B 103 -52.91 4.73 -49.11
N ARG B 104 -52.68 5.45 -50.22
CA ARG B 104 -53.14 5.04 -51.57
C ARG B 104 -51.91 4.63 -52.38
N SER B 105 -52.01 3.57 -53.18
CA SER B 105 -50.86 3.09 -54.00
C SER B 105 -50.34 4.21 -54.92
N GLY B 106 -49.06 4.54 -54.81
CA GLY B 106 -48.43 5.58 -55.65
C GLY B 106 -48.56 6.97 -55.07
N GLU B 107 -49.11 7.06 -53.86
CA GLU B 107 -49.33 8.34 -53.13
C GLU B 107 -48.62 8.30 -51.78
N PRO B 108 -47.27 8.19 -51.72
CA PRO B 108 -46.54 8.16 -50.45
C PRO B 108 -46.84 9.42 -49.62
N GLN B 109 -47.16 9.25 -48.34
CA GLN B 109 -47.46 10.40 -47.44
C GLN B 109 -46.29 10.64 -46.49
N THR B 110 -45.70 11.84 -46.54
CA THR B 110 -44.54 12.18 -45.67
C THR B 110 -44.96 13.20 -44.60
N PHE B 111 -44.62 12.92 -43.33
CA PHE B 111 -44.91 13.83 -42.19
C PHE B 111 -43.58 14.32 -41.60
N THR B 112 -43.64 15.31 -40.72
CA THR B 112 -42.42 15.87 -40.08
C THR B 112 -42.47 15.63 -38.57
N LEU B 113 -41.43 15.01 -38.01
CA LEU B 113 -41.36 14.70 -36.56
C LEU B 113 -40.24 15.54 -35.92
N LYS B 114 -40.56 16.30 -34.87
CA LYS B 114 -39.54 17.15 -34.18
C LYS B 114 -39.36 16.65 -32.74
N PHE B 115 -38.12 16.35 -32.36
CA PHE B 115 -37.80 15.83 -31.00
C PHE B 115 -36.98 16.87 -30.21
N LYS B 116 -37.50 17.30 -29.06
CA LYS B 116 -36.80 18.28 -28.19
C LYS B 116 -36.59 17.66 -26.80
N ARG B 117 -35.35 17.66 -26.31
CA ARG B 117 -35.01 17.04 -24.99
C ARG B 117 -35.46 17.96 -23.85
N ALA B 118 -36.45 17.53 -23.06
CA ALA B 118 -36.95 18.35 -21.94
C ALA B 118 -36.60 17.70 -20.60
N GLU B 119 -35.54 16.88 -20.57
CA GLU B 119 -35.14 16.17 -19.33
C GLU B 119 -33.63 16.32 -19.09
N ASP B 120 -33.18 15.90 -17.90
CA ASP B 120 -31.74 15.96 -17.49
C ASP B 120 -31.29 14.55 -17.12
N TYR B 121 -30.12 14.13 -17.64
CA TYR B 121 -29.59 12.77 -17.39
C TYR B 121 -29.26 12.58 -15.91
N PRO B 122 -29.55 11.41 -15.30
CA PRO B 122 -29.24 11.16 -13.88
C PRO B 122 -27.72 11.11 -13.66
N ILE B 123 -27.25 11.59 -12.50
CA ILE B 123 -25.78 11.61 -12.19
C ILE B 123 -25.51 10.91 -10.85
N ASP B 124 -24.46 10.09 -10.80
CA ASP B 124 -24.04 9.37 -9.57
C ASP B 124 -22.69 9.93 -9.13
N LEU B 125 -22.55 10.26 -7.84
CA LEU B 125 -21.29 10.86 -7.32
C LEU B 125 -20.84 10.12 -6.04
N TYR B 126 -19.55 9.80 -5.94
CA TYR B 126 -18.98 9.10 -4.77
C TYR B 126 -17.92 10.01 -4.15
N TYR B 127 -18.00 10.20 -2.82
CA TYR B 127 -17.05 11.10 -2.11
C TYR B 127 -16.04 10.29 -1.30
N LEU B 128 -14.75 10.49 -1.57
CA LEU B 128 -13.66 9.79 -0.84
C LEU B 128 -12.87 10.85 -0.07
N MET B 129 -12.76 10.70 1.26
CA MET B 129 -12.07 11.71 2.09
C MET B 129 -10.95 11.07 2.91
N ASP B 130 -9.75 11.69 2.91
CA ASP B 130 -8.56 11.22 3.68
C ASP B 130 -8.77 11.52 5.18
N LEU B 131 -8.40 10.57 6.05
CA LEU B 131 -8.58 10.74 7.53
C LEU B 131 -7.24 10.72 8.29
N SER B 132 -6.14 11.05 7.63
CA SER B 132 -4.83 11.04 8.33
C SER B 132 -4.88 12.05 9.47
N TYR B 133 -3.87 12.06 10.38
CA TYR B 133 -3.90 12.87 11.64
C TYR B 133 -3.52 14.29 11.34
N SER B 134 -2.90 14.47 10.17
CA SER B 134 -2.43 15.79 9.68
C SER B 134 -3.60 16.58 9.07
N MET B 135 -4.74 15.93 8.90
CA MET B 135 -5.95 16.58 8.30
C MET B 135 -6.88 17.05 9.42
N LYS B 136 -6.39 17.02 10.67
CA LYS B 136 -7.21 17.45 11.83
C LYS B 136 -7.61 18.91 11.65
N ASP B 137 -6.68 19.74 11.16
CA ASP B 137 -6.99 21.19 10.93
C ASP B 137 -8.00 21.37 9.79
N ASP B 138 -7.82 20.62 8.69
CA ASP B 138 -8.68 20.73 7.49
C ASP B 138 -9.98 19.93 7.65
N LEU B 139 -10.09 19.13 8.72
CA LEU B 139 -11.30 18.29 8.89
C LEU B 139 -12.57 19.13 8.76
N GLU B 140 -12.58 20.34 9.32
CA GLU B 140 -13.79 21.21 9.26
C GLU B 140 -14.13 21.54 7.81
N ASN B 141 -13.13 21.89 7.00
CA ASN B 141 -13.34 22.23 5.57
C ASN B 141 -13.96 21.03 4.83
N VAL B 142 -13.40 19.83 5.03
CA VAL B 142 -13.90 18.61 4.33
C VAL B 142 -15.36 18.32 4.71
N LYS B 143 -15.69 18.41 6.00
CA LYS B 143 -17.08 18.12 6.46
C LYS B 143 -18.06 19.14 5.85
N SER B 144 -17.70 20.41 5.84
CA SER B 144 -18.56 21.49 5.29
C SER B 144 -18.77 21.29 3.78
N LEU B 145 -17.70 20.92 3.07
CA LEU B 145 -17.74 20.74 1.59
C LEU B 145 -18.80 19.70 1.19
N GLY B 146 -18.90 18.59 1.93
CA GLY B 146 -19.86 17.52 1.64
C GLY B 146 -21.29 18.01 1.54
N THR B 147 -21.75 18.75 2.56
CA THR B 147 -23.14 19.28 2.57
C THR B 147 -23.36 20.23 1.40
N ASP B 148 -22.38 21.09 1.11
CA ASP B 148 -22.47 22.07 0.00
C ASP B 148 -22.59 21.32 -1.33
N LEU B 149 -21.80 20.25 -1.48
CA LEU B 149 -21.78 19.40 -2.71
C LEU B 149 -23.17 18.79 -2.93
N MET B 150 -23.78 18.24 -1.87
CA MET B 150 -25.12 17.60 -1.98
C MET B 150 -26.16 18.63 -2.40
N ASN B 151 -26.09 19.85 -1.85
CA ASN B 151 -27.08 20.91 -2.19
C ASN B 151 -26.96 21.22 -3.69
N GLU B 152 -25.74 21.28 -4.22
CA GLU B 152 -25.51 21.55 -5.66
C GLU B 152 -26.13 20.44 -6.50
N MET B 153 -26.02 19.19 -6.05
CA MET B 153 -26.56 18.03 -6.80
C MET B 153 -28.07 18.18 -6.96
N ARG B 154 -28.77 18.60 -5.89
CA ARG B 154 -30.25 18.78 -5.95
C ARG B 154 -30.59 19.88 -6.97
N ARG B 155 -29.84 20.98 -6.96
CA ARG B 155 -30.05 22.10 -7.93
C ARG B 155 -29.69 21.65 -9.35
N ILE B 156 -28.59 20.92 -9.51
CA ILE B 156 -28.09 20.47 -10.85
C ILE B 156 -29.08 19.50 -11.53
N THR B 157 -29.62 18.53 -10.80
CA THR B 157 -30.55 17.54 -11.43
C THR B 157 -31.53 16.98 -10.40
N SER B 158 -32.71 16.57 -10.86
CA SER B 158 -33.78 15.97 -10.02
C SER B 158 -33.36 14.61 -9.45
N ASP B 159 -32.73 13.77 -10.26
CA ASP B 159 -32.31 12.41 -9.81
C ASP B 159 -30.78 12.35 -9.66
N PHE B 160 -30.32 11.84 -8.51
CA PHE B 160 -28.86 11.71 -8.23
C PHE B 160 -28.63 10.63 -7.15
N ARG B 161 -27.38 10.16 -7.05
CA ARG B 161 -26.95 9.13 -6.07
C ARG B 161 -25.68 9.64 -5.39
N ILE B 162 -25.62 9.60 -4.05
CA ILE B 162 -24.40 10.12 -3.34
C ILE B 162 -23.90 9.10 -2.32
N GLY B 163 -22.59 8.85 -2.33
CA GLY B 163 -21.93 7.90 -1.39
C GLY B 163 -20.55 8.40 -1.01
N PHE B 164 -20.02 7.94 0.13
CA PHE B 164 -18.66 8.40 0.53
C PHE B 164 -17.89 7.25 1.21
N GLY B 165 -16.57 7.37 1.20
CA GLY B 165 -15.65 6.37 1.80
C GLY B 165 -14.40 7.03 2.35
N SER B 166 -13.67 6.35 3.24
CA SER B 166 -12.43 6.92 3.83
C SER B 166 -11.27 5.92 3.80
N PHE B 167 -10.04 6.42 3.78
CA PHE B 167 -8.81 5.57 3.75
C PHE B 167 -7.74 6.15 4.70
N VAL B 168 -6.81 5.31 5.16
CA VAL B 168 -5.74 5.80 6.09
C VAL B 168 -4.36 5.37 5.62
N GLU B 169 -3.95 4.09 5.85
CA GLU B 169 -2.61 3.60 5.41
C GLU B 169 -2.56 2.07 5.46
N LYS B 170 -1.53 1.47 4.84
CA LYS B 170 -1.35 0.00 4.89
C LYS B 170 -1.07 -0.40 6.34
N THR B 171 -1.65 -1.52 6.79
CA THR B 171 -1.40 -2.00 8.17
C THR B 171 -0.09 -2.81 8.15
N VAL B 172 1.04 -2.12 8.03
CA VAL B 172 2.39 -2.77 7.94
C VAL B 172 3.28 -2.16 9.03
N MET B 173 4.34 -2.88 9.42
CA MET B 173 5.27 -2.43 10.49
C MET B 173 5.97 -1.13 10.07
N PRO B 174 6.45 -0.97 8.81
CA PRO B 174 7.14 0.26 8.41
C PRO B 174 6.28 1.53 8.35
N TYR B 175 5.12 1.46 7.69
CA TYR B 175 4.18 2.61 7.52
C TYR B 175 3.53 3.08 8.84
N ILE B 176 3.05 2.16 9.68
CA ILE B 176 2.36 2.53 10.97
C ILE B 176 3.17 1.93 12.13
N SER B 177 3.47 2.74 13.16
CA SER B 177 4.29 2.19 14.26
C SER B 177 3.61 0.93 14.80
N THR B 178 4.38 -0.17 14.93
CA THR B 178 3.94 -1.53 15.34
C THR B 178 3.95 -1.67 16.87
N THR B 179 4.35 -0.60 17.58
CA THR B 179 4.40 -0.61 19.07
C THR B 179 2.99 -0.84 19.62
N PRO B 180 2.79 -1.77 20.58
CA PRO B 180 1.48 -2.04 21.16
C PRO B 180 0.80 -0.80 21.77
N ALA B 181 1.58 0.08 22.40
CA ALA B 181 1.03 1.31 23.02
C ALA B 181 0.40 2.20 21.95
N LYS B 182 1.08 2.34 20.80
CA LYS B 182 0.57 3.20 19.69
C LYS B 182 -0.36 2.39 18.78
N LEU B 183 -0.46 1.08 19.01
CA LEU B 183 -1.35 0.21 18.19
C LEU B 183 -2.79 0.71 18.35
N ARG B 184 -3.21 0.96 19.59
CA ARG B 184 -4.58 1.46 19.90
C ARG B 184 -4.76 2.85 19.28
N ASN B 185 -3.86 3.78 19.59
CA ASN B 185 -3.95 5.17 19.05
C ASN B 185 -2.54 5.70 18.80
N PRO B 186 -2.20 6.17 17.59
CA PRO B 186 -0.86 6.71 17.29
C PRO B 186 -0.72 8.13 17.86
N CYS B 187 -1.84 8.80 18.12
CA CYS B 187 -1.87 10.18 18.68
C CYS B 187 -1.52 10.14 20.18
N THR B 188 -1.13 11.28 20.74
CA THR B 188 -0.77 11.40 22.18
C THR B 188 -1.95 11.04 23.09
N SER B 189 -1.65 10.45 24.25
CA SER B 189 -2.67 10.00 25.26
C SER B 189 -3.77 11.04 25.44
N GLU B 190 -3.46 12.34 25.39
CA GLU B 190 -4.51 13.38 25.58
C GLU B 190 -5.57 13.23 24.49
N GLN B 191 -5.16 13.00 23.24
CA GLN B 191 -6.12 12.83 22.11
C GLN B 191 -6.66 11.39 22.10
N ASN B 192 -7.74 11.15 21.36
CA ASN B 192 -8.33 9.78 21.29
C ASN B 192 -8.58 9.42 19.82
N CYS B 193 -7.49 9.25 19.05
CA CYS B 193 -7.58 8.91 17.61
C CYS B 193 -7.94 7.43 17.42
N THR B 194 -8.62 7.11 16.31
CA THR B 194 -9.02 5.70 16.03
C THR B 194 -7.85 4.92 15.42
N THR B 195 -7.98 3.60 15.32
CA THR B 195 -6.89 2.74 14.77
C THR B 195 -6.73 2.98 13.26
N PRO B 196 -5.53 2.77 12.67
CA PRO B 196 -5.33 2.97 11.24
C PRO B 196 -5.98 1.86 10.41
N PHE B 197 -6.44 2.19 9.21
CA PHE B 197 -7.09 1.19 8.31
C PHE B 197 -6.85 1.56 6.84
N SER B 198 -6.66 0.55 5.98
CA SER B 198 -6.39 0.75 4.54
C SER B 198 -7.53 1.52 3.86
N TYR B 199 -8.71 0.90 3.80
CA TYR B 199 -9.90 1.52 3.18
C TYR B 199 -11.12 1.12 4.02
N LYS B 200 -12.00 2.08 4.29
CA LYS B 200 -13.25 1.83 5.06
C LYS B 200 -14.42 2.47 4.32
N ASN B 201 -15.41 1.68 3.90
CA ASN B 201 -16.59 2.24 3.16
C ASN B 201 -17.69 2.58 4.16
N VAL B 202 -17.90 3.87 4.44
CA VAL B 202 -18.89 4.31 5.45
C VAL B 202 -20.33 4.29 4.91
N LEU B 203 -20.53 4.44 3.60
CA LEU B 203 -21.92 4.45 3.06
C LEU B 203 -21.92 4.12 1.56
N SER B 204 -22.85 3.26 1.13
CA SER B 204 -22.98 2.87 -0.30
C SER B 204 -23.83 3.92 -1.04
N LEU B 205 -23.90 3.85 -2.37
CA LEU B 205 -24.68 4.89 -3.09
C LEU B 205 -26.14 4.83 -2.62
N THR B 206 -26.72 6.01 -2.31
CA THR B 206 -28.12 6.13 -1.83
C THR B 206 -28.74 7.41 -2.40
N ASN B 207 -30.08 7.48 -2.43
CA ASN B 207 -30.77 8.67 -2.98
C ASN B 207 -31.18 9.66 -1.87
N LYS B 208 -30.92 9.33 -0.60
CA LYS B 208 -31.33 10.28 0.48
C LYS B 208 -30.16 11.14 0.95
N GLY B 209 -30.28 12.45 0.72
CA GLY B 209 -29.26 13.46 1.10
C GLY B 209 -29.07 13.61 2.60
N GLU B 210 -30.16 13.56 3.36
CA GLU B 210 -30.12 13.79 4.84
C GLU B 210 -29.20 12.76 5.52
N VAL B 211 -29.31 11.49 5.13
CA VAL B 211 -28.46 10.41 5.74
C VAL B 211 -26.98 10.71 5.43
N PHE B 212 -26.70 11.16 4.20
CA PHE B 212 -25.31 11.45 3.74
C PHE B 212 -24.69 12.58 4.57
N ASN B 213 -25.47 13.62 4.89
CA ASN B 213 -24.96 14.78 5.68
C ASN B 213 -24.59 14.37 7.10
N GLU B 214 -25.50 13.66 7.79
CA GLU B 214 -25.30 13.25 9.21
C GLU B 214 -24.08 12.33 9.36
N LEU B 215 -23.89 11.39 8.43
CA LEU B 215 -22.78 10.40 8.51
C LEU B 215 -21.42 11.09 8.45
N VAL B 216 -21.28 12.14 7.63
CA VAL B 216 -19.98 12.86 7.46
C VAL B 216 -19.52 13.46 8.79
N GLY B 217 -20.44 14.01 9.59
CA GLY B 217 -20.09 14.66 10.86
C GLY B 217 -19.47 13.72 11.88
N LYS B 218 -19.99 12.48 11.96
CA LYS B 218 -19.53 11.47 12.95
C LYS B 218 -18.11 10.98 12.66
N GLN B 219 -17.58 11.27 11.47
CA GLN B 219 -16.22 10.78 11.09
C GLN B 219 -15.17 11.31 12.06
N ARG B 220 -14.24 10.43 12.48
CA ARG B 220 -13.15 10.76 13.44
C ARG B 220 -11.80 10.54 12.74
N ILE B 221 -10.88 11.49 12.91
CA ILE B 221 -9.53 11.50 12.26
C ILE B 221 -8.64 10.34 12.78
N SER B 222 -7.83 9.79 11.87
CA SER B 222 -6.85 8.70 12.11
C SER B 222 -5.44 9.18 11.72
N GLY B 223 -4.38 8.57 12.26
CA GLY B 223 -3.00 9.02 11.96
C GLY B 223 -2.04 7.89 11.62
N ASN B 224 -1.09 8.19 10.72
CA ASN B 224 -0.02 7.27 10.23
C ASN B 224 1.32 7.99 10.47
N LEU B 225 2.43 7.27 10.30
CA LEU B 225 3.81 7.78 10.57
C LEU B 225 4.36 8.52 9.34
N ASP B 226 4.22 7.98 8.12
CA ASP B 226 4.83 8.61 6.92
C ASP B 226 4.00 9.79 6.38
N SER B 227 4.65 10.70 5.65
CA SER B 227 3.95 11.87 5.06
C SER B 227 2.95 11.48 3.98
N PRO B 228 3.35 10.74 2.92
CA PRO B 228 2.42 10.32 1.85
C PRO B 228 1.38 9.34 2.38
N GLU B 229 0.17 9.37 1.81
CA GLU B 229 -0.94 8.47 2.23
C GLU B 229 -1.33 7.56 1.06
N GLY B 230 -1.92 6.41 1.35
CA GLY B 230 -2.31 5.45 0.29
C GLY B 230 -3.66 5.79 -0.29
N GLY B 231 -3.75 6.88 -1.07
CA GLY B 231 -5.02 7.28 -1.70
C GLY B 231 -5.31 6.47 -2.95
N PHE B 232 -4.27 6.21 -3.75
CA PHE B 232 -4.38 5.44 -5.02
C PHE B 232 -4.93 4.03 -4.72
N ASP B 233 -4.44 3.39 -3.67
CA ASP B 233 -4.87 2.01 -3.32
C ASP B 233 -6.38 2.01 -3.06
N ALA B 234 -6.89 3.01 -2.36
CA ALA B 234 -8.33 3.12 -2.02
C ALA B 234 -9.18 3.29 -3.29
N ILE B 235 -8.71 4.11 -4.23
CA ILE B 235 -9.46 4.38 -5.50
C ILE B 235 -9.63 3.07 -6.30
N MET B 236 -8.58 2.26 -6.37
CA MET B 236 -8.61 0.98 -7.13
C MET B 236 -9.82 0.14 -6.69
N GLN B 237 -9.99 -0.06 -5.39
CA GLN B 237 -11.11 -0.88 -4.85
C GLN B 237 -12.46 -0.28 -5.27
N VAL B 238 -12.63 1.03 -5.10
CA VAL B 238 -13.92 1.70 -5.43
C VAL B 238 -14.24 1.52 -6.91
N ALA B 239 -13.24 1.65 -7.78
CA ALA B 239 -13.44 1.53 -9.24
C ALA B 239 -13.91 0.13 -9.65
N VAL B 240 -13.29 -0.92 -9.10
CA VAL B 240 -13.59 -2.32 -9.53
C VAL B 240 -14.73 -2.96 -8.73
N CYS B 241 -15.02 -2.48 -7.51
CA CYS B 241 -16.10 -3.11 -6.71
C CYS B 241 -17.46 -2.51 -7.09
N GLY B 242 -17.94 -2.80 -8.30
CA GLY B 242 -19.24 -2.28 -8.78
C GLY B 242 -20.41 -2.78 -7.95
N SER B 243 -20.39 -4.07 -7.60
CA SER B 243 -21.50 -4.68 -6.81
C SER B 243 -21.68 -3.95 -5.48
N LEU B 244 -20.71 -4.08 -4.57
CA LEU B 244 -20.78 -3.42 -3.23
C LEU B 244 -21.08 -1.92 -3.37
N ILE B 245 -20.38 -1.22 -4.25
CA ILE B 245 -20.59 0.25 -4.41
C ILE B 245 -22.02 0.51 -4.89
N GLY B 246 -22.53 -0.28 -5.85
CA GLY B 246 -23.88 -0.03 -6.37
C GLY B 246 -23.83 0.77 -7.65
N TRP B 247 -22.71 0.68 -8.38
CA TRP B 247 -22.55 1.43 -9.66
C TRP B 247 -23.61 0.97 -10.66
N ARG B 248 -24.18 1.92 -11.41
CA ARG B 248 -25.23 1.67 -12.41
C ARG B 248 -24.84 2.37 -13.72
N ASN B 249 -25.61 2.14 -14.79
CA ASN B 249 -25.36 2.73 -16.13
C ASN B 249 -25.86 4.19 -16.13
N VAL B 250 -25.07 5.06 -15.51
CA VAL B 250 -25.34 6.52 -15.33
C VAL B 250 -23.98 7.22 -15.25
N THR B 251 -23.87 8.51 -15.63
CA THR B 251 -22.55 9.20 -15.61
C THR B 251 -22.02 9.11 -14.18
N ARG B 252 -20.76 8.69 -14.00
CA ARG B 252 -20.18 8.52 -12.64
C ARG B 252 -19.13 9.61 -12.36
N LEU B 253 -19.22 10.26 -11.19
CA LEU B 253 -18.24 11.31 -10.79
C LEU B 253 -17.57 10.88 -9.48
N LEU B 254 -16.24 10.93 -9.44
CA LEU B 254 -15.49 10.56 -8.21
C LEU B 254 -14.77 11.80 -7.68
N VAL B 255 -14.97 12.12 -6.39
CA VAL B 255 -14.31 13.31 -5.76
C VAL B 255 -13.29 12.80 -4.74
N PHE B 256 -12.02 13.22 -4.90
CA PHE B 256 -10.93 12.80 -3.98
C PHE B 256 -10.30 14.04 -3.36
N SER B 257 -10.24 14.11 -2.02
CA SER B 257 -9.63 15.27 -1.33
C SER B 257 -8.55 14.80 -0.35
N THR B 258 -7.31 15.26 -0.54
CA THR B 258 -6.20 14.88 0.37
C THR B 258 -5.22 16.06 0.54
N ASP B 259 -4.55 16.13 1.68
CA ASP B 259 -3.58 17.23 1.95
C ASP B 259 -2.16 16.65 1.96
N ALA B 260 -2.02 15.41 1.51
CA ALA B 260 -0.70 14.73 1.49
C ALA B 260 -0.46 14.03 0.14
N GLY B 261 0.75 13.52 -0.07
CA GLY B 261 1.14 12.85 -1.33
C GLY B 261 0.57 11.44 -1.48
N PHE B 262 0.76 10.84 -2.66
CA PHE B 262 0.23 9.49 -2.96
C PHE B 262 1.38 8.51 -3.25
N HIS B 263 1.33 7.32 -2.64
CA HIS B 263 2.35 6.27 -2.87
C HIS B 263 2.07 5.59 -4.21
N PHE B 264 3.12 5.17 -4.93
CA PHE B 264 2.95 4.49 -6.24
C PHE B 264 3.61 3.11 -6.19
N ALA B 265 3.36 2.28 -7.21
CA ALA B 265 3.89 0.90 -7.25
C ALA B 265 5.42 0.92 -7.12
N GLY B 266 5.97 -0.05 -6.38
CA GLY B 266 7.42 -0.16 -6.12
C GLY B 266 7.80 0.51 -4.81
N ASP B 267 6.85 1.18 -4.16
CA ASP B 267 7.10 1.81 -2.84
C ASP B 267 6.78 0.81 -1.73
N GLY B 268 6.27 -0.36 -2.09
CA GLY B 268 5.93 -1.40 -1.09
C GLY B 268 7.10 -2.35 -0.85
N LYS B 269 8.22 -2.14 -1.55
CA LYS B 269 9.43 -2.98 -1.42
C LYS B 269 9.99 -2.87 0.01
N LEU B 270 10.01 -1.66 0.57
CA LEU B 270 10.56 -1.44 1.93
C LEU B 270 9.74 -2.23 2.95
N GLY B 271 8.41 -2.24 2.79
CA GLY B 271 7.53 -2.98 3.70
C GLY B 271 7.80 -4.47 3.65
N GLY B 272 8.04 -5.00 2.45
CA GLY B 272 8.30 -6.43 2.24
C GLY B 272 7.28 -7.03 1.30
N ILE B 273 6.48 -6.17 0.66
CA ILE B 273 5.41 -6.60 -0.29
C ILE B 273 5.97 -6.52 -1.72
N VAL B 274 5.85 -7.61 -2.49
CA VAL B 274 6.43 -7.62 -3.88
C VAL B 274 5.36 -8.02 -4.91
N LEU B 275 4.16 -8.40 -4.45
CA LEU B 275 3.06 -8.81 -5.37
C LEU B 275 2.40 -7.56 -5.94
N PRO B 276 2.35 -7.39 -7.28
CA PRO B 276 1.68 -6.23 -7.89
C PRO B 276 0.15 -6.34 -7.74
N ASN B 277 -0.54 -5.19 -7.71
CA ASN B 277 -2.02 -5.17 -7.54
C ASN B 277 -2.66 -5.86 -8.75
N ASP B 278 -3.68 -6.70 -8.51
CA ASP B 278 -4.38 -7.44 -9.60
C ASP B 278 -5.67 -6.72 -10.03
N GLY B 279 -6.03 -5.61 -9.36
CA GLY B 279 -7.27 -4.90 -9.71
C GLY B 279 -8.50 -5.78 -9.57
N GLN B 280 -8.55 -6.56 -8.48
CA GLN B 280 -9.69 -7.46 -8.18
C GLN B 280 -10.33 -7.00 -6.87
N CYS B 281 -11.66 -6.93 -6.78
CA CYS B 281 -12.33 -6.49 -5.53
C CYS B 281 -12.01 -7.47 -4.40
N HIS B 282 -11.35 -7.01 -3.32
CA HIS B 282 -11.01 -7.89 -2.18
C HIS B 282 -11.71 -7.38 -0.93
N LEU B 283 -12.73 -6.54 -1.10
CA LEU B 283 -13.47 -5.92 0.05
C LEU B 283 -14.28 -7.00 0.79
N GLU B 284 -14.10 -7.09 2.11
CA GLU B 284 -14.84 -8.05 2.97
C GLU B 284 -15.57 -7.26 4.06
N ASN B 285 -16.89 -7.45 4.19
CA ASN B 285 -17.70 -6.74 5.21
C ASN B 285 -17.49 -5.22 5.09
N ASN B 286 -17.51 -4.70 3.85
CA ASN B 286 -17.33 -3.26 3.56
C ASN B 286 -15.97 -2.78 4.09
N MET B 287 -14.93 -3.61 3.94
CA MET B 287 -13.55 -3.27 4.39
C MET B 287 -12.53 -3.95 3.49
N TYR B 288 -11.29 -3.45 3.48
CA TYR B 288 -10.21 -4.04 2.65
C TYR B 288 -9.27 -4.83 3.56
N THR B 289 -9.35 -6.17 3.52
CA THR B 289 -8.56 -7.04 4.42
C THR B 289 -7.26 -7.53 3.75
N MET B 290 -7.01 -7.16 2.48
CA MET B 290 -5.76 -7.64 1.83
C MET B 290 -4.87 -6.47 1.44
N SER B 291 -4.83 -5.42 2.27
CA SER B 291 -4.00 -4.23 2.01
C SER B 291 -2.50 -4.59 2.01
N HIS B 292 -2.08 -5.41 2.98
CA HIS B 292 -0.65 -5.83 3.12
C HIS B 292 -0.18 -6.70 1.94
N TYR B 293 -1.03 -7.63 1.50
CA TYR B 293 -0.69 -8.62 0.44
C TYR B 293 -0.36 -7.96 -0.90
N TYR B 294 -1.12 -6.94 -1.29
CA TYR B 294 -0.92 -6.31 -2.63
C TYR B 294 -0.27 -4.93 -2.53
N ASP B 295 0.72 -4.69 -3.39
CA ASP B 295 1.50 -3.42 -3.49
C ASP B 295 0.60 -2.31 -4.09
N TYR B 296 0.94 -1.05 -3.83
CA TYR B 296 0.15 0.10 -4.33
C TYR B 296 0.11 0.05 -5.86
N PRO B 297 -1.06 0.26 -6.50
CA PRO B 297 -1.20 0.22 -7.96
C PRO B 297 -0.41 1.35 -8.64
N SER B 298 0.15 1.08 -9.83
CA SER B 298 0.92 2.11 -10.56
C SER B 298 -0.03 3.07 -11.27
N ILE B 299 0.46 4.25 -11.67
CA ILE B 299 -0.40 5.27 -12.35
C ILE B 299 -0.93 4.70 -13.67
N ALA B 300 -0.05 4.03 -14.44
CA ALA B 300 -0.45 3.44 -15.73
C ALA B 300 -1.56 2.40 -15.52
N HIS B 301 -1.36 1.49 -14.57
CA HIS B 301 -2.36 0.43 -14.26
C HIS B 301 -3.65 1.05 -13.71
N LEU B 302 -3.51 2.07 -12.86
CA LEU B 302 -4.69 2.74 -12.24
C LEU B 302 -5.54 3.43 -13.31
N VAL B 303 -4.90 4.08 -14.29
CA VAL B 303 -5.63 4.81 -15.36
C VAL B 303 -6.49 3.84 -16.18
N GLN B 304 -5.94 2.67 -16.50
CA GLN B 304 -6.65 1.65 -17.30
C GLN B 304 -7.94 1.21 -16.60
N LYS B 305 -7.89 1.01 -15.28
CA LYS B 305 -9.08 0.57 -14.51
C LYS B 305 -10.17 1.65 -14.57
N LEU B 306 -9.80 2.93 -14.46
CA LEU B 306 -10.78 4.04 -14.49
C LEU B 306 -11.39 4.14 -15.89
N SER B 307 -10.57 4.04 -16.93
CA SER B 307 -11.06 4.16 -18.33
C SER B 307 -12.10 3.07 -18.63
N GLU B 308 -11.85 1.84 -18.20
CA GLU B 308 -12.81 0.73 -18.45
C GLU B 308 -14.12 1.06 -17.74
N ASN B 309 -14.02 1.55 -16.50
CA ASN B 309 -15.18 1.93 -15.66
C ASN B 309 -15.81 3.25 -16.16
N ASN B 310 -15.05 4.05 -16.91
CA ASN B 310 -15.52 5.36 -17.45
C ASN B 310 -15.95 6.26 -16.29
N ILE B 311 -15.15 6.28 -15.21
CA ILE B 311 -15.45 7.12 -14.01
C ILE B 311 -14.58 8.37 -14.03
N GLN B 312 -15.21 9.55 -14.08
CA GLN B 312 -14.47 10.85 -14.07
C GLN B 312 -13.89 11.05 -12.66
N THR B 313 -12.66 11.56 -12.56
CA THR B 313 -12.01 11.75 -11.24
C THR B 313 -11.73 13.24 -10.98
N ILE B 314 -12.20 13.76 -9.86
CA ILE B 314 -11.97 15.18 -9.46
C ILE B 314 -11.18 15.19 -8.15
N PHE B 315 -10.05 15.91 -8.11
CA PHE B 315 -9.21 15.92 -6.89
C PHE B 315 -9.27 17.30 -6.22
N ALA B 316 -9.62 17.32 -4.94
CA ALA B 316 -9.64 18.57 -4.13
C ALA B 316 -8.46 18.47 -3.16
N VAL B 317 -7.48 19.36 -3.30
CA VAL B 317 -6.25 19.30 -2.43
C VAL B 317 -5.83 20.71 -2.02
N THR B 318 -4.88 20.79 -1.07
CA THR B 318 -4.39 22.09 -0.53
C THR B 318 -3.49 22.80 -1.55
N GLU B 319 -3.27 24.10 -1.35
CA GLU B 319 -2.45 24.96 -2.26
C GLU B 319 -1.00 24.44 -2.29
N GLU B 320 -0.48 23.98 -1.14
CA GLU B 320 0.92 23.51 -1.05
C GLU B 320 1.15 22.32 -1.99
N PHE B 321 0.21 21.37 -2.06
CA PHE B 321 0.37 20.17 -2.93
C PHE B 321 -0.23 20.39 -4.33
N GLN B 322 -0.83 21.56 -4.57
CA GLN B 322 -1.44 21.86 -5.89
C GLN B 322 -0.40 21.63 -7.00
N PRO B 323 0.81 22.23 -6.91
CA PRO B 323 1.83 22.08 -7.95
C PRO B 323 2.17 20.62 -8.32
N VAL B 324 2.02 19.70 -7.38
CA VAL B 324 2.34 18.26 -7.65
C VAL B 324 1.15 17.60 -8.36
N TYR B 325 -0.07 17.86 -7.87
CA TYR B 325 -1.32 17.27 -8.43
C TYR B 325 -1.55 17.71 -9.88
N LYS B 326 -1.11 18.92 -10.23
CA LYS B 326 -1.31 19.45 -11.61
C LYS B 326 -0.59 18.55 -12.62
N GLU B 327 0.61 18.09 -12.29
CA GLU B 327 1.37 17.20 -13.21
C GLU B 327 0.57 15.91 -13.42
N LEU B 328 0.01 15.37 -12.33
CA LEU B 328 -0.81 14.13 -12.41
C LEU B 328 -2.05 14.41 -13.27
N LYS B 329 -2.67 15.58 -13.09
CA LYS B 329 -3.89 15.96 -13.86
C LYS B 329 -3.60 15.91 -15.37
N ASN B 330 -2.40 16.32 -15.78
CA ASN B 330 -2.03 16.30 -17.22
C ASN B 330 -2.05 14.86 -17.73
N LEU B 331 -1.56 13.92 -16.91
CA LEU B 331 -1.47 12.48 -17.29
C LEU B 331 -2.87 11.86 -17.46
N ILE B 332 -3.65 11.79 -16.37
CA ILE B 332 -5.00 11.14 -16.42
C ILE B 332 -5.97 11.99 -17.24
N PRO B 333 -6.54 11.44 -18.33
CA PRO B 333 -7.51 12.17 -19.17
C PRO B 333 -8.89 12.29 -18.51
N LYS B 334 -9.68 13.29 -18.94
CA LYS B 334 -11.05 13.53 -18.41
C LYS B 334 -11.01 13.69 -16.89
N SER B 335 -10.02 14.42 -16.38
CA SER B 335 -9.87 14.68 -14.92
C SER B 335 -9.61 16.18 -14.69
N ALA B 336 -9.97 16.69 -13.50
CA ALA B 336 -9.76 18.12 -13.17
C ALA B 336 -9.12 18.26 -11.79
N VAL B 337 -8.48 19.40 -11.54
CA VAL B 337 -7.79 19.64 -10.23
C VAL B 337 -8.43 20.85 -9.55
N GLY B 338 -8.79 20.71 -8.27
CA GLY B 338 -9.39 21.79 -7.47
C GLY B 338 -8.66 21.96 -6.16
N THR B 339 -8.82 23.15 -5.55
CA THR B 339 -8.14 23.52 -4.29
C THR B 339 -9.09 23.41 -3.09
N LEU B 340 -8.77 22.56 -2.10
CA LEU B 340 -9.66 22.49 -0.91
C LEU B 340 -9.57 23.83 -0.15
N SER B 341 -10.74 24.36 0.26
CA SER B 341 -10.83 25.64 1.01
C SER B 341 -12.12 25.65 1.82
N ALA B 342 -12.22 26.55 2.81
CA ALA B 342 -13.45 26.69 3.63
C ALA B 342 -14.61 27.14 2.73
N ASN B 343 -14.34 28.11 1.85
CA ASN B 343 -15.33 28.66 0.90
C ASN B 343 -15.83 27.54 -0.01
N SER B 344 -14.90 26.72 -0.53
CA SER B 344 -15.19 25.59 -1.44
C SER B 344 -15.97 26.04 -2.68
N SER B 345 -15.60 27.19 -3.26
CA SER B 345 -16.29 27.66 -4.50
C SER B 345 -15.76 26.94 -5.74
N ASN B 346 -14.43 26.77 -5.83
CA ASN B 346 -13.76 26.13 -7.01
C ASN B 346 -14.18 24.66 -7.15
N VAL B 347 -14.22 23.91 -6.05
CA VAL B 347 -14.58 22.46 -6.07
C VAL B 347 -16.01 22.30 -6.61
N ILE B 348 -16.93 23.18 -6.18
CA ILE B 348 -18.36 23.10 -6.61
C ILE B 348 -18.48 23.54 -8.08
N GLN B 349 -17.72 24.56 -8.47
CA GLN B 349 -17.76 25.11 -9.86
C GLN B 349 -17.36 24.04 -10.88
N LEU B 350 -16.33 23.25 -10.56
CA LEU B 350 -15.83 22.20 -11.50
C LEU B 350 -16.94 21.19 -11.79
N ILE B 351 -17.64 20.74 -10.75
CA ILE B 351 -18.74 19.74 -10.91
C ILE B 351 -19.82 20.31 -11.83
N ILE B 352 -20.26 21.55 -11.58
CA ILE B 352 -21.32 22.19 -12.40
C ILE B 352 -20.82 22.32 -13.85
N ASP B 353 -19.56 22.71 -14.03
CA ASP B 353 -19.00 22.87 -15.40
C ASP B 353 -18.99 21.51 -16.12
N ALA B 354 -18.60 20.45 -15.41
CA ALA B 354 -18.54 19.10 -15.98
C ALA B 354 -19.94 18.63 -16.39
N TYR B 355 -20.94 18.90 -15.55
CA TYR B 355 -22.36 18.51 -15.80
C TYR B 355 -22.91 19.22 -17.03
N ASN B 356 -22.54 20.48 -17.22
CA ASN B 356 -23.07 21.30 -18.35
C ASN B 356 -22.69 20.65 -19.69
N SER B 357 -21.47 20.12 -19.81
CA SER B 357 -21.07 19.47 -21.10
C SER B 357 -21.40 17.98 -21.06
N LEU B 358 -22.41 17.57 -21.85
CA LEU B 358 -22.87 16.17 -21.96
C LEU B 358 -23.47 15.99 -23.35
N SER B 359 -22.96 15.02 -24.13
CA SER B 359 -23.47 14.77 -25.50
C SER B 359 -24.14 13.40 -25.57
N SER B 360 -25.40 13.36 -26.00
CA SER B 360 -26.16 12.09 -26.10
C SER B 360 -26.54 11.80 -27.55
N GLU B 361 -27.06 10.61 -27.81
CA GLU B 361 -27.49 10.19 -29.18
C GLU B 361 -28.94 9.71 -29.14
N VAL B 362 -29.78 10.22 -30.04
CA VAL B 362 -31.23 9.84 -30.09
C VAL B 362 -31.49 9.01 -31.36
N ILE B 363 -32.06 7.82 -31.20
CA ILE B 363 -32.39 6.92 -32.34
C ILE B 363 -33.92 6.78 -32.44
N LEU B 364 -34.43 6.33 -33.58
CA LEU B 364 -35.90 6.16 -33.77
C LEU B 364 -36.22 4.69 -34.09
N GLU B 365 -37.16 4.09 -33.35
CA GLU B 365 -37.59 2.69 -33.55
C GLU B 365 -39.01 2.69 -34.12
N ASN B 366 -39.23 1.94 -35.20
CA ASN B 366 -40.56 1.89 -35.87
C ASN B 366 -41.14 0.47 -35.78
N GLY B 367 -42.47 0.36 -35.61
CA GLY B 367 -43.19 -0.92 -35.55
C GLY B 367 -43.21 -1.63 -36.90
N LYS B 368 -43.38 -2.96 -36.91
CA LYS B 368 -43.35 -3.72 -38.18
C LYS B 368 -44.47 -3.22 -39.10
N LEU B 369 -44.21 -3.14 -40.40
CA LEU B 369 -45.22 -2.67 -41.37
C LEU B 369 -45.63 -3.84 -42.28
N SER B 370 -46.70 -3.65 -43.07
CA SER B 370 -47.21 -4.72 -43.97
C SER B 370 -46.29 -4.93 -45.17
N GLU B 371 -46.40 -6.11 -45.80
CA GLU B 371 -45.57 -6.46 -46.98
C GLU B 371 -45.94 -5.51 -48.13
N GLY B 372 -44.94 -4.98 -48.82
CA GLY B 372 -45.16 -4.06 -49.96
C GLY B 372 -45.24 -2.62 -49.48
N VAL B 373 -45.10 -2.39 -48.18
CA VAL B 373 -45.16 -1.02 -47.58
C VAL B 373 -43.81 -0.73 -46.92
N THR B 374 -43.18 0.39 -47.27
CA THR B 374 -41.85 0.74 -46.71
C THR B 374 -41.87 2.14 -46.10
N ILE B 375 -40.90 2.44 -45.22
CA ILE B 375 -40.80 3.77 -44.54
C ILE B 375 -39.36 4.29 -44.69
N SER B 376 -39.21 5.59 -45.00
CA SER B 376 -37.87 6.23 -45.16
C SER B 376 -37.70 7.33 -44.12
N TYR B 377 -36.57 7.33 -43.40
CA TYR B 377 -36.30 8.35 -42.35
C TYR B 377 -35.15 9.27 -42.75
N LYS B 378 -35.39 10.58 -42.70
CA LYS B 378 -34.35 11.59 -43.09
C LYS B 378 -33.99 12.44 -41.86
N SER B 379 -32.86 12.12 -41.23
CA SER B 379 -32.39 12.82 -40.00
C SER B 379 -31.84 14.23 -40.31
N TYR B 380 -32.07 15.17 -39.38
CA TYR B 380 -31.54 16.55 -39.44
C TYR B 380 -30.85 16.79 -38.09
N CYS B 381 -29.59 17.23 -38.09
CA CYS B 381 -28.85 17.44 -36.81
C CYS B 381 -28.11 18.79 -36.78
N LYS B 382 -27.41 19.05 -35.67
CA LYS B 382 -26.62 20.31 -35.45
C LYS B 382 -25.46 20.41 -36.45
N ASN B 383 -25.16 21.66 -36.86
CA ASN B 383 -24.08 22.03 -37.83
C ASN B 383 -24.43 21.54 -39.24
N GLY B 384 -25.73 21.44 -39.54
CA GLY B 384 -26.20 21.00 -40.86
C GLY B 384 -26.05 19.50 -41.08
N VAL B 385 -25.67 18.77 -40.02
CA VAL B 385 -25.45 17.29 -40.12
C VAL B 385 -26.77 16.61 -40.54
N ASN B 386 -26.75 15.89 -41.67
CA ASN B 386 -27.97 15.22 -42.18
C ASN B 386 -27.65 13.78 -42.59
N GLY B 387 -28.28 12.80 -41.93
CA GLY B 387 -28.10 11.39 -42.31
C GLY B 387 -29.18 10.99 -43.30
N THR B 388 -29.09 9.77 -43.83
CA THR B 388 -30.00 9.10 -44.80
C THR B 388 -30.07 7.61 -44.50
N GLY B 389 -31.18 6.95 -44.85
CA GLY B 389 -31.35 5.51 -44.58
C GLY B 389 -31.25 5.23 -43.09
N GLU B 390 -30.37 4.30 -42.70
CA GLU B 390 -30.17 3.93 -41.27
C GLU B 390 -29.53 5.10 -40.51
N ASN B 391 -28.55 5.77 -41.14
CA ASN B 391 -27.82 6.91 -40.51
C ASN B 391 -28.79 8.06 -40.20
N GLY B 392 -29.85 8.17 -41.03
CA GLY B 392 -30.91 9.20 -41.08
C GLY B 392 -31.99 9.12 -40.01
N ARG B 393 -31.96 8.03 -39.30
CA ARG B 393 -32.82 7.77 -38.10
C ARG B 393 -32.12 8.27 -36.83
N LYS B 394 -30.81 8.02 -36.69
CA LYS B 394 -30.07 8.40 -35.46
C LYS B 394 -29.47 9.81 -35.58
N CYS B 395 -29.44 10.53 -34.45
CA CYS B 395 -28.82 11.88 -34.34
C CYS B 395 -27.94 11.88 -33.09
N SER B 396 -26.70 12.39 -33.19
CA SER B 396 -25.78 12.39 -32.01
C SER B 396 -25.34 13.82 -31.66
N ASN B 397 -24.58 13.94 -30.56
CA ASN B 397 -24.05 15.24 -30.08
C ASN B 397 -25.19 16.22 -29.84
N ILE B 398 -26.23 15.79 -29.12
CA ILE B 398 -27.40 16.67 -28.82
C ILE B 398 -27.37 17.06 -27.34
N SER B 399 -27.18 18.36 -27.05
CA SER B 399 -27.18 18.85 -25.66
C SER B 399 -28.61 19.10 -25.18
N ILE B 400 -28.78 19.39 -23.89
CA ILE B 400 -30.13 19.66 -23.31
C ILE B 400 -30.71 20.94 -23.92
N GLY B 401 -31.99 20.90 -24.33
CA GLY B 401 -32.67 22.06 -24.93
C GLY B 401 -32.45 22.12 -26.43
N ASP B 402 -31.75 21.13 -26.99
CA ASP B 402 -31.50 21.10 -28.46
C ASP B 402 -32.61 20.30 -29.16
N GLU B 403 -33.22 20.88 -30.18
CA GLU B 403 -34.33 20.23 -30.93
C GLU B 403 -33.85 19.93 -32.36
N VAL B 404 -34.06 18.68 -32.81
CA VAL B 404 -33.70 18.20 -34.17
C VAL B 404 -34.96 17.66 -34.84
N GLN B 405 -35.18 17.99 -36.12
CA GLN B 405 -36.40 17.51 -36.82
C GLN B 405 -36.06 16.24 -37.61
N PHE B 406 -37.08 15.43 -37.90
CA PHE B 406 -36.88 14.18 -38.70
C PHE B 406 -38.01 14.05 -39.73
N GLU B 407 -37.63 13.86 -41.01
CA GLU B 407 -38.63 13.71 -42.09
C GLU B 407 -38.88 12.21 -42.33
N ILE B 408 -40.13 11.77 -42.18
CA ILE B 408 -40.49 10.34 -42.37
C ILE B 408 -41.45 10.21 -43.56
N SER B 409 -41.23 9.24 -44.45
CA SER B 409 -42.13 9.03 -45.61
C SER B 409 -42.66 7.59 -45.62
N ILE B 410 -43.98 7.42 -45.77
CA ILE B 410 -44.61 6.05 -45.79
C ILE B 410 -45.24 5.82 -47.17
N THR B 411 -44.85 4.73 -47.84
CA THR B 411 -45.37 4.39 -49.20
C THR B 411 -46.10 3.03 -49.14
N SER B 412 -47.27 2.95 -49.78
CA SER B 412 -48.07 1.69 -49.80
C SER B 412 -48.14 1.13 -51.23
N ASN B 413 -47.71 -0.12 -51.41
CA ASN B 413 -47.74 -0.78 -52.75
C ASN B 413 -49.17 -1.23 -53.02
N LYS B 414 -49.73 -2.03 -52.10
CA LYS B 414 -51.13 -2.53 -52.21
C LYS B 414 -51.83 -2.35 -50.86
N CYS B 415 -53.11 -2.74 -50.76
CA CYS B 415 -53.87 -2.60 -49.50
C CYS B 415 -54.05 -3.98 -48.85
N PRO B 416 -53.38 -4.27 -47.71
CA PRO B 416 -53.52 -5.57 -47.05
C PRO B 416 -54.90 -5.74 -46.41
N LYS B 417 -55.37 -4.71 -45.70
CA LYS B 417 -56.70 -4.75 -45.02
C LYS B 417 -57.42 -3.41 -45.20
N LYS B 418 -58.75 -3.43 -45.05
CA LYS B 418 -59.63 -2.24 -45.19
C LYS B 418 -59.46 -1.34 -43.95
N ASP B 419 -59.40 -1.97 -42.77
CA ASP B 419 -59.28 -1.24 -41.48
C ASP B 419 -57.89 -0.61 -41.34
N SER B 420 -57.80 0.44 -40.51
CA SER B 420 -56.53 1.19 -40.26
C SER B 420 -55.56 0.34 -39.42
N ASP B 421 -54.26 0.61 -39.56
CA ASP B 421 -53.21 -0.11 -38.79
C ASP B 421 -52.40 0.90 -37.96
N SER B 422 -52.48 0.79 -36.62
CA SER B 422 -51.76 1.70 -35.70
C SER B 422 -50.49 1.05 -35.14
N PHE B 423 -49.35 1.74 -35.25
CA PHE B 423 -48.04 1.28 -34.72
C PHE B 423 -47.40 2.44 -33.95
N LYS B 424 -46.51 2.15 -33.00
CA LYS B 424 -45.91 3.23 -32.16
C LYS B 424 -44.41 3.41 -32.47
N ILE B 425 -43.98 4.66 -32.67
CA ILE B 425 -42.57 5.01 -32.98
C ILE B 425 -41.97 5.88 -31.86
N ARG B 426 -41.18 5.26 -30.98
CA ARG B 426 -40.56 5.98 -29.83
C ARG B 426 -39.05 5.77 -29.85
N PRO B 427 -38.23 6.83 -29.64
CA PRO B 427 -36.77 6.69 -29.61
C PRO B 427 -36.33 5.87 -28.39
N LEU B 428 -35.23 5.13 -28.50
CA LEU B 428 -34.75 4.27 -27.39
C LEU B 428 -34.41 5.15 -26.17
N GLY B 429 -34.83 4.72 -24.98
CA GLY B 429 -34.58 5.44 -23.72
C GLY B 429 -35.60 6.52 -23.44
N PHE B 430 -36.60 6.69 -24.32
CA PHE B 430 -37.64 7.72 -24.12
C PHE B 430 -39.03 7.07 -24.15
N THR B 431 -39.82 7.31 -23.11
CA THR B 431 -41.20 6.74 -22.98
C THR B 431 -42.10 7.31 -24.09
N GLU B 432 -42.01 8.62 -24.35
CA GLU B 432 -42.84 9.29 -25.39
C GLU B 432 -42.66 8.58 -26.74
N GLU B 433 -43.77 8.30 -27.43
CA GLU B 433 -43.79 7.59 -28.73
C GLU B 433 -44.56 8.41 -29.78
N VAL B 434 -44.53 7.92 -31.02
CA VAL B 434 -45.23 8.53 -32.20
C VAL B 434 -46.08 7.44 -32.84
N GLU B 435 -47.41 7.55 -32.72
CA GLU B 435 -48.38 6.58 -33.27
C GLU B 435 -48.82 7.01 -34.67
N VAL B 436 -48.68 6.11 -35.65
CA VAL B 436 -49.07 6.40 -37.06
C VAL B 436 -50.08 5.32 -37.51
N ILE B 437 -51.26 5.78 -37.93
CA ILE B 437 -52.37 4.92 -38.43
C ILE B 437 -52.34 4.93 -39.96
N LEU B 438 -52.27 3.74 -40.58
CA LEU B 438 -52.23 3.65 -42.07
C LEU B 438 -53.46 2.90 -42.56
N GLN B 439 -54.32 3.58 -43.34
CA GLN B 439 -55.54 2.95 -43.91
C GLN B 439 -55.38 2.89 -45.43
N TYR B 440 -55.50 1.68 -46.00
CA TYR B 440 -55.35 1.47 -47.47
C TYR B 440 -56.65 0.87 -48.03
N ILE B 441 -57.15 1.42 -49.13
CA ILE B 441 -58.41 0.93 -49.77
C ILE B 441 -58.11 0.48 -51.21
N CYS B 442 -58.58 -0.72 -51.57
CA CYS B 442 -58.37 -1.26 -52.95
C CYS B 442 -59.65 -1.08 -53.77
N GLU B 443 -60.77 -0.78 -53.11
CA GLU B 443 -62.07 -0.59 -53.80
C GLU B 443 -62.26 0.90 -54.12
N CYS B 444 -62.55 1.23 -55.37
CA CYS B 444 -62.76 2.64 -55.80
C CYS B 444 -63.97 3.21 -55.05
N GLU B 445 -63.86 4.45 -54.58
CA GLU B 445 -64.97 5.12 -53.83
C GLU B 445 -66.11 5.45 -54.81
N PRO C 1 87.92 -14.70 94.87
CA PRO C 1 87.42 -13.81 93.82
C PRO C 1 86.06 -14.30 93.29
N LEU C 2 85.40 -13.46 92.49
CA LEU C 2 84.07 -13.78 91.88
C LEU C 2 84.23 -13.79 90.35
N SER C 3 83.32 -14.47 89.65
CA SER C 3 83.38 -14.59 88.16
C SER C 3 82.37 -13.66 87.48
N PRO C 4 82.80 -12.81 86.52
CA PRO C 4 81.91 -11.89 85.82
C PRO C 4 80.97 -12.58 84.80
N PRO C 5 79.82 -11.96 84.45
CA PRO C 5 78.94 -12.48 83.39
C PRO C 5 79.57 -12.40 82.00
N THR C 6 79.17 -13.31 81.09
CA THR C 6 79.71 -13.37 79.71
C THR C 6 78.56 -13.43 78.70
N ASN C 7 78.85 -13.13 77.42
CA ASN C 7 77.83 -13.13 76.33
C ASN C 7 76.70 -12.14 76.67
N LEU C 8 77.08 -10.97 77.18
CA LEU C 8 76.13 -9.90 77.57
C LEU C 8 75.29 -9.52 76.34
N HIS C 9 73.98 -9.32 76.53
CA HIS C 9 73.09 -8.96 75.39
C HIS C 9 72.23 -7.74 75.74
N LEU C 10 72.41 -6.65 74.98
CA LEU C 10 71.62 -5.41 75.17
C LEU C 10 70.71 -5.22 73.95
N GLU C 11 69.40 -5.07 74.18
CA GLU C 11 68.42 -4.91 73.07
C GLU C 11 67.77 -3.52 73.13
N ALA C 12 67.77 -2.80 72.01
CA ALA C 12 67.18 -1.45 71.94
C ALA C 12 66.00 -1.43 70.96
N ASN C 13 64.81 -1.05 71.45
CA ASN C 13 63.58 -0.97 70.63
C ASN C 13 63.56 0.38 69.88
N PRO C 14 62.65 0.59 68.90
CA PRO C 14 62.57 1.87 68.18
C PRO C 14 62.25 2.99 69.18
N ASP C 15 61.33 2.72 70.11
CA ASP C 15 60.97 3.67 71.19
C ASP C 15 61.50 3.06 72.49
N THR C 16 62.34 3.80 73.23
CA THR C 16 62.95 3.26 74.48
C THR C 16 62.01 3.47 75.68
N GLY C 17 60.84 2.83 75.66
CA GLY C 17 59.92 2.90 76.81
C GLY C 17 60.51 2.14 77.98
N VAL C 18 60.86 0.86 77.74
CA VAL C 18 61.49 -0.03 78.75
C VAL C 18 62.72 -0.68 78.12
N LEU C 19 63.88 -0.58 78.77
CA LEU C 19 65.15 -1.15 78.25
C LEU C 19 65.55 -2.35 79.11
N THR C 20 65.83 -3.50 78.49
CA THR C 20 66.20 -4.73 79.25
C THR C 20 67.61 -5.19 78.87
N VAL C 21 68.45 -5.46 79.88
CA VAL C 21 69.84 -5.97 79.66
C VAL C 21 69.90 -7.42 80.14
N SER C 22 70.31 -8.35 79.26
CA SER C 22 70.39 -9.79 79.60
C SER C 22 71.84 -10.29 79.52
N TRP C 23 72.32 -10.97 80.56
CA TRP C 23 73.71 -11.49 80.62
C TRP C 23 73.73 -12.90 81.22
N GLU C 24 74.76 -13.69 80.90
CA GLU C 24 74.89 -15.08 81.46
C GLU C 24 75.30 -14.99 82.93
N ARG C 25 74.67 -15.80 83.80
CA ARG C 25 74.93 -15.78 85.27
C ARG C 25 76.37 -16.19 85.61
N SER C 26 76.87 -15.69 86.74
CA SER C 26 78.25 -15.99 87.21
C SER C 26 78.40 -17.46 87.60
N THR C 27 79.50 -18.08 87.17
CA THR C 27 79.79 -19.52 87.46
C THR C 27 79.97 -19.76 88.97
N THR C 28 80.53 -18.76 89.67
CA THR C 28 80.83 -18.88 91.13
C THR C 28 79.54 -19.05 91.93
N PRO C 29 79.48 -20.05 92.84
CA PRO C 29 78.28 -20.29 93.67
C PRO C 29 78.12 -19.40 94.91
N ASP C 30 76.90 -19.38 95.47
CA ASP C 30 76.55 -18.59 96.67
C ASP C 30 76.74 -17.09 96.41
N ILE C 31 76.23 -16.61 95.27
CA ILE C 31 76.31 -15.16 94.91
C ILE C 31 75.02 -14.48 95.37
N THR C 32 75.12 -13.42 96.17
CA THR C 32 73.92 -12.72 96.70
C THR C 32 73.16 -11.95 95.62
N GLY C 33 73.85 -11.16 94.78
CA GLY C 33 73.13 -10.33 93.79
C GLY C 33 73.98 -9.84 92.63
N TYR C 34 73.32 -9.23 91.64
CA TYR C 34 73.99 -8.68 90.43
C TYR C 34 73.58 -7.20 90.27
N ARG C 35 74.58 -6.34 90.12
CA ARG C 35 74.38 -4.87 90.00
C ARG C 35 74.81 -4.40 88.60
N ILE C 36 73.94 -3.62 87.94
CA ILE C 36 74.22 -3.10 86.56
C ILE C 36 74.15 -1.57 86.58
N THR C 37 75.13 -0.90 85.97
CA THR C 37 75.17 0.59 85.93
C THR C 37 75.34 1.09 84.49
N THR C 38 74.47 2.00 84.06
CA THR C 38 74.52 2.61 82.70
C THR C 38 74.99 4.07 82.83
N THR C 39 76.09 4.42 82.13
CA THR C 39 76.66 5.79 82.21
C THR C 39 76.97 6.31 80.81
N PRO C 40 76.82 7.62 80.55
CA PRO C 40 77.12 8.20 79.23
C PRO C 40 78.60 8.03 78.87
N THR C 41 78.87 7.76 77.59
CA THR C 41 80.25 7.53 77.08
C THR C 41 81.11 8.79 77.23
N ASN C 42 82.36 8.61 77.67
CA ASN C 42 83.34 9.69 77.89
C ASN C 42 82.82 10.71 78.93
N GLY C 43 82.12 10.23 79.95
CA GLY C 43 81.58 11.10 81.02
C GLY C 43 80.77 12.25 80.45
N GLN C 44 79.92 11.99 79.45
CA GLN C 44 79.11 13.09 78.86
C GLN C 44 77.87 13.29 79.74
N GLN C 45 77.20 14.44 79.66
CA GLN C 45 75.99 14.58 80.51
C GLN C 45 75.02 13.48 80.08
N GLY C 46 74.54 12.68 81.04
CA GLY C 46 73.58 11.62 80.70
C GLY C 46 72.76 11.22 81.91
N ASN C 47 71.68 10.46 81.70
CA ASN C 47 70.84 9.99 82.83
C ASN C 47 71.46 8.70 83.37
N SER C 48 72.60 8.81 84.06
CA SER C 48 73.27 7.61 84.61
C SER C 48 72.33 6.98 85.64
N LEU C 49 72.15 5.66 85.57
CA LEU C 49 71.23 4.98 86.51
C LEU C 49 71.90 3.69 87.01
N GLU C 50 71.44 3.20 88.16
CA GLU C 50 71.96 1.96 88.78
C GLU C 50 70.79 1.01 89.09
N GLU C 51 70.94 -0.28 88.77
CA GLU C 51 69.88 -1.29 89.03
C GLU C 51 70.49 -2.49 89.78
N VAL C 52 69.66 -3.27 90.48
CA VAL C 52 70.14 -4.47 91.23
C VAL C 52 69.18 -5.64 90.97
N VAL C 53 69.72 -6.84 90.74
CA VAL C 53 68.86 -8.03 90.48
C VAL C 53 69.29 -9.18 91.41
N HIS C 54 68.45 -10.22 91.50
CA HIS C 54 68.76 -11.39 92.36
C HIS C 54 69.68 -12.37 91.63
N ALA C 55 70.20 -13.37 92.35
CA ALA C 55 71.10 -14.39 91.76
C ALA C 55 70.35 -15.19 90.69
N ASP C 56 69.08 -15.53 90.98
CA ASP C 56 68.23 -16.35 90.07
C ASP C 56 68.01 -15.62 88.74
N GLN C 57 67.75 -14.31 88.77
CA GLN C 57 67.48 -13.55 87.51
C GLN C 57 68.64 -12.59 87.21
N SER C 58 69.20 -12.78 86.02
CA SER C 58 70.30 -11.97 85.44
C SER C 58 69.67 -11.03 84.41
N SER C 59 68.38 -10.72 84.58
CA SER C 59 67.65 -9.81 83.67
C SER C 59 67.30 -8.54 84.46
N CYS C 60 67.70 -7.37 83.95
CA CYS C 60 67.42 -6.09 84.66
C CYS C 60 66.64 -5.16 83.73
N THR C 61 66.27 -3.98 84.24
CA THR C 61 65.53 -2.95 83.46
C THR C 61 66.16 -1.57 83.71
N PHE C 62 66.03 -0.67 82.75
CA PHE C 62 66.58 0.71 82.86
C PHE C 62 65.54 1.69 82.31
N ASP C 63 64.92 2.47 83.20
CA ASP C 63 63.86 3.44 82.78
C ASP C 63 64.49 4.80 82.47
N ASN C 64 63.70 5.72 81.92
CA ASN C 64 64.18 7.11 81.60
C ASN C 64 65.41 7.07 80.69
N LEU C 65 65.34 6.29 79.60
CA LEU C 65 66.45 6.15 78.62
C LEU C 65 66.61 7.48 77.85
N SER C 66 67.85 7.79 77.44
CA SER C 66 68.13 9.03 76.68
C SER C 66 68.37 8.69 75.21
N PRO C 67 67.49 9.11 74.27
CA PRO C 67 67.64 8.81 72.85
C PRO C 67 68.87 9.50 72.23
N GLY C 68 69.52 8.84 71.27
CA GLY C 68 70.71 9.38 70.59
C GLY C 68 71.81 9.76 71.55
N LEU C 69 72.06 8.93 72.57
CA LEU C 69 73.13 9.20 73.56
C LEU C 69 73.82 7.87 73.91
N GLU C 70 75.12 7.77 73.62
CA GLU C 70 75.88 6.52 73.89
C GLU C 70 75.97 6.32 75.40
N TYR C 71 75.58 5.13 75.89
CA TYR C 71 75.62 4.81 77.34
C TYR C 71 76.38 3.50 77.58
N ASN C 72 77.33 3.52 78.53
CA ASN C 72 78.16 2.34 78.87
C ASN C 72 77.40 1.49 79.90
N VAL C 73 77.15 0.22 79.58
CA VAL C 73 76.43 -0.72 80.49
C VAL C 73 77.45 -1.67 81.13
N SER C 74 77.52 -1.63 82.48
CA SER C 74 78.47 -2.47 83.26
C SER C 74 77.69 -3.25 84.33
N VAL C 75 77.71 -4.58 84.22
CA VAL C 75 77.01 -5.51 85.15
C VAL C 75 78.06 -6.15 86.05
N TYR C 76 77.88 -6.03 87.38
CA TYR C 76 78.83 -6.61 88.35
C TYR C 76 78.18 -7.76 89.13
N THR C 77 78.80 -8.93 89.15
CA THR C 77 78.28 -10.05 89.98
C THR C 77 78.42 -9.57 91.43
N VAL C 78 77.39 -9.76 92.26
CA VAL C 78 77.49 -9.25 93.67
C VAL C 78 77.30 -10.39 94.67
N LYS C 79 78.33 -10.67 95.47
CA LYS C 79 78.22 -11.73 96.52
C LYS C 79 78.62 -11.10 97.85
N ASP C 80 77.63 -10.86 98.73
CA ASP C 80 77.85 -10.17 100.03
C ASP C 80 78.39 -8.76 99.74
N ASP C 81 79.50 -8.37 100.36
CA ASP C 81 80.07 -7.02 100.17
C ASP C 81 81.12 -7.01 99.03
N LYS C 82 81.35 -8.16 98.39
CA LYS C 82 82.39 -8.25 97.31
C LYS C 82 81.74 -8.35 95.92
N GLU C 83 82.33 -7.68 94.94
CA GLU C 83 81.84 -7.75 93.53
C GLU C 83 83.04 -7.99 92.59
N SER C 84 82.82 -8.78 91.53
CA SER C 84 83.93 -9.15 90.60
C SER C 84 83.99 -8.21 89.39
N VAL C 85 84.97 -8.44 88.52
CA VAL C 85 85.17 -7.63 87.27
C VAL C 85 83.83 -7.51 86.55
N PRO C 86 83.32 -6.29 86.28
CA PRO C 86 82.03 -6.11 85.61
C PRO C 86 82.17 -6.06 84.08
N ILE C 87 81.36 -6.85 83.38
CA ILE C 87 81.39 -6.82 81.88
C ILE C 87 80.95 -5.41 81.47
N SER C 88 81.67 -4.80 80.52
CA SER C 88 81.33 -3.41 80.09
C SER C 88 80.96 -3.39 78.60
N ASP C 89 79.71 -3.02 78.30
CA ASP C 89 79.25 -2.95 76.89
C ASP C 89 78.75 -1.51 76.62
N THR C 90 78.77 -1.07 75.36
CA THR C 90 78.31 0.31 75.00
C THR C 90 77.21 0.21 73.94
N ILE C 91 76.09 0.92 74.15
CA ILE C 91 74.98 0.86 73.16
C ILE C 91 74.42 2.26 72.91
N ILE C 92 74.07 2.53 71.63
CA ILE C 92 73.41 3.80 71.21
C ILE C 92 71.91 3.48 71.03
N PRO C 93 70.99 4.16 71.77
CA PRO C 93 69.55 3.89 71.67
C PRO C 93 68.92 4.20 70.30
N ALA C 94 68.01 3.33 69.84
CA ALA C 94 67.30 3.50 68.55
C ALA C 94 66.25 4.61 68.66
N VAL C 95 66.11 5.42 67.60
CA VAL C 95 65.12 6.54 67.56
C VAL C 95 63.70 5.95 67.52
N PRO C 96 62.72 6.55 68.23
CA PRO C 96 61.34 6.04 68.24
C PRO C 96 60.64 6.10 66.88
N PRO C 97 59.93 5.03 66.46
CA PRO C 97 59.24 4.99 65.16
C PRO C 97 57.93 5.78 65.14
N PRO C 98 57.52 6.37 63.98
CA PRO C 98 56.26 7.11 63.88
C PRO C 98 55.08 6.15 64.07
N THR C 99 54.02 6.61 64.73
CA THR C 99 52.83 5.74 64.99
C THR C 99 51.53 6.53 64.79
N ASP C 100 50.42 5.81 64.62
CA ASP C 100 49.06 6.39 64.42
C ASP C 100 49.03 7.29 63.18
N LEU C 101 49.50 6.76 62.03
CA LEU C 101 49.50 7.53 60.75
C LEU C 101 48.05 7.70 60.27
N ARG C 102 47.71 8.89 59.78
CA ARG C 102 46.33 9.18 59.28
C ARG C 102 46.42 9.95 57.96
N PHE C 103 45.45 9.77 57.07
CA PHE C 103 45.42 10.48 55.77
C PHE C 103 44.08 11.24 55.66
N THR C 104 44.13 12.58 55.60
CA THR C 104 42.88 13.37 55.51
C THR C 104 42.95 14.35 54.33
N ASN C 105 41.79 14.83 53.87
CA ASN C 105 41.69 15.80 52.74
C ASN C 105 42.37 15.24 51.49
N ILE C 106 42.18 13.95 51.21
CA ILE C 106 42.79 13.29 50.01
C ILE C 106 42.21 13.90 48.73
N GLY C 107 43.07 14.13 47.73
CA GLY C 107 42.68 14.67 46.42
C GLY C 107 43.57 14.13 45.33
N PRO C 108 43.13 14.05 44.05
CA PRO C 108 44.00 13.55 42.99
C PRO C 108 45.21 14.47 42.77
N ASP C 109 44.96 15.78 42.67
CA ASP C 109 46.04 16.77 42.45
C ASP C 109 47.00 16.78 43.64
N THR C 110 46.46 16.73 44.86
CA THR C 110 47.32 16.75 46.08
C THR C 110 46.63 15.97 47.21
N MET C 111 47.41 15.54 48.21
CA MET C 111 46.87 14.78 49.38
C MET C 111 47.54 15.29 50.66
N ARG C 112 46.88 15.10 51.80
CA ARG C 112 47.44 15.55 53.12
C ARG C 112 47.65 14.34 54.02
N VAL C 113 48.81 14.27 54.69
CA VAL C 113 49.13 13.15 55.63
C VAL C 113 49.40 13.72 57.03
N THR C 114 48.75 13.17 58.06
CA THR C 114 48.94 13.62 59.47
C THR C 114 49.24 12.41 60.36
N TRP C 115 50.44 12.33 60.93
CA TRP C 115 50.87 11.17 61.75
C TRP C 115 51.06 11.63 63.20
N ALA C 116 51.26 10.67 64.10
CA ALA C 116 51.53 10.97 65.53
C ALA C 116 53.01 10.75 65.82
N PRO C 117 53.76 11.76 66.31
CA PRO C 117 55.19 11.62 66.59
C PRO C 117 55.50 10.79 67.85
N PRO C 118 56.70 10.16 67.93
CA PRO C 118 57.11 9.39 69.09
C PRO C 118 57.01 10.29 70.33
N PRO C 119 56.52 9.77 71.48
CA PRO C 119 56.37 10.58 72.70
C PRO C 119 57.65 10.94 73.46
N SER C 120 57.73 12.19 73.93
CA SER C 120 58.85 12.72 74.74
C SER C 120 60.21 12.53 74.06
N ILE C 121 60.29 12.79 72.75
CA ILE C 121 61.59 12.61 72.02
C ILE C 121 61.85 13.84 71.14
N ASP C 122 63.03 14.46 71.27
CA ASP C 122 63.33 15.62 70.45
C ASP C 122 64.02 15.18 69.16
N LEU C 123 63.21 14.75 68.19
CA LEU C 123 63.71 14.25 66.90
C LEU C 123 64.34 15.39 66.10
N THR C 124 65.36 15.07 65.30
CA THR C 124 66.06 16.07 64.45
C THR C 124 65.08 16.59 63.39
N ASN C 125 64.45 15.66 62.64
CA ASN C 125 63.47 16.01 61.59
C ASN C 125 62.59 14.79 61.31
N PHE C 126 61.49 14.98 60.58
CA PHE C 126 60.58 13.86 60.18
C PHE C 126 60.81 13.57 58.70
N LEU C 127 61.23 12.35 58.37
CA LEU C 127 61.52 11.98 56.96
C LEU C 127 60.44 11.02 56.42
N VAL C 128 59.81 11.38 55.30
CA VAL C 128 58.73 10.55 54.69
C VAL C 128 59.16 10.17 53.26
N ARG C 129 59.07 8.88 52.91
CA ARG C 129 59.43 8.39 51.55
C ARG C 129 58.21 7.70 50.94
N TYR C 130 57.58 8.33 49.94
CA TYR C 130 56.36 7.79 49.28
C TYR C 130 56.61 7.66 47.77
N SER C 131 55.81 6.82 47.10
CA SER C 131 55.94 6.60 45.64
C SER C 131 54.66 5.95 45.10
N PRO C 132 54.38 5.99 43.78
CA PRO C 132 53.19 5.35 43.23
C PRO C 132 53.32 3.83 43.47
N VAL C 133 52.23 3.16 43.84
CA VAL C 133 52.34 1.74 44.11
C VAL C 133 52.91 0.96 42.91
N LYS C 134 52.43 1.31 41.71
CA LYS C 134 52.87 0.67 40.44
C LYS C 134 54.16 1.33 39.96
N ASN C 135 54.63 2.35 40.68
CA ASN C 135 55.88 3.06 40.32
C ASN C 135 56.78 3.13 41.56
N GLU C 136 57.32 1.98 41.98
CA GLU C 136 58.22 1.87 43.16
C GLU C 136 59.53 2.62 42.92
N GLU C 137 60.04 2.58 41.68
CA GLU C 137 61.34 3.20 41.34
C GLU C 137 61.32 4.72 41.62
N ASP C 138 60.21 5.40 41.28
CA ASP C 138 60.16 6.87 41.54
C ASP C 138 59.48 7.13 42.88
N VAL C 139 60.24 7.68 43.84
CA VAL C 139 59.71 7.99 45.19
C VAL C 139 60.17 9.40 45.59
N ALA C 140 59.32 10.15 46.30
CA ALA C 140 59.66 11.52 46.72
C ALA C 140 59.87 11.55 48.24
N GLU C 141 61.04 12.03 48.68
CA GLU C 141 61.42 12.12 50.10
C GLU C 141 61.46 13.58 50.53
N LEU C 142 60.68 13.95 51.56
CA LEU C 142 60.63 15.36 52.04
C LEU C 142 60.92 15.41 53.55
N SER C 143 61.90 16.22 53.95
CA SER C 143 62.29 16.40 55.37
C SER C 143 61.15 17.18 56.04
N ILE C 144 60.73 16.75 57.24
CA ILE C 144 59.60 17.43 57.93
C ILE C 144 60.11 18.05 59.23
N SER C 145 59.73 19.30 59.52
CA SER C 145 60.18 19.95 60.79
C SER C 145 59.67 19.06 61.93
N PRO C 146 60.48 18.80 62.97
CA PRO C 146 60.10 17.89 64.07
C PRO C 146 58.86 18.30 64.88
N SER C 147 58.68 19.60 65.15
CA SER C 147 57.51 20.05 65.96
C SER C 147 56.19 19.71 65.26
N ASP C 148 56.10 19.93 63.95
CA ASP C 148 54.87 19.63 63.17
C ASP C 148 54.72 18.11 63.01
N ASN C 149 53.50 17.58 63.13
CA ASN C 149 53.28 16.12 62.96
C ASN C 149 52.51 15.87 61.65
N ALA C 150 52.25 16.94 60.88
CA ALA C 150 51.49 16.83 59.61
C ALA C 150 52.39 17.23 58.42
N VAL C 151 52.43 16.40 57.38
CA VAL C 151 53.25 16.65 56.16
C VAL C 151 52.29 16.84 54.97
N VAL C 152 52.58 17.82 54.10
CA VAL C 152 51.75 18.09 52.89
C VAL C 152 52.43 17.44 51.68
N LEU C 153 51.67 16.64 50.91
CA LEU C 153 52.21 15.96 49.70
C LEU C 153 51.60 16.61 48.46
N THR C 154 52.44 17.02 47.50
CA THR C 154 51.96 17.69 46.26
C THR C 154 52.40 16.90 45.02
N ASN C 155 52.00 17.36 43.84
CA ASN C 155 52.34 16.72 42.53
C ASN C 155 52.09 15.21 42.60
N LEU C 156 50.94 14.79 43.14
CA LEU C 156 50.58 13.35 43.21
C LEU C 156 49.87 12.97 41.91
N LEU C 157 50.24 11.83 41.33
CA LEU C 157 49.66 11.34 40.05
C LEU C 157 48.19 10.95 40.28
N PRO C 158 47.22 11.56 39.57
CA PRO C 158 45.80 11.24 39.75
C PRO C 158 45.49 9.74 39.62
N GLY C 159 44.59 9.24 40.47
CA GLY C 159 44.18 7.82 40.45
C GLY C 159 45.38 6.89 40.60
N THR C 160 46.30 7.21 41.51
CA THR C 160 47.50 6.36 41.73
C THR C 160 47.75 6.16 43.23
N GLU C 161 47.53 4.94 43.72
CA GLU C 161 47.76 4.56 45.14
C GLU C 161 49.20 4.92 45.53
N TYR C 162 49.38 5.64 46.64
CA TYR C 162 50.73 6.05 47.11
C TYR C 162 51.01 5.48 48.50
N VAL C 163 52.15 4.79 48.64
CA VAL C 163 52.58 4.19 49.94
C VAL C 163 53.68 5.09 50.52
N VAL C 164 53.37 5.80 51.61
CA VAL C 164 54.34 6.74 52.23
C VAL C 164 55.06 6.03 53.39
N SER C 165 56.40 6.13 53.43
CA SER C 165 57.18 5.50 54.53
C SER C 165 57.88 6.57 55.38
N VAL C 166 57.26 6.97 56.50
CA VAL C 166 57.84 8.05 57.35
C VAL C 166 58.42 7.45 58.65
N SER C 167 59.68 7.80 58.93
CA SER C 167 60.42 7.31 60.12
C SER C 167 61.06 8.50 60.86
N SER C 168 60.94 8.55 62.19
CA SER C 168 61.56 9.65 62.98
C SER C 168 63.08 9.60 62.81
N VAL C 169 63.72 10.76 62.68
CA VAL C 169 65.20 10.78 62.47
C VAL C 169 65.88 11.59 63.59
N TYR C 170 66.76 10.91 64.33
CA TYR C 170 67.58 11.54 65.40
C TYR C 170 69.03 11.26 65.04
N GLU C 171 69.84 12.31 64.89
CA GLU C 171 71.28 12.15 64.53
C GLU C 171 71.38 11.33 63.25
N GLN C 172 72.25 10.32 63.22
CA GLN C 172 72.41 9.44 62.03
C GLN C 172 71.46 8.24 62.18
N HIS C 173 70.86 8.08 63.36
CA HIS C 173 69.93 6.95 63.65
C HIS C 173 68.62 7.15 62.86
N GLU C 174 68.04 6.04 62.39
CA GLU C 174 66.76 6.09 61.63
C GLU C 174 65.70 5.27 62.36
N SER C 175 64.50 5.80 62.63
CA SER C 175 63.52 4.96 63.38
C SER C 175 62.74 4.00 62.47
N THR C 176 61.80 3.25 63.07
CA THR C 176 60.96 2.26 62.32
C THR C 176 59.99 3.03 61.42
N PRO C 177 59.87 2.68 60.12
CA PRO C 177 58.98 3.37 59.19
C PRO C 177 57.50 2.97 59.30
N LEU C 178 56.61 3.96 59.27
CA LEU C 178 55.14 3.73 59.32
C LEU C 178 54.61 3.74 57.87
N ARG C 179 53.88 2.70 57.47
CA ARG C 179 53.37 2.61 56.08
C ARG C 179 51.86 2.87 56.02
N GLY C 180 51.46 3.88 55.24
CA GLY C 180 50.04 4.23 55.02
C GLY C 180 49.74 4.26 53.52
N ARG C 181 48.71 3.51 53.10
CA ARG C 181 48.37 3.45 51.64
C ARG C 181 47.08 4.22 51.37
N GLN C 182 47.14 5.17 50.44
CA GLN C 182 45.98 6.00 50.02
C GLN C 182 45.94 6.04 48.49
N LYS C 183 44.77 6.36 47.92
CA LYS C 183 44.59 6.45 46.44
C LYS C 183 44.18 7.87 46.05
N THR C 184 44.86 8.44 45.04
CA THR C 184 44.57 9.81 44.53
C THR C 184 43.28 9.82 43.69
N GLY C 185 42.70 11.01 43.50
CA GLY C 185 41.43 11.18 42.77
C GLY C 185 41.55 11.05 41.25
N LEU C 186 40.39 11.08 40.59
CA LEU C 186 40.21 10.96 39.11
C LEU C 186 40.34 12.33 38.42
N ASP C 187 40.49 12.31 37.09
CA ASP C 187 40.64 13.54 36.26
C ASP C 187 39.31 13.84 35.56
N SER C 188 38.89 15.11 35.53
CA SER C 188 37.59 15.55 34.94
C SER C 188 37.62 15.57 33.41
N PRO C 189 36.45 15.72 32.74
CA PRO C 189 36.35 15.80 31.28
C PRO C 189 36.58 17.26 30.85
N THR C 190 37.15 17.48 29.65
CA THR C 190 37.48 18.82 29.11
C THR C 190 37.08 18.95 27.64
N GLY C 191 37.11 20.19 27.11
CA GLY C 191 36.78 20.50 25.71
C GLY C 191 35.36 20.16 25.28
N ILE C 192 34.37 20.43 26.14
CA ILE C 192 32.94 20.17 25.79
C ILE C 192 32.56 21.09 24.62
N ASP C 193 31.77 20.57 23.66
CA ASP C 193 31.37 21.37 22.47
C ASP C 193 29.94 21.00 22.04
N PHE C 194 29.25 21.91 21.35
CA PHE C 194 27.87 21.70 20.87
C PHE C 194 27.84 21.85 19.33
N SER C 195 27.22 20.89 18.64
CA SER C 195 27.16 20.92 17.16
C SER C 195 25.79 20.42 16.64
N ASP C 196 25.47 20.77 15.39
CA ASP C 196 24.20 20.35 14.72
C ASP C 196 22.99 20.82 15.52
N ILE C 197 23.01 22.08 15.99
CA ILE C 197 21.90 22.62 16.82
C ILE C 197 20.61 22.62 16.00
N THR C 198 19.53 22.10 16.60
CA THR C 198 18.18 22.03 15.98
C THR C 198 17.16 22.48 17.03
N ALA C 199 15.93 22.78 16.59
CA ALA C 199 14.91 23.27 17.55
C ALA C 199 14.66 22.21 18.63
N ASN C 200 14.59 20.93 18.26
CA ASN C 200 14.31 19.87 19.26
C ASN C 200 15.56 19.08 19.69
N SER C 201 16.72 19.29 19.05
CA SER C 201 17.91 18.51 19.47
C SER C 201 19.22 19.22 19.16
N PHE C 202 20.31 18.74 19.74
CA PHE C 202 21.68 19.28 19.54
C PHE C 202 22.72 18.19 19.86
N THR C 203 23.97 18.42 19.46
CA THR C 203 25.09 17.45 19.67
C THR C 203 26.15 18.07 20.58
N VAL C 204 26.59 17.32 21.60
CA VAL C 204 27.61 17.81 22.57
C VAL C 204 28.89 16.96 22.42
N HIS C 205 30.05 17.62 22.36
CA HIS C 205 31.36 16.92 22.22
C HIS C 205 32.24 17.21 23.45
N TRP C 206 32.83 16.17 24.04
CA TRP C 206 33.72 16.32 25.23
C TRP C 206 34.96 15.44 25.06
N ILE C 207 36.05 15.78 25.77
CA ILE C 207 37.33 15.01 25.68
C ILE C 207 37.54 14.18 26.95
N ALA C 208 37.90 12.90 26.78
CA ALA C 208 38.14 11.97 27.92
C ALA C 208 39.35 12.43 28.74
N PRO C 209 39.31 12.33 30.09
CA PRO C 209 40.42 12.73 30.95
C PRO C 209 41.63 11.79 30.83
N ARG C 210 42.83 12.32 31.07
CA ARG C 210 44.11 11.54 30.99
C ARG C 210 43.94 10.23 31.77
N ALA C 211 43.31 10.29 32.96
CA ALA C 211 43.10 9.09 33.79
C ALA C 211 42.05 8.19 33.15
N THR C 212 42.24 6.87 33.29
CA THR C 212 41.32 5.85 32.73
C THR C 212 39.94 6.09 33.33
N ILE C 213 38.89 6.12 32.49
CA ILE C 213 37.50 6.34 32.97
C ILE C 213 36.62 5.17 32.51
N THR C 214 35.85 4.57 33.42
CA THR C 214 34.97 3.43 33.06
C THR C 214 33.78 3.96 32.24
N GLY C 215 33.02 4.92 32.80
CA GLY C 215 31.85 5.47 32.09
C GLY C 215 31.69 6.97 32.29
N TYR C 216 30.80 7.59 31.52
CA TYR C 216 30.55 9.06 31.59
C TYR C 216 29.08 9.31 31.95
N ARG C 217 28.84 10.30 32.82
CA ARG C 217 27.46 10.65 33.27
C ARG C 217 27.11 12.00 32.65
N ILE C 218 26.01 12.08 31.90
CA ILE C 218 25.59 13.35 31.25
C ILE C 218 24.18 13.73 31.70
N ARG C 219 24.02 14.92 32.27
CA ARG C 219 22.70 15.40 32.76
C ARG C 219 22.38 16.76 32.12
N HIS C 220 21.18 16.88 31.53
CA HIS C 220 20.76 18.17 30.91
C HIS C 220 19.43 18.59 31.54
N HIS C 221 19.35 19.83 32.05
CA HIS C 221 18.10 20.33 32.68
C HIS C 221 17.85 21.80 32.31
N PRO C 222 16.59 22.27 32.27
CA PRO C 222 16.26 23.66 31.99
C PRO C 222 16.40 24.50 33.27
N GLU C 223 16.36 25.83 33.15
CA GLU C 223 16.49 26.71 34.34
C GLU C 223 15.36 26.38 35.32
N HIS C 224 14.14 26.22 34.83
CA HIS C 224 12.99 25.83 35.68
C HIS C 224 12.51 24.44 35.24
N PHE C 225 12.52 23.46 36.15
CA PHE C 225 12.12 22.08 35.79
C PHE C 225 11.03 21.57 36.76
N SER C 226 9.91 21.08 36.20
CA SER C 226 8.81 20.51 37.00
C SER C 226 9.32 19.25 37.72
N GLY C 227 10.14 18.46 37.01
CA GLY C 227 10.70 17.20 37.54
C GLY C 227 12.21 17.15 37.34
N ARG C 228 12.90 16.29 38.09
CA ARG C 228 14.38 16.16 37.99
C ARG C 228 14.77 15.71 36.58
N PRO C 229 15.86 16.26 35.99
CA PRO C 229 16.30 15.89 34.64
C PRO C 229 16.80 14.44 34.58
N ARG C 230 16.58 13.77 33.45
CA ARG C 230 17.01 12.36 33.25
C ARG C 230 18.54 12.30 33.11
N GLU C 231 19.14 11.16 33.45
CA GLU C 231 20.60 10.96 33.37
C GLU C 231 20.91 9.76 32.46
N ASP C 232 21.85 9.92 31.52
CA ASP C 232 22.22 8.84 30.58
C ASP C 232 23.69 8.44 30.81
N ARG C 233 23.95 7.14 30.96
CA ARG C 233 25.34 6.64 31.19
C ARG C 233 25.86 6.04 29.87
N VAL C 234 27.02 6.52 29.39
CA VAL C 234 27.59 6.02 28.11
C VAL C 234 29.02 5.55 28.34
N PRO C 235 29.53 4.60 27.52
CA PRO C 235 30.89 4.07 27.65
C PRO C 235 31.96 5.12 27.32
N HIS C 236 33.16 4.92 27.87
CA HIS C 236 34.35 5.81 27.68
C HIS C 236 34.77 5.82 26.21
N SER C 237 34.63 4.69 25.52
CA SER C 237 35.06 4.56 24.11
C SER C 237 34.34 5.59 23.23
N ARG C 238 33.03 5.79 23.47
CA ARG C 238 32.21 6.77 22.70
C ARG C 238 32.10 8.08 23.49
N ASN C 239 32.94 9.06 23.14
CA ASN C 239 32.97 10.38 23.82
C ASN C 239 31.95 11.32 23.16
N SER C 240 31.09 10.81 22.29
CA SER C 240 30.09 11.66 21.60
C SER C 240 28.68 11.15 21.86
N ILE C 241 27.78 12.03 22.34
CA ILE C 241 26.37 11.67 22.59
C ILE C 241 25.49 12.82 22.10
N THR C 242 24.26 12.52 21.67
CA THR C 242 23.34 13.58 21.18
C THR C 242 22.01 13.50 21.93
N LEU C 243 21.54 14.63 22.48
CA LEU C 243 20.25 14.66 23.21
C LEU C 243 19.15 15.13 22.25
N THR C 244 18.07 14.35 22.15
CA THR C 244 16.94 14.68 21.23
C THR C 244 15.62 14.83 22.00
N ASN C 245 14.58 15.26 21.28
CA ASN C 245 13.19 15.49 21.76
C ASN C 245 13.10 16.70 22.71
N LEU C 246 14.03 17.66 22.58
CA LEU C 246 14.03 18.89 23.41
C LEU C 246 12.93 19.84 22.93
N THR C 247 12.45 20.72 23.82
CA THR C 247 11.39 21.71 23.48
C THR C 247 12.07 22.96 22.91
N PRO C 248 11.60 23.51 21.77
CA PRO C 248 12.23 24.70 21.16
C PRO C 248 12.09 25.97 22.02
N GLY C 249 13.12 26.82 22.00
CA GLY C 249 13.11 28.10 22.75
C GLY C 249 13.47 27.94 24.22
N THR C 250 13.92 26.74 24.62
CA THR C 250 14.29 26.52 26.04
C THR C 250 15.80 26.25 26.15
N GLU C 251 16.51 27.04 26.97
CA GLU C 251 17.97 26.86 27.18
C GLU C 251 18.19 25.62 28.05
N TYR C 252 19.20 24.81 27.74
CA TYR C 252 19.49 23.58 28.51
C TYR C 252 20.90 23.61 29.10
N VAL C 253 21.02 23.27 30.38
CA VAL C 253 22.33 23.21 31.09
C VAL C 253 22.68 21.71 31.22
N VAL C 254 23.89 21.33 30.79
CA VAL C 254 24.27 19.89 30.80
C VAL C 254 25.53 19.68 31.64
N SER C 255 25.50 18.71 32.57
CA SER C 255 26.67 18.41 33.43
C SER C 255 27.29 17.07 33.02
N ILE C 256 28.57 17.07 32.65
CA ILE C 256 29.26 15.81 32.22
C ILE C 256 30.26 15.41 33.31
N VAL C 257 30.08 14.21 33.89
CA VAL C 257 31.00 13.71 34.95
C VAL C 257 31.56 12.36 34.50
N ALA C 258 32.90 12.22 34.56
CA ALA C 258 33.55 10.95 34.18
C ALA C 258 33.70 10.12 35.46
N LEU C 259 33.10 8.92 35.49
CA LEU C 259 33.14 8.07 36.70
C LEU C 259 33.82 6.73 36.40
N ASN C 260 34.83 6.38 37.20
CA ASN C 260 35.54 5.09 37.08
C ASN C 260 35.29 4.34 38.40
N GLY C 261 34.80 3.10 38.33
CA GLY C 261 34.49 2.38 39.58
C GLY C 261 33.52 3.20 40.41
N ARG C 262 33.82 3.39 41.70
CA ARG C 262 32.94 4.23 42.56
C ARG C 262 33.43 5.68 42.53
N GLU C 263 34.60 5.92 41.91
CA GLU C 263 35.20 7.27 41.82
C GLU C 263 34.42 8.14 40.81
N GLU C 264 34.39 9.45 41.06
CA GLU C 264 33.70 10.43 40.16
C GLU C 264 34.65 11.61 39.87
N SER C 265 34.70 12.05 38.61
CA SER C 265 35.58 13.19 38.25
C SER C 265 34.79 14.51 38.36
N PRO C 266 35.46 15.68 38.42
CA PRO C 266 34.76 16.95 38.56
C PRO C 266 33.79 17.13 37.38
N LEU C 267 32.56 17.55 37.69
CA LEU C 267 31.52 17.73 36.65
C LEU C 267 31.88 18.92 35.76
N LEU C 268 31.69 18.76 34.44
CA LEU C 268 31.93 19.86 33.47
C LEU C 268 30.56 20.35 33.03
N ILE C 269 30.27 21.65 33.18
CA ILE C 269 28.90 22.15 32.84
C ILE C 269 28.92 22.84 31.47
N GLY C 270 27.99 22.47 30.59
CA GLY C 270 27.88 23.09 29.26
C GLY C 270 26.49 23.69 29.10
N GLN C 271 26.40 24.96 28.70
CA GLN C 271 25.07 25.62 28.57
C GLN C 271 24.76 25.89 27.09
N GLN C 272 23.59 25.41 26.64
CA GLN C 272 23.15 25.61 25.22
C GLN C 272 21.68 26.04 25.22
N SER C 273 21.25 26.79 24.20
CA SER C 273 19.85 27.28 24.10
C SER C 273 19.23 26.80 22.78
N THR C 274 18.04 26.21 22.84
CA THR C 274 17.35 25.72 21.62
C THR C 274 16.79 26.89 20.82
N VAL C 275 16.59 26.70 19.51
CA VAL C 275 16.07 27.78 18.61
C VAL C 275 14.55 27.91 18.82
N SER C 276 14.01 29.11 18.55
CA SER C 276 12.55 29.37 18.70
C SER C 276 11.94 29.57 17.30
N ASP C 277 10.90 28.79 16.98
CA ASP C 277 10.24 28.86 15.64
C ASP C 277 9.07 29.85 15.66
N VAL C 278 8.75 30.44 16.82
CA VAL C 278 7.60 31.39 16.93
C VAL C 278 7.88 32.69 16.15
N PRO C 279 6.85 33.29 15.53
CA PRO C 279 6.98 34.54 14.76
C PRO C 279 7.19 35.74 15.70
N ARG C 280 7.83 36.80 15.19
CA ARG C 280 8.13 38.00 16.01
C ARG C 280 7.76 39.28 15.26
N ASP C 281 7.66 40.39 15.99
CA ASP C 281 7.36 41.75 15.43
C ASP C 281 6.02 41.78 14.69
N LEU C 282 4.97 41.17 15.25
CA LEU C 282 3.64 41.20 14.59
C LEU C 282 3.14 42.65 14.63
N GLU C 283 2.65 43.16 13.49
CA GLU C 283 2.17 44.56 13.42
C GLU C 283 1.18 44.70 12.27
N VAL C 284 0.45 45.83 12.21
CA VAL C 284 -0.56 46.09 11.15
C VAL C 284 -0.03 47.16 10.19
N VAL C 285 0.31 46.77 8.96
CA VAL C 285 0.86 47.70 7.92
C VAL C 285 -0.17 48.77 7.55
N ALA C 286 -1.40 48.38 7.21
CA ALA C 286 -2.45 49.38 6.82
C ALA C 286 -3.85 48.82 7.10
N ALA C 287 -4.77 49.65 7.60
CA ALA C 287 -6.14 49.14 7.90
C ALA C 287 -7.22 50.05 7.30
N THR C 288 -8.13 49.48 6.51
CA THR C 288 -9.29 50.23 5.92
C THR C 288 -10.51 50.05 6.84
N PRO C 289 -11.70 50.55 6.47
CA PRO C 289 -12.89 50.45 7.31
C PRO C 289 -13.36 49.01 7.57
N THR C 290 -13.25 48.13 6.56
CA THR C 290 -13.67 46.72 6.76
C THR C 290 -12.50 45.73 6.63
N SER C 291 -11.34 46.17 6.12
CA SER C 291 -10.23 45.20 5.95
C SER C 291 -9.03 45.56 6.83
N LEU C 292 -8.25 44.55 7.25
CA LEU C 292 -7.05 44.79 8.09
C LEU C 292 -5.83 44.12 7.45
N LEU C 293 -4.72 44.85 7.31
CA LEU C 293 -3.48 44.28 6.73
C LEU C 293 -2.50 43.99 7.87
N ILE C 294 -2.07 42.73 8.03
CA ILE C 294 -1.16 42.35 9.15
C ILE C 294 0.18 41.86 8.59
N SER C 295 1.30 42.39 9.12
CA SER C 295 2.68 42.01 8.68
C SER C 295 3.53 41.59 9.90
N TRP C 296 4.09 40.38 9.87
CA TRP C 296 4.84 39.82 11.02
C TRP C 296 6.26 39.45 10.58
N ASP C 297 7.15 39.20 11.54
CA ASP C 297 8.56 38.83 11.26
C ASP C 297 8.62 37.34 10.92
N ALA C 298 9.57 36.93 10.07
CA ALA C 298 9.72 35.52 9.65
C ALA C 298 10.33 34.69 10.79
N PRO C 299 9.80 33.49 11.10
CA PRO C 299 10.35 32.64 12.16
C PRO C 299 11.73 32.10 11.79
N ALA C 300 12.54 31.76 12.80
CA ALA C 300 13.92 31.27 12.57
C ALA C 300 13.89 29.90 11.87
N VAL C 301 12.95 29.02 12.28
CA VAL C 301 12.83 27.66 11.68
C VAL C 301 12.01 27.73 10.40
N THR C 302 12.19 26.77 9.49
CA THR C 302 11.44 26.72 8.21
C THR C 302 9.96 26.41 8.50
N VAL C 303 9.04 27.15 7.88
CA VAL C 303 7.58 26.95 8.11
C VAL C 303 6.93 26.65 6.75
N ARG C 304 6.25 25.50 6.64
CA ARG C 304 5.61 25.14 5.35
C ARG C 304 4.53 26.18 5.01
N TYR C 305 3.65 26.47 6.00
CA TYR C 305 2.58 27.50 5.85
C TYR C 305 2.18 28.07 7.21
N TYR C 306 1.45 29.20 7.21
CA TYR C 306 1.00 29.90 8.44
C TYR C 306 -0.53 29.95 8.50
N ARG C 307 -1.11 29.66 9.67
CA ARG C 307 -2.58 29.70 9.85
C ARG C 307 -2.95 31.00 10.57
N ILE C 308 -3.85 31.79 9.97
CA ILE C 308 -4.29 33.09 10.57
C ILE C 308 -5.71 32.92 11.10
N THR C 309 -5.95 33.31 12.36
CA THR C 309 -7.31 33.19 12.98
C THR C 309 -7.78 34.57 13.46
N TYR C 310 -9.02 34.94 13.14
CA TYR C 310 -9.61 36.25 13.56
C TYR C 310 -11.07 36.06 13.98
N GLY C 311 -11.46 36.64 15.12
CA GLY C 311 -12.83 36.53 15.64
C GLY C 311 -13.24 37.75 16.45
N GLU C 312 -14.48 37.76 16.96
CA GLU C 312 -14.97 38.91 17.77
C GLU C 312 -14.58 38.68 19.23
N THR C 313 -13.98 39.67 19.89
CA THR C 313 -13.58 39.52 21.32
C THR C 313 -14.84 39.38 22.20
N GLY C 314 -15.86 40.20 21.92
CA GLY C 314 -17.11 40.24 22.70
C GLY C 314 -17.95 38.96 22.66
N GLY C 315 -18.15 38.40 21.46
CA GLY C 315 -19.01 37.22 21.30
C GLY C 315 -18.20 35.95 21.14
N ASN C 316 -18.66 34.86 21.77
CA ASN C 316 -17.97 33.54 21.68
C ASN C 316 -18.44 32.84 20.39
N SER C 317 -17.99 33.34 19.24
CA SER C 317 -18.36 32.77 17.92
C SER C 317 -17.14 32.09 17.30
N PRO C 318 -17.29 30.90 16.65
CA PRO C 318 -16.16 30.21 16.03
C PRO C 318 -15.36 31.13 15.11
N VAL C 319 -14.04 31.18 15.32
CA VAL C 319 -13.14 32.07 14.53
C VAL C 319 -13.00 31.52 13.09
N GLN C 320 -12.72 32.41 12.14
CA GLN C 320 -12.53 32.01 10.72
C GLN C 320 -11.03 31.97 10.42
N GLU C 321 -10.54 30.81 9.97
CA GLU C 321 -9.09 30.61 9.70
C GLU C 321 -8.85 30.26 8.23
N PHE C 322 -7.89 30.95 7.61
CA PHE C 322 -7.49 30.71 6.19
C PHE C 322 -5.96 30.54 6.15
N THR C 323 -5.48 29.44 5.56
CA THR C 323 -4.01 29.18 5.50
C THR C 323 -3.35 30.03 4.40
N VAL C 324 -2.05 30.28 4.51
CA VAL C 324 -1.30 31.08 3.49
C VAL C 324 0.03 30.39 3.19
N PRO C 325 0.71 30.71 2.07
CA PRO C 325 2.00 30.10 1.73
C PRO C 325 3.10 30.44 2.75
N GLY C 326 4.04 29.52 2.96
CA GLY C 326 5.14 29.73 3.91
C GLY C 326 6.05 30.89 3.53
N SER C 327 6.36 31.02 2.23
CA SER C 327 7.27 32.09 1.74
C SER C 327 6.65 33.48 1.99
N LYS C 328 5.36 33.63 1.75
CA LYS C 328 4.67 34.94 1.94
C LYS C 328 4.46 35.20 3.44
N SER C 329 4.84 36.39 3.91
CA SER C 329 4.71 36.73 5.35
C SER C 329 3.62 37.80 5.56
N THR C 330 2.89 38.15 4.49
CA THR C 330 1.81 39.18 4.60
C THR C 330 0.45 38.58 4.23
N ALA C 331 -0.57 38.82 5.06
CA ALA C 331 -1.94 38.32 4.79
C ALA C 331 -2.92 39.50 4.86
N THR C 332 -4.11 39.34 4.27
CA THR C 332 -5.14 40.41 4.28
C THR C 332 -6.49 39.84 4.74
N ILE C 333 -7.13 40.48 5.71
CA ILE C 333 -8.46 40.02 6.20
C ILE C 333 -9.52 41.01 5.71
N SER C 334 -10.65 40.53 5.19
CA SER C 334 -11.73 41.40 4.66
C SER C 334 -13.11 40.95 5.18
N GLY C 335 -14.09 41.84 5.13
CA GLY C 335 -15.46 41.55 5.59
C GLY C 335 -15.65 41.82 7.08
N LEU C 336 -14.61 42.35 7.74
CA LEU C 336 -14.67 42.66 9.19
C LEU C 336 -15.64 43.83 9.43
N LYS C 337 -16.51 43.71 10.42
CA LYS C 337 -17.48 44.79 10.77
C LYS C 337 -16.71 45.98 11.35
N PRO C 338 -16.94 47.22 10.87
CA PRO C 338 -16.23 48.40 11.37
C PRO C 338 -16.69 48.76 12.80
N GLY C 339 -15.75 49.20 13.64
CA GLY C 339 -16.07 49.58 15.04
C GLY C 339 -16.15 48.40 15.97
N VAL C 340 -15.77 47.21 15.49
CA VAL C 340 -15.83 45.97 16.33
C VAL C 340 -14.41 45.45 16.56
N ASP C 341 -14.04 45.25 17.83
CA ASP C 341 -12.69 44.73 18.20
C ASP C 341 -12.52 43.31 17.64
N TYR C 342 -11.33 43.01 17.10
CA TYR C 342 -11.05 41.67 16.53
C TYR C 342 -9.65 41.20 16.94
N THR C 343 -9.55 39.95 17.39
CA THR C 343 -8.27 39.36 17.85
C THR C 343 -7.64 38.55 16.70
N ILE C 344 -6.37 38.81 16.40
CA ILE C 344 -5.67 38.09 15.28
C ILE C 344 -4.60 37.16 15.89
N THR C 345 -4.67 35.87 15.55
CA THR C 345 -3.69 34.87 16.05
C THR C 345 -3.00 34.20 14.86
N VAL C 346 -1.69 34.37 14.73
CA VAL C 346 -0.93 33.78 13.59
C VAL C 346 -0.08 32.60 14.09
N TYR C 347 -0.24 31.42 13.48
CA TYR C 347 0.52 30.21 13.89
C TYR C 347 1.53 29.83 12.80
N ALA C 348 2.54 29.04 13.17
CA ALA C 348 3.57 28.56 12.22
C ALA C 348 3.57 27.03 12.21
N VAL C 349 3.48 26.42 11.03
CA VAL C 349 3.46 24.94 10.90
C VAL C 349 4.83 24.46 10.41
N THR C 350 5.51 23.62 11.21
CA THR C 350 6.84 23.08 10.82
C THR C 350 6.85 21.56 10.98
N GLY C 351 5.69 20.97 11.31
CA GLY C 351 5.59 19.52 11.54
C GLY C 351 5.94 18.71 10.30
N ARG C 352 6.76 17.65 10.49
CA ARG C 352 7.22 16.79 9.38
C ARG C 352 6.51 15.43 9.49
N GLY C 353 6.08 14.89 8.35
CA GLY C 353 5.35 13.60 8.36
C GLY C 353 3.86 13.81 8.57
N ASP C 354 3.15 12.76 8.96
CA ASP C 354 1.68 12.81 9.16
C ASP C 354 1.31 13.81 10.27
N SER C 355 2.11 13.90 11.33
CA SER C 355 1.78 14.79 12.46
C SER C 355 1.58 16.22 11.94
N PRO C 356 0.51 16.91 12.38
CA PRO C 356 0.19 18.29 11.96
C PRO C 356 0.48 19.32 13.07
N ALA C 357 1.30 18.95 14.06
CA ALA C 357 1.62 19.83 15.21
C ALA C 357 2.24 21.14 14.73
N SER C 358 1.82 22.26 15.33
CA SER C 358 2.32 23.61 14.97
C SER C 358 2.97 24.26 16.20
N SER C 359 3.56 25.45 16.01
CA SER C 359 4.21 26.17 17.13
C SER C 359 3.18 27.01 17.89
N LYS C 360 3.59 27.60 19.01
CA LYS C 360 2.68 28.45 19.84
C LYS C 360 2.32 29.72 19.08
N PRO C 361 1.04 30.15 19.10
CA PRO C 361 0.59 31.36 18.39
C PRO C 361 0.95 32.71 19.04
N ILE C 362 1.00 33.75 18.21
CA ILE C 362 1.27 35.17 18.61
C ILE C 362 0.08 36.02 18.15
N SER C 363 -0.76 36.47 19.09
CA SER C 363 -1.97 37.25 18.73
C SER C 363 -1.88 38.70 19.24
N ILE C 364 -2.63 39.60 18.58
CA ILE C 364 -2.69 41.05 18.92
C ILE C 364 -4.16 41.48 18.88
N ASN C 365 -4.50 42.61 19.50
CA ASN C 365 -5.90 43.11 19.50
C ASN C 365 -5.98 44.42 18.70
N TYR C 366 -6.79 44.43 17.63
CA TYR C 366 -6.95 45.64 16.79
C TYR C 366 -8.42 46.07 16.75
N ARG C 367 -8.65 47.38 16.84
CA ARG C 367 -10.01 47.97 16.82
C ARG C 367 -10.28 48.57 15.44
N THR C 368 -11.37 48.16 14.79
CA THR C 368 -11.74 48.67 13.44
C THR C 368 -12.56 49.95 13.58
N MET D 1 -31.33 -9.66 20.67
CA MET D 1 -32.73 -9.16 20.78
C MET D 1 -32.88 -8.33 22.05
N ASP D 2 -33.67 -8.81 23.01
CA ASP D 2 -33.91 -8.12 24.30
C ASP D 2 -34.42 -6.69 24.07
N VAL D 3 -35.36 -6.54 23.12
CA VAL D 3 -35.94 -5.21 22.79
C VAL D 3 -37.47 -5.33 22.82
N LYS D 4 -38.13 -4.56 23.70
CA LYS D 4 -39.61 -4.62 23.81
C LYS D 4 -40.24 -3.40 23.12
N LEU D 5 -41.17 -3.66 22.20
CA LEU D 5 -41.92 -2.59 21.48
C LEU D 5 -43.42 -2.85 21.70
N VAL D 6 -44.17 -1.82 22.11
CA VAL D 6 -45.62 -1.99 22.39
C VAL D 6 -46.40 -0.84 21.75
N GLU D 7 -47.37 -1.18 20.88
CA GLU D 7 -48.22 -0.17 20.21
C GLU D 7 -49.64 -0.25 20.78
N SER D 8 -50.17 0.88 21.23
CA SER D 8 -51.55 0.90 21.81
C SER D 8 -52.31 2.12 21.31
N GLY D 9 -53.64 2.08 21.42
CA GLY D 9 -54.51 3.19 20.99
C GLY D 9 -55.27 2.93 19.70
N GLY D 10 -55.13 1.73 19.12
CA GLY D 10 -55.87 1.40 17.89
C GLY D 10 -57.37 1.31 18.14
N GLY D 11 -58.18 1.92 17.27
CA GLY D 11 -59.65 1.90 17.43
C GLY D 11 -60.39 2.19 16.13
N LEU D 12 -61.69 1.89 16.09
CA LEU D 12 -62.53 2.13 14.89
C LEU D 12 -62.61 3.63 14.64
N VAL D 13 -62.36 4.06 13.40
CA VAL D 13 -62.42 5.52 13.10
C VAL D 13 -63.42 5.75 11.96
N LYS D 14 -64.23 6.81 12.07
CA LYS D 14 -65.19 7.18 11.00
C LYS D 14 -64.40 7.88 9.88
N PRO D 15 -64.90 7.91 8.63
CA PRO D 15 -64.16 8.56 7.54
C PRO D 15 -63.93 10.03 7.89
N GLY D 16 -62.72 10.54 7.65
CA GLY D 16 -62.38 11.95 7.92
C GLY D 16 -62.03 12.19 9.37
N GLY D 17 -61.90 11.13 10.17
CA GLY D 17 -61.58 11.26 11.61
C GLY D 17 -60.09 11.38 11.86
N SER D 18 -59.71 11.54 13.12
CA SER D 18 -58.29 11.66 13.56
C SER D 18 -57.96 10.58 14.58
N LEU D 19 -56.91 9.80 14.34
CA LEU D 19 -56.50 8.70 15.26
C LEU D 19 -55.01 8.86 15.60
N LYS D 20 -54.66 8.79 16.89
CA LYS D 20 -53.26 8.94 17.37
C LYS D 20 -52.76 7.57 17.87
N LEU D 21 -51.59 7.15 17.39
CA LEU D 21 -50.98 5.86 17.79
C LEU D 21 -49.70 6.12 18.61
N SER D 22 -49.56 5.45 19.75
CA SER D 22 -48.38 5.63 20.64
C SER D 22 -47.57 4.34 20.72
N CYS D 23 -46.25 4.42 20.49
CA CYS D 23 -45.34 3.24 20.54
C CYS D 23 -44.35 3.42 21.69
N ALA D 24 -44.21 2.42 22.56
CA ALA D 24 -43.28 2.47 23.70
C ALA D 24 -42.06 1.57 23.43
N ALA D 25 -40.85 2.13 23.55
CA ALA D 25 -39.60 1.38 23.30
C ALA D 25 -38.82 1.24 24.62
N SER D 26 -38.46 0.00 24.99
CA SER D 26 -37.72 -0.25 26.24
C SER D 26 -36.59 -1.27 26.01
N GLY D 27 -35.59 -1.27 26.90
CA GLY D 27 -34.44 -2.20 26.83
C GLY D 27 -33.32 -1.68 25.95
N PHE D 28 -33.50 -0.50 25.36
CA PHE D 28 -32.45 0.11 24.49
C PHE D 28 -32.63 1.63 24.46
N THR D 29 -31.58 2.35 24.06
CA THR D 29 -31.64 3.84 23.95
C THR D 29 -32.51 4.20 22.74
N PHE D 30 -33.71 4.73 22.99
CA PHE D 30 -34.69 5.10 21.92
C PHE D 30 -34.13 6.19 21.01
N SER D 31 -33.46 7.20 21.58
CA SER D 31 -32.92 8.34 20.80
C SER D 31 -31.85 7.89 19.80
N SER D 32 -30.99 6.94 20.20
CA SER D 32 -29.86 6.45 19.36
C SER D 32 -30.33 5.77 18.06
N TYR D 33 -31.44 5.02 18.08
CA TYR D 33 -31.86 4.27 16.87
C TYR D 33 -33.10 4.88 16.21
N THR D 34 -33.02 5.09 14.89
CA THR D 34 -34.12 5.66 14.06
C THR D 34 -35.33 4.73 14.12
N MET D 35 -36.55 5.29 14.11
CA MET D 35 -37.79 4.48 14.21
C MET D 35 -38.69 4.76 12.99
N SER D 36 -39.48 3.75 12.57
CA SER D 36 -40.40 3.88 11.42
C SER D 36 -41.72 3.17 11.68
N TRP D 37 -42.77 3.50 10.93
CA TRP D 37 -44.11 2.88 11.08
C TRP D 37 -44.44 2.06 9.83
N VAL D 38 -44.80 0.78 10.00
CA VAL D 38 -45.16 -0.11 8.86
C VAL D 38 -46.55 -0.70 9.11
N ARG D 39 -47.42 -0.65 8.10
CA ARG D 39 -48.81 -1.17 8.23
C ARG D 39 -49.05 -2.30 7.23
N GLN D 40 -49.65 -3.40 7.68
CA GLN D 40 -49.95 -4.56 6.80
C GLN D 40 -51.45 -4.51 6.44
N THR D 41 -51.79 -4.58 5.16
CA THR D 41 -53.21 -4.46 4.71
C THR D 41 -53.97 -5.78 4.85
N PRO D 42 -55.26 -5.84 4.41
CA PRO D 42 -56.08 -7.05 4.48
C PRO D 42 -55.76 -8.10 3.40
N GLU D 43 -54.90 -7.73 2.44
CA GLU D 43 -54.43 -8.62 1.34
C GLU D 43 -53.08 -9.23 1.75
N LYS D 44 -52.68 -9.01 3.01
CA LYS D 44 -51.41 -9.52 3.58
C LYS D 44 -50.20 -8.93 2.83
N ARG D 45 -50.30 -7.66 2.45
CA ARG D 45 -49.18 -6.94 1.77
C ARG D 45 -48.56 -5.97 2.80
N LEU D 46 -47.34 -5.51 2.54
CA LEU D 46 -46.65 -4.59 3.50
C LEU D 46 -46.43 -3.23 2.85
N GLU D 47 -46.86 -2.16 3.53
CA GLU D 47 -46.68 -0.76 3.05
C GLU D 47 -46.00 0.06 4.15
N TRP D 48 -44.96 0.81 3.79
CA TRP D 48 -44.21 1.66 4.76
C TRP D 48 -44.88 3.04 4.88
N VAL D 49 -45.54 3.31 6.02
CA VAL D 49 -46.22 4.61 6.25
C VAL D 49 -45.25 5.78 6.55
N ALA D 50 -44.25 5.59 7.43
CA ALA D 50 -43.36 6.72 7.78
C ALA D 50 -42.02 6.28 8.37
N THR D 51 -41.07 7.21 8.44
CA THR D 51 -39.70 6.98 8.98
C THR D 51 -39.23 8.25 9.68
N ILE D 52 -38.80 8.13 10.94
CA ILE D 52 -38.33 9.31 11.73
C ILE D 52 -36.88 9.08 12.17
N SER D 53 -36.03 10.09 11.97
CA SER D 53 -34.59 10.05 12.37
C SER D 53 -34.44 10.16 13.89
N SER D 54 -33.32 9.64 14.43
CA SER D 54 -32.97 9.68 15.87
C SER D 54 -32.79 11.13 16.33
N GLY D 55 -32.13 11.94 15.50
CA GLY D 55 -31.95 13.38 15.79
C GLY D 55 -33.29 14.08 15.78
N GLY D 56 -34.18 13.68 14.86
CA GLY D 56 -35.52 14.28 14.69
C GLY D 56 -35.47 15.46 13.75
N SER D 57 -34.30 15.73 13.18
CA SER D 57 -34.09 16.86 12.24
C SER D 57 -34.92 16.67 10.96
N TYR D 58 -34.99 15.45 10.45
CA TYR D 58 -35.72 15.18 9.18
C TYR D 58 -36.61 13.94 9.31
N THR D 59 -37.65 13.87 8.47
CA THR D 59 -38.59 12.72 8.43
C THR D 59 -38.91 12.37 6.97
N TYR D 60 -39.33 11.13 6.71
CA TYR D 60 -39.65 10.67 5.33
C TYR D 60 -41.07 10.12 5.29
N TYR D 61 -41.86 10.54 4.29
CA TYR D 61 -43.26 10.07 4.15
C TYR D 61 -43.55 9.65 2.70
N PRO D 62 -44.36 8.59 2.46
CA PRO D 62 -44.73 8.17 1.11
C PRO D 62 -45.73 9.17 0.50
N ASP D 63 -45.84 9.20 -0.83
CA ASP D 63 -46.73 10.17 -1.53
C ASP D 63 -48.20 9.96 -1.15
N SER D 64 -48.66 8.70 -1.14
CA SER D 64 -50.07 8.39 -0.81
C SER D 64 -50.50 9.09 0.49
N VAL D 65 -49.82 8.77 1.60
CA VAL D 65 -50.16 9.35 2.93
C VAL D 65 -49.32 10.61 3.18
N LYS D 66 -48.45 10.98 2.25
CA LYS D 66 -47.59 12.18 2.45
C LYS D 66 -48.45 13.44 2.57
N GLY D 67 -48.19 14.25 3.61
CA GLY D 67 -48.90 15.51 3.85
C GLY D 67 -50.25 15.35 4.54
N ARG D 68 -50.63 14.11 4.87
CA ARG D 68 -51.94 13.84 5.53
C ARG D 68 -51.71 13.21 6.90
N PHE D 69 -50.47 12.80 7.19
CA PHE D 69 -50.12 12.13 8.48
C PHE D 69 -48.97 12.90 9.15
N THR D 70 -48.72 12.62 10.44
CA THR D 70 -47.60 13.28 11.17
C THR D 70 -46.89 12.24 12.04
N ILE D 71 -45.56 12.24 12.04
CA ILE D 71 -44.75 11.31 12.88
C ILE D 71 -43.84 12.14 13.78
N SER D 72 -43.75 11.80 15.08
CA SER D 72 -42.87 12.57 16.00
C SER D 72 -42.38 11.65 17.12
N ARG D 73 -41.37 12.09 17.88
CA ARG D 73 -40.84 11.24 18.99
C ARG D 73 -40.63 12.11 20.23
N ASP D 74 -40.67 11.49 21.42
CA ASP D 74 -40.46 12.21 22.70
C ASP D 74 -39.28 11.54 23.42
N LYS D 75 -38.12 12.20 23.43
CA LYS D 75 -36.88 11.64 24.05
C LYS D 75 -37.10 11.42 25.56
N ALA D 76 -37.75 12.37 26.23
CA ALA D 76 -37.97 12.27 27.69
C ALA D 76 -38.85 11.05 28.05
N LYS D 77 -39.94 10.82 27.30
CA LYS D 77 -40.85 9.69 27.61
C LYS D 77 -40.54 8.45 26.76
N ASN D 78 -39.58 8.54 25.82
CA ASN D 78 -39.22 7.39 24.95
C ASN D 78 -40.48 6.85 24.26
N THR D 79 -41.31 7.73 23.68
CA THR D 79 -42.57 7.29 23.03
C THR D 79 -42.65 7.83 21.59
N LEU D 80 -43.05 6.97 20.65
CA LEU D 80 -43.22 7.35 19.23
C LEU D 80 -44.70 7.61 18.95
N TYR D 81 -45.03 8.74 18.32
CA TYR D 81 -46.43 9.11 18.04
C TYR D 81 -46.69 9.27 16.53
N LEU D 82 -47.75 8.63 16.06
CA LEU D 82 -48.21 8.73 14.65
C LEU D 82 -49.58 9.42 14.68
N GLN D 83 -49.72 10.55 13.99
CA GLN D 83 -51.02 11.29 13.98
C GLN D 83 -51.68 11.08 12.62
N MET D 84 -52.92 10.59 12.62
CA MET D 84 -53.64 10.33 11.34
C MET D 84 -54.89 11.20 11.27
N GLY D 85 -55.04 11.94 10.17
CA GLY D 85 -56.22 12.80 9.93
C GLY D 85 -56.69 12.64 8.50
N SER D 86 -57.99 12.86 8.24
CA SER D 86 -58.66 12.72 6.91
C SER D 86 -58.55 11.27 6.41
N LEU D 87 -58.75 10.30 7.30
CA LEU D 87 -58.65 8.84 7.04
C LEU D 87 -59.71 8.39 6.03
N LYS D 88 -59.31 7.48 5.13
CA LYS D 88 -60.20 6.90 4.08
C LYS D 88 -60.35 5.39 4.33
N SER D 89 -61.10 4.70 3.46
CA SER D 89 -61.35 3.24 3.57
C SER D 89 -60.04 2.44 3.40
N GLU D 90 -59.17 2.89 2.48
CA GLU D 90 -57.88 2.20 2.16
C GLU D 90 -56.91 2.18 3.35
N ASP D 91 -57.06 3.14 4.26
CA ASP D 91 -56.20 3.33 5.46
C ASP D 91 -56.27 2.13 6.41
N THR D 92 -57.43 1.48 6.55
CA THR D 92 -57.52 0.35 7.52
C THR D 92 -56.45 -0.71 7.17
N ALA D 93 -55.62 -1.04 8.15
CA ALA D 93 -54.51 -2.02 8.03
C ALA D 93 -53.94 -2.31 9.42
N MET D 94 -53.03 -3.28 9.52
CA MET D 94 -52.36 -3.61 10.81
C MET D 94 -51.02 -2.84 10.89
N TYR D 95 -50.98 -1.79 11.72
CA TYR D 95 -49.78 -0.93 11.89
C TYR D 95 -48.83 -1.55 12.91
N TYR D 96 -47.53 -1.57 12.58
CA TYR D 96 -46.44 -2.14 13.41
C TYR D 96 -45.39 -1.06 13.70
N CYS D 97 -44.79 -1.11 14.89
CA CYS D 97 -43.71 -0.19 15.31
C CYS D 97 -42.37 -0.89 15.08
N THR D 98 -41.46 -0.27 14.33
CA THR D 98 -40.15 -0.92 14.02
C THR D 98 -38.99 -0.08 14.55
N ARG D 99 -37.77 -0.62 14.42
CA ARG D 99 -36.50 0.04 14.86
C ARG D 99 -35.39 -0.36 13.88
N ILE D 100 -34.71 0.62 13.29
CA ILE D 100 -33.63 0.35 12.29
C ILE D 100 -32.29 0.23 13.03
N GLY D 101 -31.70 -0.98 13.05
CA GLY D 101 -30.45 -1.21 13.78
C GLY D 101 -29.28 -0.40 13.24
N TYR D 102 -29.11 -0.33 11.92
CA TYR D 102 -28.00 0.46 11.33
C TYR D 102 -28.59 1.41 10.28
N ASP D 103 -28.25 2.70 10.36
CA ASP D 103 -28.78 3.69 9.39
C ASP D 103 -28.30 3.38 7.96
N GLU D 104 -27.03 3.00 7.82
CA GLU D 104 -26.41 2.71 6.50
C GLU D 104 -27.14 1.55 5.79
N ASP D 105 -27.38 0.45 6.49
CA ASP D 105 -28.02 -0.75 5.86
C ASP D 105 -29.50 -0.47 5.60
N TYR D 106 -30.09 0.36 6.49
CA TYR D 106 -31.52 0.79 6.45
C TYR D 106 -32.46 -0.43 6.43
N ALA D 107 -32.11 -1.39 7.29
CA ALA D 107 -32.79 -2.68 7.49
C ALA D 107 -33.48 -2.67 8.84
N MET D 108 -34.75 -3.07 8.90
CA MET D 108 -35.51 -3.14 10.18
C MET D 108 -35.17 -4.46 10.89
N ASP D 109 -34.78 -4.40 12.17
CA ASP D 109 -34.37 -5.62 12.92
C ASP D 109 -35.40 -5.95 14.01
N HIS D 110 -36.18 -4.96 14.44
CA HIS D 110 -37.22 -5.22 15.48
C HIS D 110 -38.62 -4.81 14.99
N TRP D 111 -39.62 -5.64 15.30
CA TRP D 111 -41.02 -5.39 14.88
C TRP D 111 -41.93 -5.50 16.11
N GLY D 112 -42.82 -4.52 16.31
CA GLY D 112 -43.73 -4.54 17.48
C GLY D 112 -44.93 -5.44 17.29
N GLN D 113 -45.74 -5.62 18.33
CA GLN D 113 -46.96 -6.47 18.26
C GLN D 113 -47.92 -5.86 17.24
N GLY D 114 -48.05 -4.53 17.25
CA GLY D 114 -48.90 -3.78 16.31
C GLY D 114 -50.32 -3.57 16.82
N THR D 115 -51.00 -2.55 16.29
CA THR D 115 -52.42 -2.26 16.65
C THR D 115 -53.23 -2.11 15.37
N SER D 116 -54.39 -2.75 15.30
CA SER D 116 -55.27 -2.66 14.10
C SER D 116 -56.23 -1.48 14.21
N VAL D 117 -56.18 -0.58 13.22
CA VAL D 117 -57.08 0.61 13.17
C VAL D 117 -57.95 0.42 11.92
N THR D 118 -59.25 0.21 12.11
CA THR D 118 -60.14 -0.05 10.95
C THR D 118 -61.16 1.08 10.80
N VAL D 119 -61.22 1.69 9.61
CA VAL D 119 -62.19 2.79 9.32
C VAL D 119 -63.59 2.20 9.27
N CYS D 120 -64.59 2.91 9.82
CA CYS D 120 -65.99 2.42 9.83
C CYS D 120 -66.88 3.36 9.00
N SER D 121 -67.62 2.82 8.03
CA SER D 121 -68.52 3.62 7.16
C SER D 121 -69.76 4.05 7.95
N GLY D 122 -70.16 5.31 7.80
CA GLY D 122 -71.36 5.87 8.48
C GLY D 122 -72.58 5.87 7.59
N SER D 123 -72.44 5.32 6.36
CA SER D 123 -73.54 5.28 5.37
C SER D 123 -74.73 4.46 5.90
N ASP D 124 -74.45 3.33 6.56
CA ASP D 124 -75.50 2.43 7.10
C ASP D 124 -76.35 3.19 8.13
N TYR D 125 -75.68 4.01 8.95
CA TYR D 125 -76.30 4.86 9.99
C TYR D 125 -77.40 5.73 9.37
N GLU D 126 -77.14 6.26 8.17
CA GLU D 126 -78.11 7.16 7.48
C GLU D 126 -79.42 6.42 7.19
N PHE D 127 -79.33 5.17 6.71
CA PHE D 127 -80.54 4.37 6.41
C PHE D 127 -81.34 4.12 7.70
N LEU D 128 -80.62 3.86 8.80
CA LEU D 128 -81.20 3.54 10.12
C LEU D 128 -82.01 4.72 10.69
N LYS D 129 -81.63 5.96 10.37
CA LYS D 129 -82.32 7.16 10.92
C LYS D 129 -83.80 7.15 10.55
N SER D 130 -84.13 6.83 9.30
CA SER D 130 -85.56 6.79 8.86
C SER D 130 -86.31 5.76 9.71
N TRP D 131 -85.74 4.56 9.83
CA TRP D 131 -86.30 3.43 10.61
C TRP D 131 -86.60 3.86 12.04
N THR D 132 -87.73 3.40 12.59
CA THR D 132 -88.14 3.74 13.99
C THR D 132 -87.19 3.05 14.98
N VAL D 133 -87.01 3.67 16.15
CA VAL D 133 -86.10 3.14 17.21
C VAL D 133 -86.54 1.72 17.59
N GLU D 134 -87.85 1.51 17.81
CA GLU D 134 -88.35 0.18 18.25
C GLU D 134 -88.00 -0.88 17.20
N ASP D 135 -88.22 -0.58 15.92
CA ASP D 135 -87.92 -1.53 14.82
C ASP D 135 -86.41 -1.77 14.73
N LEU D 136 -85.62 -0.69 14.80
CA LEU D 136 -84.14 -0.79 14.70
C LEU D 136 -83.60 -1.72 15.79
N GLN D 137 -84.01 -1.50 17.04
CA GLN D 137 -83.56 -2.30 18.21
C GLN D 137 -83.64 -3.80 17.90
N LYS D 138 -84.78 -4.26 17.35
CA LYS D 138 -84.94 -5.71 17.04
C LYS D 138 -83.80 -6.19 16.15
N ARG D 139 -83.42 -5.39 15.15
CA ARG D 139 -82.31 -5.76 14.23
C ARG D 139 -81.06 -6.13 15.03
N LEU D 140 -80.64 -5.24 15.93
CA LEU D 140 -79.44 -5.43 16.79
C LEU D 140 -79.34 -6.85 17.35
N LEU D 141 -80.45 -7.39 17.87
CA LEU D 141 -80.50 -8.74 18.48
C LEU D 141 -80.16 -9.82 17.45
N ALA D 142 -80.60 -9.64 16.20
CA ALA D 142 -80.38 -10.64 15.12
C ALA D 142 -78.90 -10.85 14.82
N LEU D 143 -78.10 -9.79 14.93
CA LEU D 143 -76.63 -9.81 14.61
C LEU D 143 -75.83 -10.74 15.53
N ASP D 144 -76.16 -10.77 16.83
CA ASP D 144 -75.36 -11.57 17.81
C ASP D 144 -75.33 -13.06 17.47
N PRO D 145 -76.46 -13.71 17.11
CA PRO D 145 -76.46 -15.15 16.79
C PRO D 145 -75.61 -15.48 15.55
N MET D 146 -75.69 -14.62 14.54
CA MET D 146 -75.00 -14.77 13.23
C MET D 146 -73.49 -14.72 13.45
N MET D 147 -73.02 -13.81 14.30
CA MET D 147 -71.56 -13.68 14.58
C MET D 147 -71.06 -14.97 15.23
N GLU D 148 -71.84 -15.53 16.16
CA GLU D 148 -71.45 -16.78 16.88
C GLU D 148 -71.38 -17.94 15.87
N GLN D 149 -72.41 -18.07 15.03
CA GLN D 149 -72.48 -19.16 14.01
C GLN D 149 -71.17 -19.19 13.22
N GLU D 150 -70.80 -18.05 12.64
CA GLU D 150 -69.56 -17.92 11.83
C GLU D 150 -68.36 -18.45 12.63
N ILE D 151 -68.28 -18.07 13.92
CA ILE D 151 -67.15 -18.51 14.80
C ILE D 151 -67.15 -20.03 14.92
N GLU D 152 -68.34 -20.64 15.06
CA GLU D 152 -68.47 -22.11 15.18
C GLU D 152 -67.96 -22.77 13.90
N GLU D 153 -68.28 -22.19 12.74
CA GLU D 153 -67.88 -22.75 11.43
C GLU D 153 -66.35 -22.79 11.33
N ILE D 154 -65.67 -21.72 11.78
CA ILE D 154 -64.19 -21.64 11.73
C ILE D 154 -63.60 -22.68 12.70
N ARG D 155 -64.20 -22.80 13.89
CA ARG D 155 -63.72 -23.74 14.95
C ARG D 155 -63.78 -25.20 14.47
N GLN D 156 -64.87 -25.59 13.81
CA GLN D 156 -65.01 -27.02 13.37
C GLN D 156 -63.99 -27.33 12.25
N LYS D 157 -63.80 -26.39 11.31
CA LYS D 157 -62.83 -26.62 10.20
C LYS D 157 -61.43 -26.85 10.76
N TYR D 158 -61.03 -26.07 11.76
CA TYR D 158 -59.69 -26.19 12.39
C TYR D 158 -59.54 -27.55 13.08
N GLN D 159 -60.62 -28.02 13.72
CA GLN D 159 -60.58 -29.31 14.47
C GLN D 159 -60.26 -30.46 13.51
N SER D 160 -60.84 -30.44 12.30
CA SER D 160 -60.61 -31.54 11.32
C SER D 160 -59.12 -31.61 10.94
N LYS D 161 -58.50 -30.45 10.68
CA LYS D 161 -57.06 -30.39 10.30
C LYS D 161 -56.20 -30.87 11.47
N ARG D 162 -56.54 -30.44 12.68
CA ARG D 162 -55.81 -30.79 13.93
C ARG D 162 -55.88 -32.30 14.24
N GLN D 163 -57.04 -32.93 14.06
CA GLN D 163 -57.22 -34.35 14.42
C GLN D 163 -56.13 -35.28 13.84
N PRO D 164 -55.70 -35.13 12.57
CA PRO D 164 -54.68 -36.04 12.00
C PRO D 164 -53.32 -36.01 12.73
N ILE D 165 -52.87 -34.81 13.11
CA ILE D 165 -51.58 -34.57 13.80
C ILE D 165 -51.65 -35.17 15.22
N LEU D 166 -52.76 -34.94 15.92
CA LEU D 166 -52.96 -35.48 17.29
C LEU D 166 -52.90 -37.01 17.27
N ASP D 167 -53.56 -37.62 16.27
CA ASP D 167 -53.59 -39.10 16.14
C ASP D 167 -52.17 -39.63 15.92
N ALA D 168 -51.40 -38.95 15.07
CA ALA D 168 -50.00 -39.35 14.78
C ALA D 168 -49.18 -39.37 16.09
N ILE D 169 -49.33 -38.32 16.89
CA ILE D 169 -48.60 -38.20 18.18
C ILE D 169 -49.02 -39.35 19.11
N GLU D 170 -50.32 -39.68 19.12
CA GLU D 170 -50.85 -40.77 19.97
C GLU D 170 -50.19 -42.10 19.55
N ALA D 171 -50.05 -42.31 18.24
CA ALA D 171 -49.43 -43.55 17.71
C ALA D 171 -47.98 -43.65 18.18
N LYS D 172 -47.27 -42.52 18.16
CA LYS D 172 -45.84 -42.48 18.59
C LYS D 172 -45.79 -42.42 20.12
N SER E 2 -39.93 14.87 -10.87
CA SER E 2 -39.64 13.47 -11.30
C SER E 2 -39.90 12.51 -10.13
N HIS E 3 -40.92 11.65 -10.26
CA HIS E 3 -41.25 10.68 -9.18
C HIS E 3 -41.05 9.25 -9.72
N MET E 4 -39.84 8.71 -9.58
CA MET E 4 -39.52 7.34 -10.06
C MET E 4 -39.46 6.44 -8.83
N GLN E 5 -40.19 5.33 -8.85
CA GLN E 5 -40.24 4.40 -7.69
C GLN E 5 -39.72 3.03 -8.12
N ILE E 6 -38.91 2.40 -7.26
CA ILE E 6 -38.35 1.04 -7.53
C ILE E 6 -39.49 0.02 -7.41
N VAL E 7 -39.54 -0.97 -8.31
CA VAL E 7 -40.61 -2.01 -8.28
C VAL E 7 -39.98 -3.35 -7.86
N VAL E 8 -40.59 -4.02 -6.88
CA VAL E 8 -40.10 -5.33 -6.37
C VAL E 8 -41.06 -6.44 -6.83
N THR E 9 -40.51 -7.51 -7.40
CA THR E 9 -41.29 -8.68 -7.91
C THR E 9 -40.78 -10.00 -7.33
N GLN E 10 -41.68 -10.86 -6.83
CA GLN E 10 -41.29 -12.21 -6.32
C GLN E 10 -41.88 -13.24 -7.28
N ARG E 11 -41.04 -14.11 -7.88
CA ARG E 11 -41.48 -15.04 -8.96
C ARG E 11 -42.51 -16.08 -8.56
N PRO E 12 -42.34 -16.88 -7.49
CA PRO E 12 -43.35 -17.85 -7.11
C PRO E 12 -44.29 -17.21 -6.10
N THR E 13 -45.43 -16.72 -6.56
CA THR E 13 -46.40 -16.03 -5.67
C THR E 13 -46.89 -17.03 -4.62
N THR E 14 -47.15 -18.27 -5.01
CA THR E 14 -47.56 -19.30 -4.02
C THR E 14 -46.92 -20.61 -4.45
N MET E 15 -46.48 -21.43 -3.50
CA MET E 15 -45.97 -22.77 -3.83
C MET E 15 -46.06 -23.66 -2.61
N ALA E 16 -46.02 -24.97 -2.82
CA ALA E 16 -46.11 -26.01 -1.76
C ALA E 16 -45.08 -27.10 -2.08
N ALA E 17 -44.32 -27.56 -1.07
CA ALA E 17 -43.30 -28.59 -1.36
C ALA E 17 -43.22 -29.59 -0.21
N SER E 18 -42.77 -30.81 -0.50
CA SER E 18 -42.62 -31.85 0.56
C SER E 18 -41.39 -31.57 1.43
N PRO E 19 -41.32 -32.12 2.66
CA PRO E 19 -40.17 -31.90 3.54
C PRO E 19 -38.88 -32.47 2.94
N GLY E 20 -37.77 -31.73 3.10
CA GLY E 20 -36.45 -32.13 2.57
C GLY E 20 -36.24 -31.68 1.13
N ASP E 21 -37.25 -31.01 0.55
CA ASP E 21 -37.18 -30.51 -0.85
C ASP E 21 -36.37 -29.20 -0.87
N LYS E 22 -35.88 -28.81 -2.05
CA LYS E 22 -35.11 -27.54 -2.18
C LYS E 22 -36.03 -26.47 -2.77
N ILE E 23 -36.17 -25.34 -2.07
CA ILE E 23 -37.06 -24.23 -2.53
C ILE E 23 -36.21 -23.00 -2.85
N ILE E 24 -36.38 -22.45 -4.06
CA ILE E 24 -35.61 -21.24 -4.51
C ILE E 24 -36.60 -20.13 -4.88
N ILE E 25 -36.53 -19.00 -4.18
CA ILE E 25 -37.43 -17.83 -4.44
C ILE E 25 -36.57 -16.67 -4.92
N THR E 26 -36.94 -16.04 -6.04
CA THR E 26 -36.15 -14.91 -6.60
C THR E 26 -36.82 -13.57 -6.28
N CYS E 27 -36.10 -12.47 -6.54
CA CYS E 27 -36.60 -11.09 -6.31
C CYS E 27 -36.06 -10.18 -7.43
N SER E 28 -36.94 -9.58 -8.23
CA SER E 28 -36.48 -8.73 -9.36
C SER E 28 -36.65 -7.25 -9.02
N VAL E 29 -35.61 -6.45 -9.26
CA VAL E 29 -35.63 -4.98 -8.98
C VAL E 29 -35.60 -4.23 -10.32
N SER E 30 -36.47 -3.23 -10.47
CA SER E 30 -36.59 -2.44 -11.73
C SER E 30 -35.28 -1.69 -12.04
N SER E 31 -34.58 -1.21 -11.01
CA SER E 31 -33.32 -0.46 -11.23
C SER E 31 -32.17 -1.08 -10.43
N ILE E 32 -30.92 -0.80 -10.84
CA ILE E 32 -29.70 -1.33 -10.16
C ILE E 32 -29.63 -0.79 -8.72
N ILE E 33 -29.34 -1.67 -7.76
CA ILE E 33 -29.23 -1.26 -6.32
C ILE E 33 -28.02 -1.99 -5.71
N SER E 34 -27.54 -1.54 -4.54
CA SER E 34 -26.40 -2.20 -3.87
C SER E 34 -26.87 -3.45 -3.14
N SER E 35 -25.99 -4.45 -2.91
CA SER E 35 -26.35 -5.73 -2.24
C SER E 35 -26.70 -5.51 -0.76
N ASN E 36 -26.04 -4.55 -0.10
CA ASN E 36 -26.29 -4.27 1.34
C ASN E 36 -27.73 -3.81 1.56
N TYR E 37 -28.27 -2.98 0.66
CA TYR E 37 -29.64 -2.43 0.78
C TYR E 37 -30.70 -3.55 0.76
N LEU E 38 -30.53 -4.55 -0.11
CA LEU E 38 -31.54 -5.65 -0.23
C LEU E 38 -31.64 -6.42 1.09
N HIS E 39 -32.87 -6.72 1.52
CA HIS E 39 -33.13 -7.46 2.78
C HIS E 39 -34.25 -8.50 2.57
N TRP E 40 -34.27 -9.55 3.40
CA TRP E 40 -35.31 -10.62 3.30
C TRP E 40 -36.04 -10.74 4.65
N TYR E 41 -37.38 -10.81 4.62
CA TYR E 41 -38.19 -10.90 5.86
C TYR E 41 -39.09 -12.15 5.80
N SER E 42 -39.19 -12.86 6.92
CA SER E 42 -40.04 -14.08 7.04
C SER E 42 -41.08 -13.87 8.16
N GLN E 43 -42.35 -14.18 7.88
CA GLN E 43 -43.44 -13.97 8.89
C GLN E 43 -44.23 -15.27 9.07
N LYS E 44 -44.30 -15.77 10.31
CA LYS E 44 -45.09 -16.99 10.64
C LYS E 44 -46.57 -16.58 10.78
N PRO E 45 -47.54 -17.52 10.67
CA PRO E 45 -48.95 -17.16 10.82
C PRO E 45 -49.25 -16.76 12.27
N GLY E 46 -49.97 -15.64 12.47
CA GLY E 46 -50.34 -15.18 13.82
C GLY E 46 -49.20 -14.47 14.54
N PHE E 47 -48.11 -14.15 13.83
CA PHE E 47 -46.95 -13.47 14.46
C PHE E 47 -46.43 -12.34 13.56
N SER E 48 -45.74 -11.37 14.17
CA SER E 48 -45.17 -10.20 13.45
C SER E 48 -43.95 -10.61 12.60
N PRO E 49 -43.61 -9.86 11.54
CA PRO E 49 -42.46 -10.20 10.68
C PRO E 49 -41.11 -10.09 11.40
N LYS E 50 -40.19 -11.00 11.10
CA LYS E 50 -38.83 -11.01 11.71
C LYS E 50 -37.77 -11.02 10.60
N LEU E 51 -36.71 -10.23 10.72
CA LEU E 51 -35.71 -10.14 9.61
C LEU E 51 -34.83 -11.39 9.59
N LEU E 52 -35.07 -12.27 8.62
CA LEU E 52 -34.31 -13.54 8.46
C LEU E 52 -32.85 -13.27 8.07
N ILE E 53 -32.64 -12.47 7.01
CA ILE E 53 -31.25 -12.18 6.52
C ILE E 53 -31.10 -10.67 6.28
N TYR E 54 -29.91 -10.14 6.60
CA TYR E 54 -29.58 -8.70 6.40
C TYR E 54 -28.31 -8.59 5.54
N ARG E 55 -28.29 -7.64 4.59
CA ARG E 55 -27.17 -7.32 3.64
C ARG E 55 -27.01 -8.39 2.54
N THR E 56 -27.99 -9.29 2.46
CA THR E 56 -28.10 -10.38 1.44
C THR E 56 -27.04 -11.48 1.63
N SER E 57 -26.06 -11.28 2.52
CA SER E 57 -25.03 -12.32 2.76
C SER E 57 -24.95 -12.70 4.24
N ASN E 58 -25.71 -12.00 5.09
CA ASN E 58 -25.62 -12.27 6.56
C ASN E 58 -26.98 -12.72 7.12
N LEU E 59 -26.97 -13.84 7.85
CA LEU E 59 -28.16 -14.38 8.54
C LEU E 59 -28.32 -13.69 9.89
N ALA E 60 -29.51 -13.17 10.19
CA ALA E 60 -29.77 -12.48 11.48
C ALA E 60 -29.62 -13.49 12.62
N SER E 61 -28.98 -13.09 13.72
CA SER E 61 -28.78 -13.99 14.88
C SER E 61 -30.08 -14.74 15.20
N GLY E 62 -29.98 -16.04 15.42
CA GLY E 62 -31.15 -16.90 15.73
C GLY E 62 -31.75 -17.53 14.48
N VAL E 63 -31.04 -17.42 13.36
CA VAL E 63 -31.50 -17.98 12.04
C VAL E 63 -30.70 -19.24 11.73
N PRO E 64 -31.35 -20.36 11.34
CA PRO E 64 -30.66 -21.62 11.04
C PRO E 64 -29.70 -21.51 9.85
N PRO E 65 -28.61 -22.32 9.82
CA PRO E 65 -27.60 -22.29 8.76
C PRO E 65 -28.09 -22.67 7.35
N ARG E 66 -29.13 -23.51 7.27
CA ARG E 66 -29.66 -23.98 5.97
C ARG E 66 -30.04 -22.78 5.08
N PHE E 67 -30.72 -21.79 5.64
CA PHE E 67 -31.16 -20.62 4.84
C PHE E 67 -29.92 -19.91 4.27
N SER E 68 -29.95 -19.55 2.99
CA SER E 68 -28.80 -18.86 2.34
C SER E 68 -29.30 -17.80 1.35
N GLY E 69 -28.49 -16.79 1.08
CA GLY E 69 -28.84 -15.71 0.13
C GLY E 69 -27.69 -15.39 -0.80
N SER E 70 -27.99 -15.08 -2.07
CA SER E 70 -26.93 -14.74 -3.05
C SER E 70 -27.50 -13.93 -4.23
N GLY E 71 -26.65 -13.17 -4.92
CA GLY E 71 -27.06 -12.37 -6.09
C GLY E 71 -26.28 -11.08 -6.22
N SER E 72 -26.56 -10.30 -7.28
CA SER E 72 -25.90 -8.99 -7.50
C SER E 72 -26.70 -8.23 -8.56
N GLY E 73 -26.41 -6.95 -8.76
CA GLY E 73 -27.16 -6.22 -9.79
C GLY E 73 -28.64 -6.20 -9.47
N THR E 74 -29.49 -6.62 -10.42
CA THR E 74 -30.96 -6.63 -10.21
C THR E 74 -31.48 -8.05 -9.93
N SER E 75 -30.58 -9.04 -9.77
CA SER E 75 -31.02 -10.44 -9.53
C SER E 75 -30.68 -10.89 -8.10
N TYR E 76 -31.69 -11.41 -7.39
CA TYR E 76 -31.50 -11.91 -6.00
C TYR E 76 -32.31 -13.21 -5.84
N SER E 77 -32.00 -14.00 -4.81
CA SER E 77 -32.73 -15.27 -4.56
C SER E 77 -32.53 -15.73 -3.12
N LEU E 78 -33.55 -16.33 -2.51
CA LEU E 78 -33.44 -16.90 -1.14
C LEU E 78 -33.58 -18.41 -1.29
N THR E 79 -32.56 -19.19 -0.92
CA THR E 79 -32.58 -20.66 -1.12
C THR E 79 -32.65 -21.41 0.21
N ILE E 80 -33.59 -22.35 0.34
CA ILE E 80 -33.69 -23.18 1.59
C ILE E 80 -33.18 -24.58 1.24
N GLY E 81 -32.14 -25.04 1.92
CA GLY E 81 -31.57 -26.38 1.61
C GLY E 81 -32.55 -27.51 1.89
N THR E 82 -33.24 -27.47 3.03
CA THR E 82 -34.23 -28.52 3.36
C THR E 82 -35.51 -27.87 3.89
N MET E 83 -36.66 -28.19 3.30
CA MET E 83 -37.95 -27.62 3.76
C MET E 83 -38.37 -28.34 5.05
N GLU E 84 -38.84 -27.57 6.04
CA GLU E 84 -39.29 -28.14 7.34
C GLU E 84 -40.65 -27.54 7.69
N ALA E 85 -41.37 -28.17 8.62
CA ALA E 85 -42.73 -27.69 9.02
C ALA E 85 -42.63 -26.26 9.56
N GLU E 86 -41.60 -25.98 10.37
CA GLU E 86 -41.42 -24.62 10.95
C GLU E 86 -41.14 -23.62 9.82
N ASP E 87 -40.36 -24.02 8.82
CA ASP E 87 -39.98 -23.13 7.69
C ASP E 87 -41.24 -22.61 6.95
N VAL E 88 -42.41 -23.18 7.24
CA VAL E 88 -43.68 -22.69 6.59
C VAL E 88 -44.04 -21.28 7.06
N ALA E 89 -43.93 -20.27 6.19
CA ALA E 89 -44.22 -18.86 6.55
C ALA E 89 -44.33 -18.02 5.26
N THR E 90 -44.51 -16.70 5.40
CA THR E 90 -44.56 -15.79 4.22
C THR E 90 -43.23 -15.05 4.14
N TYR E 91 -42.56 -15.07 2.98
CA TYR E 91 -41.23 -14.42 2.82
C TYR E 91 -41.35 -13.20 1.88
N TYR E 92 -40.85 -12.04 2.34
CA TYR E 92 -40.89 -10.78 1.55
C TYR E 92 -39.48 -10.20 1.38
N CYS E 93 -39.12 -9.82 0.15
CA CYS E 93 -37.79 -9.20 -0.13
C CYS E 93 -37.99 -7.68 -0.24
N GLN E 94 -37.44 -6.92 0.72
CA GLN E 94 -37.61 -5.44 0.75
C GLN E 94 -36.27 -4.75 0.43
N GLN E 95 -36.31 -3.70 -0.40
CA GLN E 95 -35.08 -2.94 -0.76
C GLN E 95 -35.14 -1.55 -0.12
N GLY E 96 -34.12 -1.18 0.65
CA GLY E 96 -34.08 0.12 1.34
C GLY E 96 -33.08 1.07 0.71
N SER E 97 -32.70 0.86 -0.54
CA SER E 97 -31.71 1.75 -1.19
C SER E 97 -32.22 3.18 -1.37
N ASP E 98 -33.44 3.34 -1.89
CA ASP E 98 -34.00 4.67 -2.23
C ASP E 98 -35.31 4.88 -1.49
N ILE E 99 -35.80 6.13 -1.45
CA ILE E 99 -37.10 6.43 -0.79
C ILE E 99 -38.12 6.67 -1.89
N PRO E 100 -39.31 6.02 -1.90
CA PRO E 100 -39.85 5.29 -0.74
C PRO E 100 -39.34 3.85 -0.61
N LEU E 101 -39.50 3.26 0.58
CA LEU E 101 -39.09 1.84 0.81
C LEU E 101 -40.24 0.95 0.33
N THR E 102 -39.95 -0.01 -0.55
CA THR E 102 -41.01 -0.90 -1.12
C THR E 102 -40.76 -2.36 -0.75
N PHE E 103 -41.82 -3.05 -0.29
CA PHE E 103 -41.74 -4.49 0.08
C PHE E 103 -42.48 -5.31 -0.97
N GLY E 104 -41.81 -6.30 -1.57
CA GLY E 104 -42.45 -7.17 -2.58
C GLY E 104 -43.44 -8.12 -1.93
N ASP E 105 -44.49 -8.53 -2.65
CA ASP E 105 -45.52 -9.45 -2.10
C ASP E 105 -44.85 -10.71 -1.53
N GLY E 106 -45.21 -11.09 -0.30
CA GLY E 106 -44.61 -12.29 0.33
C GLY E 106 -45.09 -13.56 -0.33
N THR E 107 -44.17 -14.53 -0.48
CA THR E 107 -44.48 -15.86 -1.07
C THR E 107 -45.15 -16.75 0.00
N LYS E 108 -46.37 -17.23 -0.24
CA LYS E 108 -47.05 -18.07 0.78
C LYS E 108 -46.61 -19.53 0.63
N LEU E 109 -45.36 -19.84 0.99
CA LEU E 109 -44.89 -21.25 0.90
C LEU E 109 -45.55 -22.07 2.01
N ASP E 110 -46.17 -23.20 1.65
CA ASP E 110 -46.87 -24.06 2.66
C ASP E 110 -46.52 -25.53 2.41
N LEU E 111 -47.00 -26.42 3.29
CA LEU E 111 -46.74 -27.88 3.18
C LEU E 111 -47.79 -28.52 2.27
N LYS E 112 -47.33 -29.30 1.27
CA LYS E 112 -48.26 -29.98 0.32
C LYS E 112 -48.82 -31.24 1.00
N ARG E 113 -50.15 -31.38 1.00
CA ARG E 113 -50.86 -32.55 1.60
C ARG E 113 -50.47 -32.71 3.08
N GLY E 114 -50.38 -31.59 3.82
CA GLY E 114 -50.02 -31.62 5.25
C GLY E 114 -51.06 -32.34 6.09
N SER E 115 -52.35 -32.11 5.80
CA SER E 115 -53.46 -32.73 6.55
C SER E 115 -53.44 -34.27 6.40
N ASP E 116 -53.09 -34.75 5.20
CA ASP E 116 -53.04 -36.21 4.89
C ASP E 116 -52.37 -36.98 6.03
N TYR E 117 -53.13 -37.91 6.64
CA TYR E 117 -52.65 -38.75 7.77
C TYR E 117 -51.43 -39.58 7.37
N GLU E 118 -51.35 -39.99 6.10
CA GLU E 118 -50.22 -40.82 5.59
C GLU E 118 -48.88 -40.16 5.92
N PHE E 119 -48.74 -38.86 5.66
CA PHE E 119 -47.45 -38.14 5.88
C PHE E 119 -47.11 -38.01 7.37
N LEU E 120 -48.13 -38.01 8.24
CA LEU E 120 -47.95 -37.87 9.71
C LEU E 120 -47.13 -39.02 10.32
N LYS E 121 -47.22 -40.23 9.75
CA LYS E 121 -46.52 -41.42 10.32
C LYS E 121 -45.00 -41.24 10.34
N SER E 122 -44.44 -40.58 9.31
CA SER E 122 -42.98 -40.34 9.22
C SER E 122 -42.53 -39.36 10.31
N TRP E 123 -43.33 -38.33 10.56
CA TRP E 123 -43.04 -37.25 11.55
C TRP E 123 -42.57 -37.79 12.90
N THR E 124 -41.59 -37.10 13.50
CA THR E 124 -41.01 -37.38 14.84
C THR E 124 -41.97 -36.83 15.91
N VAL E 125 -41.85 -37.30 17.15
CA VAL E 125 -42.73 -36.86 18.26
C VAL E 125 -42.53 -35.35 18.52
N GLU E 126 -41.28 -34.88 18.52
CA GLU E 126 -40.98 -33.45 18.81
C GLU E 126 -41.59 -32.55 17.73
N ASP E 127 -41.49 -32.94 16.46
CA ASP E 127 -42.04 -32.16 15.32
C ASP E 127 -43.56 -32.04 15.48
N LEU E 128 -44.26 -33.17 15.62
CA LEU E 128 -45.74 -33.14 15.73
C LEU E 128 -46.19 -32.20 16.86
N GLN E 129 -45.48 -32.18 18.00
CA GLN E 129 -45.90 -31.26 19.08
C GLN E 129 -45.83 -29.81 18.57
N LYS E 130 -44.77 -29.47 17.83
CA LYS E 130 -44.58 -28.10 17.29
C LYS E 130 -45.71 -27.75 16.32
N ARG E 131 -46.06 -28.68 15.41
CA ARG E 131 -47.14 -28.41 14.42
C ARG E 131 -48.45 -28.12 15.15
N LEU E 132 -48.76 -28.89 16.19
CA LEU E 132 -50.01 -28.70 16.98
C LEU E 132 -50.00 -27.30 17.60
N LEU E 133 -48.85 -26.88 18.12
CA LEU E 133 -48.69 -25.56 18.79
C LEU E 133 -48.94 -24.43 17.77
N ALA E 134 -48.50 -24.60 16.53
CA ALA E 134 -48.63 -23.58 15.45
C ALA E 134 -50.10 -23.26 15.17
N LEU E 135 -50.98 -24.26 15.20
CA LEU E 135 -52.42 -24.08 14.88
C LEU E 135 -53.07 -23.08 15.84
N ASP E 136 -52.68 -23.09 17.12
CA ASP E 136 -53.34 -22.22 18.13
C ASP E 136 -53.18 -20.74 17.74
N PRO E 137 -52.00 -20.26 17.33
CA PRO E 137 -51.83 -18.85 16.96
C PRO E 137 -52.66 -18.45 15.73
N MET E 138 -52.62 -19.25 14.66
CA MET E 138 -53.35 -18.93 13.41
C MET E 138 -54.87 -18.93 13.67
N MET E 139 -55.38 -19.96 14.33
CA MET E 139 -56.84 -20.11 14.58
C MET E 139 -57.37 -18.92 15.38
N GLU E 140 -56.63 -18.47 16.39
CA GLU E 140 -57.06 -17.33 17.25
C GLU E 140 -57.18 -16.06 16.40
N GLN E 141 -56.25 -15.84 15.48
CA GLN E 141 -56.23 -14.63 14.61
C GLN E 141 -57.48 -14.58 13.72
N GLU E 142 -57.87 -15.70 13.12
CA GLU E 142 -59.04 -15.76 12.21
C GLU E 142 -60.33 -15.37 12.96
N ILE E 143 -60.54 -15.95 14.14
CA ILE E 143 -61.77 -15.67 14.95
C ILE E 143 -61.81 -14.19 15.34
N GLU E 144 -60.67 -13.63 15.73
CA GLU E 144 -60.58 -12.21 16.15
C GLU E 144 -60.98 -11.29 14.97
N GLU E 145 -60.52 -11.62 13.76
CA GLU E 145 -60.81 -10.79 12.56
C GLU E 145 -62.33 -10.76 12.30
N ILE E 146 -63.00 -11.90 12.44
CA ILE E 146 -64.48 -12.00 12.20
C ILE E 146 -65.22 -11.11 13.20
N ARG E 147 -64.79 -11.13 14.47
CA ARG E 147 -65.47 -10.34 15.54
C ARG E 147 -65.47 -8.86 15.15
N GLN E 148 -64.35 -8.37 14.61
CA GLN E 148 -64.24 -6.94 14.22
C GLN E 148 -65.27 -6.62 13.12
N LYS E 149 -65.41 -7.52 12.14
CA LYS E 149 -66.36 -7.32 11.02
C LYS E 149 -67.77 -7.08 11.57
N TYR E 150 -68.26 -7.98 12.41
CA TYR E 150 -69.62 -7.86 13.00
C TYR E 150 -69.69 -6.58 13.84
N GLN E 151 -68.64 -6.31 14.62
CA GLN E 151 -68.60 -5.11 15.49
C GLN E 151 -68.66 -3.85 14.61
N CYS E 152 -67.95 -3.86 13.48
CA CYS E 152 -67.92 -2.70 12.55
C CYS E 152 -69.33 -2.43 12.02
N LYS E 153 -70.07 -3.49 11.67
CA LYS E 153 -71.45 -3.37 11.14
C LYS E 153 -72.40 -2.79 12.20
N ARG E 154 -72.25 -3.24 13.45
CA ARG E 154 -73.10 -2.80 14.60
C ARG E 154 -72.95 -1.30 14.85
N GLN E 155 -71.72 -0.79 14.81
CA GLN E 155 -71.39 0.65 15.08
C GLN E 155 -72.38 1.57 14.36
N PRO E 156 -72.42 1.61 13.02
CA PRO E 156 -73.33 2.48 12.29
C PRO E 156 -74.79 2.32 12.76
N ILE E 157 -75.25 1.07 12.91
CA ILE E 157 -76.65 0.79 13.35
C ILE E 157 -76.85 1.31 14.77
N LEU E 158 -75.92 0.97 15.68
CA LEU E 158 -76.01 1.37 17.11
C LEU E 158 -75.95 2.90 17.23
N ASP E 159 -75.10 3.56 16.44
CA ASP E 159 -74.93 5.04 16.52
C ASP E 159 -76.26 5.74 16.19
N ALA E 160 -76.98 5.28 15.17
CA ALA E 160 -78.26 5.92 14.80
C ALA E 160 -79.27 5.77 15.94
N ILE E 161 -79.35 4.58 16.53
CA ILE E 161 -80.28 4.30 17.66
C ILE E 161 -79.87 5.15 18.88
N GLU E 162 -78.57 5.25 19.13
CA GLU E 162 -78.02 6.00 20.29
C GLU E 162 -78.39 7.49 20.15
N ALA E 163 -78.30 8.04 18.94
CA ALA E 163 -78.61 9.47 18.70
C ALA E 163 -80.07 9.74 19.05
N LYS E 164 -80.97 8.83 18.67
CA LYS E 164 -82.43 8.99 18.97
C LYS E 164 -82.62 9.15 20.48
C1 NAG F . 8.61 -22.08 9.51
C2 NAG F . 7.53 -22.46 8.51
C3 NAG F . 6.14 -22.13 9.01
C4 NAG F . 5.94 -22.72 10.41
C5 NAG F . 7.05 -22.21 11.31
C6 NAG F . 6.92 -22.71 12.75
C7 NAG F . 8.43 -22.32 6.25
C8 NAG F . 8.62 -23.81 6.33
N2 NAG F . 7.76 -21.76 7.25
O3 NAG F . 5.18 -22.66 8.09
O4 NAG F . 4.68 -22.29 10.97
O5 NAG F . 8.31 -22.61 10.80
O6 NAG F . 7.44 -24.04 12.84
O7 NAG F . 8.86 -21.67 5.31
C1 NAG F . 3.70 -23.34 10.85
C2 NAG F . 3.07 -23.62 12.21
C3 NAG F . 1.90 -24.59 12.13
C4 NAG F . 0.91 -24.12 11.07
C5 NAG F . 1.65 -23.91 9.76
C6 NAG F . 0.69 -23.45 8.67
C7 NAG F . 4.52 -25.42 12.96
C8 NAG F . 3.73 -26.50 13.63
N2 NAG F . 4.05 -24.18 13.13
O3 NAG F . 1.30 -24.67 13.43
O4 NAG F . -0.11 -25.10 10.86
O5 NAG F . 2.69 -22.95 9.91
O6 NAG F . 1.35 -23.52 7.39
O7 NAG F . 5.53 -25.64 12.32
C1 BMA F . -1.32 -24.71 11.55
C2 BMA F . -2.46 -24.54 10.56
C3 BMA F . -3.75 -24.20 11.29
C4 BMA F . -4.02 -25.24 12.36
C5 BMA F . -2.83 -25.36 13.30
C6 BMA F . -3.05 -26.44 14.34
O2 BMA F . -2.64 -25.75 9.83
O3 BMA F . -4.84 -24.17 10.36
O4 BMA F . -5.18 -24.89 13.11
O5 BMA F . -1.64 -25.66 12.57
O6 BMA F . -3.14 -27.72 13.70
C1 NAG G . 36.76 -22.47 3.35
C2 NAG G . 37.64 -23.72 3.18
C3 NAG G . 36.82 -24.94 2.78
C4 NAG G . 35.58 -25.09 3.66
C5 NAG G . 34.81 -23.78 3.60
C6 NAG G . 33.48 -23.83 4.34
C7 NAG G . 39.87 -23.04 2.47
C8 NAG G . 40.36 -23.43 3.83
N2 NAG G . 38.64 -23.47 2.17
O3 NAG G . 37.68 -26.08 2.87
O4 NAG G . 34.71 -26.15 3.19
O5 NAG G . 35.62 -22.75 4.15
O6 NAG G . 32.67 -24.88 3.80
O7 NAG G . 40.53 -22.37 1.70
C1 NAG G . 34.94 -27.39 3.90
C2 NAG G . 33.83 -27.66 4.92
C3 NAG G . 33.98 -29.02 5.59
C4 NAG G . 34.20 -30.12 4.56
C5 NAG G . 35.33 -29.74 3.61
C6 NAG G . 35.53 -30.80 2.54
C7 NAG G . 32.90 -26.60 6.90
C8 NAG G . 31.51 -26.94 6.47
N2 NAG G . 33.82 -26.63 5.94
O3 NAG G . 32.81 -29.31 6.36
O4 NAG G . 34.53 -31.33 5.22
O5 NAG G . 35.06 -28.48 2.99
O6 NAG G . 34.38 -30.83 1.69
O7 NAG G . 33.17 -26.29 8.05
C1 BMA G . 33.52 -32.33 4.96
C2 BMA G . 34.20 -33.63 4.56
C3 BMA G . 33.18 -34.75 4.37
C4 BMA G . 32.28 -34.85 5.59
C5 BMA G . 31.65 -33.49 5.87
C6 BMA G . 30.73 -33.55 7.08
O2 BMA G . 35.12 -34.01 5.59
O3 BMA G . 33.86 -35.99 4.17
O4 BMA G . 31.26 -35.83 5.36
O5 BMA G . 32.66 -32.51 6.09
O6 BMA G . 30.07 -32.29 7.24
C1 NAG H . 13.59 18.47 -12.15
C2 NAG H . 15.03 18.87 -12.50
C3 NAG H . 15.03 19.82 -13.69
C4 NAG H . 14.31 19.14 -14.84
C5 NAG H . 12.89 18.75 -14.45
C6 NAG H . 12.19 17.97 -15.56
C7 NAG H . 16.67 20.29 -11.40
C8 NAG H . 16.82 21.25 -10.26
N2 NAG H . 15.63 19.47 -11.33
O3 NAG H . 16.37 20.12 -14.09
O4 NAG H . 14.41 19.88 -16.08
O5 NAG H . 12.99 17.90 -13.31
O6 NAG H . 11.23 18.82 -16.21
O7 NAG H . 17.45 20.26 -12.34
C1 NAG H . 13.57 21.03 -16.13
C2 NAG H . 14.45 22.17 -16.61
C3 NAG H . 13.63 23.43 -16.80
C4 NAG H . 12.51 23.13 -17.79
C5 NAG H . 11.68 21.96 -17.27
C6 NAG H . 10.59 21.60 -18.28
C7 NAG H . 16.40 23.39 -15.80
C8 NAG H . 16.07 24.64 -15.04
N2 NAG H . 15.53 22.39 -15.66
O3 NAG H . 14.46 24.47 -17.34
O4 NAG H . 11.68 24.28 -17.95
O5 NAG H . 12.52 20.83 -17.07
O6 NAG H . 9.94 20.40 -17.86
O7 NAG H . 17.39 23.28 -16.50
C1 NAG I . 37.36 13.51 -5.45
C2 NAG I . 37.61 14.90 -6.04
C3 NAG I . 39.09 15.20 -6.25
C4 NAG I . 39.86 14.98 -4.96
C5 NAG I . 39.55 13.60 -4.40
C6 NAG I . 40.22 13.43 -3.04
C7 NAG I . 36.98 16.13 -8.04
C8 NAG I . 35.69 16.75 -8.49
N2 NAG I . 36.88 15.04 -7.29
O3 NAG I . 39.26 16.56 -6.66
O4 NAG I . 41.26 15.06 -5.22
O5 NAG I . 38.15 13.38 -4.26
O6 NAG I . 39.56 14.27 -2.08
O7 NAG I . 38.06 16.61 -8.35
C1 NAG I . 41.87 16.21 -4.59
C2 NAG I . 43.23 15.74 -4.05
C3 NAG I . 44.26 16.84 -3.86
C4 NAG I . 44.27 17.72 -5.09
C5 NAG I . 42.89 18.34 -5.22
C6 NAG I . 42.87 19.39 -6.33
C7 NAG I . 42.57 15.66 -1.71
C8 NAG I . 42.32 14.79 -0.52
N2 NAG I . 43.04 15.05 -2.79
O3 NAG I . 45.55 16.23 -3.69
O4 NAG I . 45.31 18.72 -5.08
O5 NAG I . 41.96 17.30 -5.54
O6 NAG I . 43.15 18.76 -7.58
O7 NAG I . 42.35 16.86 -1.70
C1 BMA I . 45.40 19.49 -3.87
C2 BMA I . 46.75 19.19 -3.25
C3 BMA I . 46.97 20.03 -1.99
C4 BMA I . 46.89 21.49 -2.41
C5 BMA I . 45.53 21.73 -3.05
C6 BMA I . 45.46 23.18 -3.53
O2 BMA I . 47.78 19.47 -4.19
O3 BMA I . 48.27 19.74 -1.47
O4 BMA I . 47.04 22.31 -1.26
O5 BMA I . 45.38 20.87 -4.18
O6 BMA I . 46.73 23.55 -4.07
C1 MAN I . 48.20 19.54 -0.05
C2 MAN I . 49.60 19.25 0.48
C3 MAN I . 50.09 17.94 -0.13
C4 MAN I . 49.12 16.85 0.28
C5 MAN I . 47.73 17.22 -0.23
C6 MAN I . 46.72 16.15 0.14
O2 MAN I . 49.56 19.14 1.90
O3 MAN I . 51.40 17.64 0.38
O4 MAN I . 49.52 15.59 -0.29
O5 MAN I . 47.34 18.47 0.33
O6 MAN I . 46.73 15.96 1.56
C1 MAN I . 46.70 23.51 -5.50
C2 MAN I . 47.59 22.37 -6.00
C3 MAN I . 49.03 22.64 -5.60
C4 MAN I . 49.43 23.96 -6.22
C5 MAN I . 48.49 25.04 -5.72
C6 MAN I . 48.85 26.41 -6.31
O2 MAN I . 47.50 22.26 -7.43
O3 MAN I . 49.87 21.60 -6.07
O4 MAN I . 50.78 24.29 -5.86
O5 MAN I . 47.15 24.72 -6.10
O6 MAN I . 48.77 26.34 -7.73
C1 NAG J . 22.56 17.76 -7.57
C2 NAG J . 22.95 19.17 -7.11
C3 NAG J . 23.24 19.13 -5.61
C4 NAG J . 22.02 18.59 -4.89
C5 NAG J . 21.67 17.22 -5.44
C6 NAG J . 20.42 16.70 -4.75
C7 NAG J . 25.20 19.04 -8.05
C8 NAG J . 25.97 19.41 -9.29
N2 NAG J . 24.06 19.71 -7.86
O3 NAG J . 23.52 20.46 -5.15
O4 NAG J . 22.35 18.43 -3.51
O5 NAG J . 21.43 17.29 -6.83
O6 NAG J . 19.33 17.57 -5.07
O7 NAG J . 25.58 18.18 -7.28
C1 NAG J . 21.68 19.44 -2.71
C2 NAG J . 22.02 19.21 -1.24
C3 NAG J . 21.33 20.28 -0.38
C4 NAG J . 21.81 21.65 -0.86
C5 NAG J . 21.48 21.80 -2.34
C6 NAG J . 21.99 23.12 -2.90
C7 NAG J . 20.41 17.39 -1.04
C8 NAG J . 20.04 16.18 -0.22
N2 NAG J . 21.62 17.88 -0.80
O3 NAG J . 21.65 20.10 1.00
O4 NAG J . 21.17 22.67 -0.08
O5 NAG J . 22.11 20.75 -3.06
O6 NAG J . 23.41 23.11 -2.94
O7 NAG J . 19.65 17.87 -1.85
C1 BMA J . 22.19 23.53 0.48
C2 BMA J . 21.75 24.97 0.65
C3 BMA J . 23.04 25.80 0.78
C4 BMA J . 23.83 25.28 1.99
C5 BMA J . 24.14 23.79 1.74
C6 BMA J . 24.97 23.16 2.84
O2 BMA J . 20.96 25.02 1.84
O3 BMA J . 22.77 27.22 0.75
O4 BMA J . 25.09 25.94 2.10
O5 BMA J . 22.92 23.07 1.61
O6 BMA J . 24.76 23.92 4.04
C1 MAN J . 24.96 23.15 5.26
C2 MAN J . 24.39 23.93 6.44
C3 MAN J . 25.41 24.96 6.89
C4 MAN J . 26.68 24.23 7.28
C5 MAN J . 27.17 23.43 6.06
C6 MAN J . 28.46 22.69 6.37
O2 MAN J . 24.04 23.02 7.49
O3 MAN J . 24.90 25.68 8.01
O4 MAN J . 27.68 25.18 7.66
O5 MAN J . 26.16 22.50 5.68
O6 MAN J . 28.29 21.84 7.52
C1 NAG J . 22.68 23.28 7.93
C2 NAG J . 21.73 22.20 7.43
C3 NAG J . 20.32 22.51 7.91
C4 NAG J . 20.33 22.61 9.43
C5 NAG J . 21.33 23.68 9.86
C6 NAG J . 21.37 23.78 11.38
C7 NAG J . 20.69 22.58 5.26
C8 NAG J . 20.33 24.01 5.49
N2 NAG J . 21.72 22.14 5.99
O3 NAG J . 19.43 21.47 7.51
O4 NAG J . 19.02 22.97 9.89
O5 NAG J . 22.62 23.36 9.36
O6 NAG J . 20.03 23.85 11.88
O7 NAG J . 20.10 21.87 4.47
C1 MAN J . 22.50 27.84 2.03
C2 MAN J . 21.03 28.23 2.09
C3 MAN J . 20.71 29.19 0.94
C4 MAN J . 21.59 30.41 1.11
C5 MAN J . 23.04 29.95 1.08
C6 MAN J . 23.99 31.13 1.21
O2 MAN J . 20.75 28.87 3.33
O3 MAN J . 19.33 29.57 1.00
O4 MAN J . 21.36 31.33 0.03
O5 MAN J . 23.26 29.04 2.15
O6 MAN J . 25.34 30.67 1.12
C1 NAG K . 22.88 -25.65 -46.12
C2 NAG K . 21.45 -25.11 -46.16
C3 NAG K . 20.81 -25.29 -44.79
C4 NAG K . 20.86 -26.76 -44.41
C5 NAG K . 22.32 -27.23 -44.44
C6 NAG K . 22.41 -28.71 -44.08
C7 NAG K . 20.39 -22.95 -46.51
C8 NAG K . 20.16 -22.09 -47.72
N2 NAG K . 21.47 -23.72 -46.56
O3 NAG K . 19.45 -24.86 -44.84
O4 NAG K . 20.36 -26.92 -43.07
O5 NAG K . 22.88 -27.02 -45.73
O6 NAG K . 21.64 -29.47 -45.00
O7 NAG K . 19.64 -22.94 -45.55
C1 NAG K . 19.06 -27.52 -43.09
C2 NAG K . 18.96 -28.52 -41.94
C3 NAG K . 17.58 -29.15 -41.91
C4 NAG K . 16.54 -28.04 -41.80
C5 NAG K . 16.71 -27.07 -42.96
C6 NAG K . 15.70 -25.93 -42.86
C7 NAG K . 20.03 -30.62 -41.33
C8 NAG K . 21.10 -30.67 -40.29
N2 NAG K . 19.99 -29.52 -42.08
O3 NAG K . 17.45 -30.02 -40.78
O4 NAG K . 15.22 -28.59 -41.81
O5 NAG K . 18.03 -26.53 -42.95
O6 NAG K . 15.74 -25.15 -44.06
O7 NAG K . 19.24 -31.54 -41.49
C1 BMA K . 14.65 -28.45 -40.50
C2 BMA K . 13.42 -27.55 -40.55
C3 BMA K . 12.90 -27.36 -39.14
C4 BMA K . 12.56 -28.74 -38.57
C5 BMA K . 13.82 -29.59 -38.60
C6 BMA K . 13.54 -30.97 -38.02
O2 BMA K . 12.42 -28.17 -41.36
O3 BMA K . 11.73 -26.54 -39.17
O4 BMA K . 12.09 -28.59 -37.22
O5 BMA K . 14.27 -29.71 -39.94
O6 BMA K . 14.74 -31.77 -38.11
C1 NAG L . -25.43 -1.81 -17.88
C2 NAG L . -26.40 -2.98 -17.94
C3 NAG L . -25.63 -4.25 -17.67
C4 NAG L . -24.49 -4.39 -18.67
C5 NAG L . -23.61 -3.15 -18.59
C6 NAG L . -22.48 -3.23 -19.62
C7 NAG L . -28.64 -2.29 -17.28
C8 NAG L . -29.77 -2.63 -16.36
N2 NAG L . -27.46 -2.81 -16.96
O3 NAG L . -26.50 -5.39 -17.79
O4 NAG L . -23.71 -5.54 -18.35
O5 NAG L . -24.37 -1.97 -18.82
O6 NAG L . -21.63 -2.09 -19.48
O7 NAG L . -28.78 -1.58 -18.26
C1 NAG L . -23.90 -6.56 -19.35
C2 NAG L . -22.93 -7.70 -19.08
C3 NAG L . -23.09 -8.77 -20.15
C4 NAG L . -24.54 -9.23 -20.15
C5 NAG L . -25.45 -8.04 -20.39
C6 NAG L . -26.91 -8.47 -20.38
C7 NAG L . -20.88 -7.02 -17.96
C8 NAG L . -21.38 -7.75 -16.77
N2 NAG L . -21.55 -7.21 -19.08
O3 NAG L . -22.23 -9.87 -19.84
O4 NAG L . -24.72 -10.19 -21.20
O5 NAG L . -25.23 -7.06 -19.38
O6 NAG L . -27.21 -9.10 -19.13
O7 NAG L . -19.91 -6.27 -17.92
C1 NAG M . -15.92 32.33 -2.46
C2 NAG M . -16.76 33.43 -1.81
C3 NAG M . -17.20 34.50 -2.79
C4 NAG M . -15.96 35.04 -3.49
C5 NAG M . -15.32 33.90 -4.28
C6 NAG M . -14.05 34.37 -4.97
C7 NAG M . -17.98 32.68 0.15
C8 NAG M . -19.15 31.89 0.65
N2 NAG M . -17.93 32.87 -1.17
O3 NAG M . -17.86 35.56 -2.11
O4 NAG M . -16.26 36.17 -4.31
O5 NAG M . -14.96 32.84 -3.40
O6 NAG M . -13.08 34.72 -4.00
O7 NAG M . -17.13 33.13 0.90
C1 NAG M . -17.09 35.84 -5.45
C2 NAG M . -18.26 36.82 -5.48
C3 NAG M . -19.09 36.68 -6.76
C4 NAG M . -18.17 36.76 -7.96
C5 NAG M . -17.10 35.68 -7.85
C6 NAG M . -16.17 35.71 -9.05
C7 NAG M . -20.23 37.33 -4.16
C8 NAG M . -20.39 38.05 -2.85
N2 NAG M . -19.09 36.66 -4.32
O3 NAG M . -20.05 37.74 -6.83
O4 NAG M . -18.91 36.57 -9.17
O5 NAG M . -16.34 35.89 -6.66
O6 NAG M . -15.19 34.67 -8.92
O7 NAG M . -21.09 37.37 -5.03
C1 BMA M . -18.98 37.84 -9.86
C2 BMA M . -19.01 37.61 -11.37
C3 BMA M . -19.02 38.95 -12.07
C4 BMA M . -20.26 39.71 -11.61
C5 BMA M . -20.19 39.86 -10.09
C6 BMA M . -21.40 40.63 -9.56
O2 BMA M . -20.18 36.87 -11.72
O3 BMA M . -19.06 38.77 -13.48
O4 BMA M . -20.29 41.00 -12.23
O5 BMA M . -20.15 38.57 -9.49
O6 BMA M . -22.59 39.88 -9.82
C1 NAG N . -28.88 19.62 -43.97
C2 NAG N . -27.98 20.53 -44.80
C3 NAG N . -28.30 21.99 -44.48
C4 NAG N . -29.78 22.22 -44.68
C5 NAG N . -30.63 21.23 -43.89
C6 NAG N . -32.11 21.42 -44.17
C7 NAG N . -25.83 19.57 -45.37
C8 NAG N . -24.64 20.30 -45.92
N2 NAG N . -26.59 20.26 -44.52
O3 NAG N . -27.56 22.84 -45.36
O4 NAG N . -30.10 23.55 -44.24
O5 NAG N . -30.26 19.89 -44.22
O6 NAG N . -32.38 21.09 -45.53
O7 NAG N . -26.08 18.42 -45.67
C1 NAG N . -30.55 24.29 -45.38
C2 NAG N . -31.57 25.36 -44.98
C3 NAG N . -32.08 26.05 -46.24
C4 NAG N . -30.90 26.63 -47.01
C5 NAG N . -29.91 25.51 -47.33
C6 NAG N . -28.70 26.06 -48.07
C7 NAG N . -32.75 24.82 -42.93
C8 NAG N . -34.11 25.09 -42.37
N2 NAG N . -32.67 24.76 -44.26
O3 NAG N . -32.98 27.10 -45.87
O4 NAG N . -31.38 27.19 -48.23
O5 NAG N . -29.48 24.88 -46.13
O6 NAG N . -29.10 26.61 -49.33
O7 NAG N . -31.77 24.65 -42.23
C1 BMA N . -31.32 28.63 -48.16
C2 BMA N . -31.36 29.19 -49.57
C3 BMA N . -31.25 30.70 -49.52
C4 BMA N . -32.42 31.23 -48.68
C5 BMA N . -32.35 30.59 -47.31
C6 BMA N . -33.47 31.08 -46.41
O2 BMA N . -32.60 28.82 -50.21
O3 BMA N . -31.32 31.24 -50.84
O4 BMA N . -32.34 32.64 -48.57
O5 BMA N . -32.42 29.17 -47.43
O6 BMA N . -33.21 30.71 -45.05
C1 MAN N . -32.94 31.90 -44.30
C2 MAN N . -32.45 31.53 -42.91
C3 MAN N . -33.56 30.78 -42.18
C4 MAN N . -34.77 31.69 -42.12
C5 MAN N . -35.17 32.06 -43.54
C6 MAN N . -36.41 32.96 -43.54
O2 MAN N . -32.12 32.72 -42.18
O3 MAN N . -33.13 30.44 -40.87
O4 MAN N . -35.86 31.02 -41.47
O5 MAN N . -34.09 32.73 -44.17
O6 MAN N . -36.12 34.17 -42.82
C1 NAG O . -20.53 18.64 -30.53
C2 NAG O . -19.57 19.28 -31.53
C3 NAG O . -18.64 20.23 -30.80
C4 NAG O . -19.44 21.31 -30.07
C5 NAG O . -20.40 20.58 -29.13
C6 NAG O . -21.30 21.48 -28.30
C7 NAG O . -18.20 17.28 -31.52
C8 NAG O . -16.72 17.20 -31.67
N2 NAG O . -18.81 18.26 -32.20
O3 NAG O . -17.75 20.81 -31.76
O4 NAG O . -18.53 22.13 -29.33
O5 NAG O . -21.24 19.68 -29.86
O6 NAG O . -22.30 22.06 -29.14
O7 NAG O . -18.83 16.51 -30.80
C1 NAG O . -18.61 23.55 -29.62
C2 NAG O . -18.41 23.89 -31.10
C3 NAG O . -18.34 25.41 -31.26
C4 NAG O . -19.60 26.02 -30.67
C5 NAG O . -19.75 25.61 -29.21
C6 NAG O . -21.03 26.19 -28.61
C7 NAG O . -16.47 23.75 -32.59
C8 NAG O . -16.58 22.96 -33.85
N2 NAG O . -17.16 23.29 -31.55
O3 NAG O . -18.28 25.76 -32.64
O4 NAG O . -19.52 27.45 -30.76
O5 NAG O . -19.78 24.20 -29.13
O6 NAG O . -21.04 27.61 -28.80
O7 NAG O . -15.79 24.76 -32.51
MN MN P . 36.95 8.57 -8.51
MN MN Q . 32.76 4.36 -22.51
MN MN R . 31.02 -8.15 -26.46
MN MN S . 32.62 -19.87 -18.12
MN MN T . -1.67 13.13 6.24
MN MN U . -3.46 19.50 7.12
MN MN V . 1.09 7.80 5.09
#